data_6ZQV
#
_entry.id   6ZQV
#
_cell.length_a   1.00
_cell.length_b   1.00
_cell.length_c   1.00
_cell.angle_alpha   90.00
_cell.angle_beta   90.00
_cell.angle_gamma   90.00
#
_symmetry.space_group_name_H-M   'P 1'
#
loop_
_entity.id
_entity.type
_entity.pdbx_description
1 polymer 'Genome polyprotein'
2 polymer 'Genome polyprotein'
3 branched 2-acetamido-2-deoxy-beta-D-glucopyranose-(1-4)-[alpha-L-fucopyranose-(1-6)]2-acetamido-2-deoxy-beta-D-glucopyranose
4 non-polymer 1,2-Distearoyl-sn-glycerophosphoethanolamine
#
loop_
_entity_poly.entity_id
_entity_poly.type
_entity_poly.pdbx_seq_one_letter_code
_entity_poly.pdbx_strand_id
1 'polypeptide(L)'
;IRCIGIGNRDFIEGMSGGTWVDIVLEHGGCVTVMSNNKPTLDFELVTTTASNMAEVRSYCYEANISEMASDSRCPTQGEA
YLDKMADSQFVCKRGYVDRGWGNGCGLFGKGSIVTCAKFTCVKKLTGKSIQPENLEYRVLVSVHASQHGGMINNDTNHQH
DKENRARIDITASAPRVEVELGSFGSISMECEPRSGLNFGDLYYLTMNNKHWLVNRDWFHDLSLPWHTGATSNNHHWNNK
EALVEFREAHAKKQTAVVLGSQEGAVHAALAGALEAESDGHKATIYSGHLKCRLKLDKLRLKGMSYALCTGAFTFARTPS
ETIHGTATVELQYAGEDGPCKVPIVITSDTNSMASTGRLITANPVVTESGANSKMMVEIDPPFGDSYIIVGTGTTKITHH
WHRAGSSIGRAFEATMRGAKRMAVLGDTAWDFGSVGGMFNSVGKFVHQVFGSAFKALFGGMSWFTQLLIGFLLIWMGLNA
RGGTVAMSFMGIGAMLIFLATSVSG
;
A,C,E
2 'polypeptide(L)' SITLPSHASQKLETRSSTWLESREYSKYLIKVENWILRNPGYALVAAVIGWTLGSSRSQKIIFVTLLMLVAPAYS B,D,F
#
# COMPACT_ATOMS: atom_id res chain seq x y z
N ILE A 1 12.89 -51.59 -34.36
CA ILE A 1 13.37 -52.65 -33.50
C ILE A 1 13.90 -52.10 -32.19
N ARG A 2 13.98 -50.78 -32.09
CA ARG A 2 14.58 -50.17 -30.91
C ARG A 2 13.69 -50.28 -29.68
N CYS A 3 12.42 -50.64 -29.83
CA CYS A 3 11.52 -50.77 -28.70
C CYS A 3 11.47 -52.19 -28.14
N ILE A 4 12.41 -53.05 -28.51
CA ILE A 4 12.27 -54.47 -28.18
C ILE A 4 12.66 -54.74 -26.73
N GLY A 5 13.82 -54.25 -26.29
CA GLY A 5 14.20 -54.48 -24.92
C GLY A 5 13.52 -53.61 -23.88
N ILE A 6 12.79 -52.57 -24.31
CA ILE A 6 12.18 -51.63 -23.37
C ILE A 6 11.09 -52.33 -22.57
N GLY A 7 10.95 -51.95 -21.31
CA GLY A 7 9.96 -52.55 -20.44
C GLY A 7 8.66 -51.77 -20.39
N ASN A 8 8.72 -50.48 -20.66
CA ASN A 8 7.53 -49.64 -20.78
C ASN A 8 7.28 -49.45 -22.26
N ARG A 9 6.51 -50.37 -22.84
CA ARG A 9 6.30 -50.44 -24.27
C ARG A 9 4.82 -50.55 -24.57
N ASP A 10 4.38 -49.87 -25.62
CA ASP A 10 2.98 -49.90 -26.02
C ASP A 10 2.86 -50.39 -27.45
N PHE A 11 1.71 -50.99 -27.75
CA PHE A 11 1.42 -51.53 -29.07
C PHE A 11 0.17 -50.85 -29.62
N ILE A 12 0.31 -50.20 -30.76
CA ILE A 12 -0.82 -49.64 -31.50
C ILE A 12 -1.08 -50.56 -32.67
N GLU A 13 -2.12 -51.38 -32.54
CA GLU A 13 -2.57 -52.24 -33.63
C GLU A 13 -3.38 -51.38 -34.59
N GLY A 14 -2.72 -50.90 -35.64
CA GLY A 14 -3.29 -49.91 -36.51
C GLY A 14 -4.64 -50.27 -37.10
N MET A 15 -5.47 -49.26 -37.29
CA MET A 15 -6.76 -49.45 -37.95
C MET A 15 -6.55 -50.02 -39.35
N SER A 16 -7.50 -50.84 -39.79
CA SER A 16 -7.36 -51.48 -41.09
C SER A 16 -7.58 -50.48 -42.22
N GLY A 17 -8.74 -49.82 -42.23
CA GLY A 17 -9.06 -48.86 -43.28
C GLY A 17 -8.35 -47.54 -43.12
N GLY A 18 -8.20 -47.09 -41.86
CA GLY A 18 -7.58 -45.80 -41.62
C GLY A 18 -6.12 -45.77 -41.99
N THR A 19 -5.60 -44.55 -42.13
CA THR A 19 -4.20 -44.34 -42.48
C THR A 19 -3.51 -43.33 -41.56
N TRP A 20 -4.18 -42.89 -40.50
CA TRP A 20 -3.60 -41.98 -39.53
C TRP A 20 -4.01 -42.41 -38.14
N VAL A 21 -3.16 -42.10 -37.16
CA VAL A 21 -3.43 -42.47 -35.77
C VAL A 21 -2.77 -41.45 -34.84
N ASP A 22 -3.40 -41.23 -33.70
CA ASP A 22 -2.89 -40.32 -32.68
C ASP A 22 -2.10 -41.09 -31.64
N ILE A 23 -0.88 -40.64 -31.36
CA ILE A 23 -0.07 -41.26 -30.32
C ILE A 23 0.44 -40.18 -29.37
N VAL A 24 0.88 -40.61 -28.19
CA VAL A 24 1.51 -39.74 -27.21
C VAL A 24 2.85 -40.37 -26.86
N LEU A 25 3.94 -39.75 -27.29
CA LEU A 25 5.26 -40.23 -26.93
C LEU A 25 5.63 -39.75 -25.54
N GLU A 26 6.11 -40.65 -24.70
CA GLU A 26 6.60 -40.29 -23.38
C GLU A 26 8.08 -40.59 -23.28
N HIS A 27 8.73 -39.98 -22.29
CA HIS A 27 10.18 -40.05 -22.23
C HIS A 27 10.66 -41.40 -21.75
N GLY A 28 9.96 -42.01 -20.81
CA GLY A 28 10.33 -43.33 -20.36
C GLY A 28 9.57 -44.43 -21.07
N GLY A 29 9.13 -44.18 -22.30
CA GLY A 29 8.34 -45.15 -23.03
C GLY A 29 8.88 -45.47 -24.40
N CYS A 30 8.05 -46.15 -25.19
CA CYS A 30 8.36 -46.57 -26.56
C CYS A 30 7.07 -47.06 -27.17
N VAL A 31 6.79 -46.68 -28.41
CA VAL A 31 5.55 -47.07 -29.06
C VAL A 31 5.88 -47.89 -30.29
N THR A 32 5.17 -49.00 -30.46
CA THR A 32 5.29 -49.85 -31.63
C THR A 32 3.97 -49.83 -32.38
N VAL A 33 3.98 -49.28 -33.59
CA VAL A 33 2.80 -49.11 -34.40
C VAL A 33 2.85 -50.13 -35.53
N MET A 34 1.78 -50.90 -35.68
CA MET A 34 1.68 -51.84 -36.78
C MET A 34 0.36 -51.66 -37.50
N SER A 35 0.43 -51.59 -38.82
CA SER A 35 -0.74 -51.50 -39.69
C SER A 35 -0.73 -52.69 -40.65
N ASN A 36 -1.85 -52.86 -41.35
CA ASN A 36 -2.13 -54.13 -42.03
C ASN A 36 -1.05 -54.48 -43.05
N ASN A 37 -0.90 -53.68 -44.09
CA ASN A 37 0.05 -53.97 -45.16
C ASN A 37 1.22 -53.00 -45.15
N LYS A 38 1.62 -52.57 -43.97
CA LYS A 38 2.72 -51.63 -43.82
C LYS A 38 3.74 -52.20 -42.85
N PRO A 39 5.00 -51.78 -42.97
CA PRO A 39 6.00 -52.22 -41.99
C PRO A 39 5.66 -51.72 -40.60
N THR A 40 6.24 -52.39 -39.60
CA THR A 40 6.05 -52.01 -38.21
C THR A 40 7.09 -50.98 -37.82
N LEU A 41 6.67 -49.98 -37.05
CA LEU A 41 7.53 -48.85 -36.71
C LEU A 41 7.65 -48.69 -35.19
N ASP A 42 8.83 -48.27 -34.76
CA ASP A 42 9.12 -48.00 -33.36
C ASP A 42 9.45 -46.52 -33.19
N PHE A 43 8.74 -45.87 -32.26
CA PHE A 43 8.90 -44.45 -31.98
C PHE A 43 9.38 -44.27 -30.54
N GLU A 44 10.40 -43.44 -30.36
CA GLU A 44 10.93 -43.14 -29.03
C GLU A 44 11.30 -41.67 -28.93
N LEU A 45 10.68 -40.95 -28.01
CA LEU A 45 11.07 -39.59 -27.70
C LEU A 45 12.26 -39.62 -26.74
N VAL A 46 13.41 -39.13 -27.17
CA VAL A 46 14.64 -39.31 -26.42
C VAL A 46 15.04 -38.07 -25.64
N THR A 47 14.94 -36.88 -26.23
CA THR A 47 15.48 -35.68 -25.60
C THR A 47 14.51 -34.52 -25.75
N THR A 48 14.36 -33.75 -24.69
CA THR A 48 13.75 -32.43 -24.78
C THR A 48 14.84 -31.39 -24.52
N THR A 49 14.81 -30.29 -25.25
CA THR A 49 15.84 -29.28 -25.09
C THR A 49 15.20 -27.90 -25.09
N ALA A 50 15.68 -27.05 -24.20
CA ALA A 50 15.24 -25.66 -24.11
C ALA A 50 16.44 -24.74 -24.28
N SER A 51 16.31 -23.73 -25.12
CA SER A 51 17.36 -22.77 -25.36
C SER A 51 16.81 -21.36 -25.14
N ASN A 52 17.72 -20.38 -25.14
CA ASN A 52 17.38 -18.98 -24.95
C ASN A 52 16.59 -18.77 -23.66
N MET A 53 17.16 -19.25 -22.55
CA MET A 53 16.53 -19.10 -21.26
C MET A 53 16.98 -17.80 -20.61
N ALA A 54 16.03 -17.11 -19.98
CA ALA A 54 16.29 -15.81 -19.37
C ALA A 54 16.45 -15.98 -17.87
N GLU A 55 17.54 -15.44 -17.33
CA GLU A 55 17.77 -15.48 -15.89
C GLU A 55 16.82 -14.55 -15.18
N VAL A 56 16.18 -15.03 -14.11
CA VAL A 56 15.16 -14.29 -13.41
C VAL A 56 15.68 -13.71 -12.11
N ARG A 57 16.36 -14.51 -11.31
CA ARG A 57 16.75 -14.10 -9.97
C ARG A 57 17.88 -14.99 -9.48
N SER A 58 18.81 -14.41 -8.72
CA SER A 58 19.87 -15.16 -8.08
C SER A 58 19.69 -15.12 -6.58
N TYR A 59 19.78 -16.28 -5.95
CA TYR A 59 19.71 -16.42 -4.50
C TYR A 59 21.07 -16.79 -3.95
N CYS A 60 21.47 -16.15 -2.87
CA CYS A 60 22.70 -16.51 -2.17
C CYS A 60 22.40 -17.61 -1.17
N TYR A 61 23.17 -18.71 -1.24
CA TYR A 61 23.03 -19.75 -0.24
C TYR A 61 24.27 -19.94 0.62
N GLU A 62 25.39 -19.30 0.29
CA GLU A 62 26.54 -19.30 1.19
C GLU A 62 27.19 -17.92 1.17
N ALA A 63 27.28 -17.30 2.34
CA ALA A 63 27.74 -15.93 2.48
C ALA A 63 28.73 -15.81 3.62
N ASN A 64 29.42 -14.68 3.67
CA ASN A 64 30.32 -14.30 4.76
C ASN A 64 29.89 -12.96 5.34
N ILE A 65 30.44 -12.64 6.51
CA ILE A 65 30.36 -11.31 7.07
C ILE A 65 31.73 -10.92 7.58
N SER A 66 32.00 -9.62 7.55
CA SER A 66 33.29 -9.10 8.01
C SER A 66 33.11 -7.63 8.39
N GLU A 67 34.16 -7.08 8.99
CA GLU A 67 34.22 -5.67 9.38
C GLU A 67 33.05 -5.29 10.30
N MET A 68 32.85 -6.10 11.33
CA MET A 68 31.79 -5.79 12.28
C MET A 68 32.16 -4.59 13.13
N ALA A 69 31.16 -3.78 13.46
CA ALA A 69 31.37 -2.60 14.30
C ALA A 69 30.10 -2.33 15.08
N SER A 70 30.26 -1.60 16.18
CA SER A 70 29.14 -1.29 17.05
C SER A 70 29.23 0.15 17.53
N ASP A 71 28.09 0.69 17.91
CA ASP A 71 28.00 2.03 18.44
C ASP A 71 26.87 2.08 19.46
N SER A 72 27.03 2.94 20.47
CA SER A 72 26.06 3.01 21.54
C SER A 72 25.72 4.46 21.86
N ARG A 73 24.53 4.66 22.41
CA ARG A 73 24.04 5.97 22.82
C ARG A 73 23.53 5.90 24.24
N CYS A 74 23.66 7.01 24.95
CA CYS A 74 23.12 7.13 26.29
C CYS A 74 21.59 7.18 26.23
N PRO A 75 20.91 6.88 27.33
CA PRO A 75 19.45 6.90 27.30
C PRO A 75 18.92 8.31 27.06
N THR A 76 17.70 8.37 26.50
CA THR A 76 17.05 9.62 26.13
C THR A 76 17.91 10.45 25.17
N GLN A 77 18.57 9.78 24.24
CA GLN A 77 19.39 10.48 23.26
C GLN A 77 19.19 9.93 21.85
N GLY A 78 18.06 9.28 21.59
CA GLY A 78 17.79 8.77 20.27
C GLY A 78 18.62 7.56 19.91
N GLU A 79 18.46 7.15 18.66
CA GLU A 79 19.09 5.95 18.15
C GLU A 79 20.57 6.17 17.88
N ALA A 80 21.32 5.08 17.89
CA ALA A 80 22.73 5.13 17.59
C ALA A 80 22.95 5.09 16.07
N TYR A 81 24.17 5.40 15.65
CA TYR A 81 24.43 5.52 14.23
C TYR A 81 25.90 5.27 13.92
N LEU A 82 26.15 4.47 12.91
CA LEU A 82 27.46 4.32 12.30
C LEU A 82 27.38 4.75 10.85
N ASP A 83 28.49 5.27 10.33
CA ASP A 83 28.52 5.63 8.92
C ASP A 83 28.28 4.43 8.01
N LYS A 84 28.58 3.22 8.48
CA LYS A 84 28.33 2.04 7.68
C LYS A 84 26.86 1.82 7.43
N MET A 85 25.97 2.42 8.23
CA MET A 85 24.55 2.37 7.94
C MET A 85 24.20 3.10 6.66
N ALA A 86 25.14 3.83 6.08
CA ALA A 86 24.95 4.50 4.80
C ALA A 86 25.61 3.75 3.65
N ASP A 87 26.01 2.51 3.88
CA ASP A 87 26.59 1.65 2.86
C ASP A 87 25.64 0.49 2.62
N SER A 88 25.28 0.28 1.35
CA SER A 88 24.32 -0.77 1.02
C SER A 88 24.90 -2.15 1.17
N GLN A 89 26.21 -2.30 1.11
CA GLN A 89 26.86 -3.59 1.27
C GLN A 89 26.93 -4.05 2.72
N PHE A 90 26.44 -3.25 3.65
CA PHE A 90 26.46 -3.59 5.07
C PHE A 90 25.06 -3.90 5.55
N VAL A 91 24.95 -4.88 6.44
CA VAL A 91 23.71 -5.21 7.10
C VAL A 91 23.85 -4.78 8.56
N CYS A 92 22.85 -4.07 9.07
CA CYS A 92 22.92 -3.43 10.37
C CYS A 92 21.67 -3.72 11.17
N LYS A 93 21.79 -3.57 12.49
CA LYS A 93 20.64 -3.80 13.36
C LYS A 93 20.79 -2.97 14.63
N ARG A 94 19.66 -2.67 15.25
CA ARG A 94 19.60 -1.82 16.43
C ARG A 94 18.92 -2.55 17.58
N GLY A 95 19.47 -2.37 18.78
CA GLY A 95 18.90 -2.92 19.99
C GLY A 95 19.16 -2.05 21.19
N TYR A 96 18.93 -2.57 22.40
CA TYR A 96 19.09 -1.81 23.63
C TYR A 96 20.04 -2.53 24.58
N VAL A 97 20.97 -1.77 25.16
CA VAL A 97 21.86 -2.29 26.19
C VAL A 97 21.63 -1.53 27.48
N ASP A 98 22.33 -1.92 28.55
CA ASP A 98 22.25 -1.23 29.83
C ASP A 98 23.34 -0.16 29.91
N ARG A 99 22.93 1.06 30.24
CA ARG A 99 23.84 2.18 30.35
C ARG A 99 23.76 2.78 31.74
N GLY A 100 24.91 3.18 32.26
CA GLY A 100 24.98 3.80 33.57
C GLY A 100 26.32 4.48 33.76
N TRP A 101 26.60 4.84 35.01
CA TRP A 101 27.86 5.50 35.31
C TRP A 101 29.05 4.61 35.01
N GLY A 102 28.86 3.29 35.08
CA GLY A 102 29.95 2.38 34.79
C GLY A 102 30.32 2.32 33.33
N ASN A 103 29.34 2.47 32.45
CA ASN A 103 29.58 2.44 31.00
C ASN A 103 30.03 3.77 30.44
N GLY A 104 30.24 4.78 31.28
CA GLY A 104 30.61 6.09 30.80
C GLY A 104 29.44 6.98 30.44
N CYS A 105 28.25 6.68 30.91
CA CYS A 105 27.05 7.44 30.61
C CYS A 105 26.64 8.26 31.83
N GLY A 106 25.80 9.26 31.58
CA GLY A 106 25.38 10.16 32.64
C GLY A 106 24.10 9.74 33.31
N LEU A 107 23.31 8.93 32.65
CA LEU A 107 22.04 8.45 33.19
C LEU A 107 22.08 6.93 33.29
N PHE A 108 21.01 6.37 33.83
CA PHE A 108 20.84 4.93 33.95
C PHE A 108 19.63 4.52 33.14
N GLY A 109 19.79 3.48 32.32
CA GLY A 109 18.63 2.96 31.62
C GLY A 109 19.03 2.18 30.39
N LYS A 110 18.11 2.13 29.43
CA LYS A 110 18.32 1.40 28.19
C LYS A 110 18.87 2.36 27.15
N GLY A 111 20.10 2.12 26.73
CA GLY A 111 20.69 2.87 25.65
C GLY A 111 20.58 2.14 24.34
N SER A 112 20.68 2.88 23.25
CA SER A 112 20.56 2.31 21.93
C SER A 112 21.93 1.89 21.41
N ILE A 113 21.98 0.70 20.81
CA ILE A 113 23.20 0.16 20.23
C ILE A 113 22.89 -0.26 18.80
N VAL A 114 23.88 -0.12 17.94
CA VAL A 114 23.77 -0.52 16.55
C VAL A 114 25.00 -1.34 16.17
N THR A 115 24.78 -2.43 15.46
CA THR A 115 25.83 -3.31 14.97
C THR A 115 25.74 -3.40 13.46
N CYS A 116 26.89 -3.32 12.80
CA CYS A 116 26.96 -3.37 11.34
C CYS A 116 28.02 -4.36 10.90
N ALA A 117 27.73 -5.10 9.83
CA ALA A 117 28.64 -6.09 9.30
C ALA A 117 28.57 -6.11 7.78
N LYS A 118 29.72 -6.30 7.14
CA LYS A 118 29.78 -6.30 5.68
C LYS A 118 29.41 -7.68 5.13
N PHE A 119 28.34 -7.72 4.34
CA PHE A 119 27.85 -8.96 3.75
C PHE A 119 28.58 -9.24 2.45
N THR A 120 28.81 -10.53 2.18
CA THR A 120 29.50 -10.95 0.97
C THR A 120 29.03 -12.35 0.59
N CYS A 121 28.55 -12.50 -0.64
CA CYS A 121 28.08 -13.80 -1.10
C CYS A 121 29.23 -14.63 -1.63
N VAL A 122 29.25 -15.90 -1.25
CA VAL A 122 30.27 -16.84 -1.72
C VAL A 122 29.71 -17.79 -2.76
N LYS A 123 28.48 -18.24 -2.58
CA LYS A 123 27.87 -19.21 -3.48
C LYS A 123 26.39 -18.91 -3.64
N LYS A 124 25.97 -18.79 -4.90
CA LYS A 124 24.60 -18.46 -5.25
C LYS A 124 24.05 -19.45 -6.26
N LEU A 125 22.74 -19.64 -6.24
CA LEU A 125 22.02 -20.46 -7.19
C LEU A 125 21.17 -19.56 -8.09
N THR A 126 20.80 -20.09 -9.26
CA THR A 126 20.17 -19.29 -10.29
C THR A 126 18.86 -19.94 -10.73
N GLY A 127 17.92 -19.11 -11.13
CA GLY A 127 16.67 -19.58 -11.72
C GLY A 127 16.48 -18.95 -13.09
N LYS A 128 16.04 -19.75 -14.05
CA LYS A 128 15.80 -19.27 -15.40
C LYS A 128 14.40 -19.65 -15.86
N SER A 129 13.93 -18.92 -16.86
CA SER A 129 12.61 -19.13 -17.43
C SER A 129 12.72 -19.86 -18.76
N ILE A 130 11.68 -20.62 -19.08
CA ILE A 130 11.63 -21.45 -20.29
C ILE A 130 10.41 -21.04 -21.09
N GLN A 131 10.61 -20.74 -22.36
CA GLN A 131 9.52 -20.36 -23.23
C GLN A 131 9.10 -21.53 -24.09
N PRO A 132 7.82 -21.91 -24.07
CA PRO A 132 7.37 -23.07 -24.85
C PRO A 132 7.71 -22.99 -26.33
N GLU A 133 7.93 -21.81 -26.87
CA GLU A 133 8.35 -21.69 -28.26
C GLU A 133 9.85 -21.94 -28.44
N ASN A 134 10.57 -22.28 -27.38
CA ASN A 134 11.98 -22.58 -27.48
C ASN A 134 12.29 -24.05 -27.27
N LEU A 135 11.29 -24.87 -26.99
CA LEU A 135 11.51 -26.30 -26.81
C LEU A 135 11.79 -26.98 -28.13
N GLU A 136 12.62 -28.01 -28.08
CA GLU A 136 12.96 -28.79 -29.27
C GLU A 136 13.00 -30.26 -28.89
N TYR A 137 12.02 -31.01 -29.35
CA TYR A 137 11.94 -32.43 -29.07
C TYR A 137 12.71 -33.23 -30.10
N ARG A 138 13.26 -34.36 -29.68
CA ARG A 138 13.94 -35.28 -30.57
C ARG A 138 13.28 -36.64 -30.50
N VAL A 139 12.87 -37.15 -31.65
CA VAL A 139 12.19 -38.43 -31.77
C VAL A 139 13.01 -39.32 -32.68
N LEU A 140 13.12 -40.58 -32.31
CA LEU A 140 13.83 -41.58 -33.10
C LEU A 140 12.84 -42.62 -33.59
N VAL A 141 13.00 -43.02 -34.85
CA VAL A 141 12.11 -43.96 -35.51
C VAL A 141 12.93 -45.11 -36.05
N SER A 142 12.44 -46.33 -35.84
CA SER A 142 13.09 -47.54 -36.34
C SER A 142 12.07 -48.38 -37.08
N VAL A 143 12.55 -49.13 -38.07
CA VAL A 143 11.70 -50.00 -38.87
C VAL A 143 12.02 -51.44 -38.52
N HIS A 144 10.97 -52.26 -38.35
CA HIS A 144 11.12 -53.70 -38.26
C HIS A 144 11.39 -54.22 -39.67
N ALA A 145 12.65 -54.11 -40.08
CA ALA A 145 13.07 -54.45 -41.43
C ALA A 145 13.96 -55.68 -41.46
N SER A 146 13.73 -56.61 -40.54
CA SER A 146 14.47 -57.87 -40.46
C SER A 146 15.97 -57.66 -40.29
N GLN A 147 16.37 -56.59 -39.60
CA GLN A 147 17.73 -56.48 -39.14
C GLN A 147 17.99 -57.52 -38.06
N HIS A 148 19.21 -58.01 -37.99
CA HIS A 148 19.50 -59.06 -37.02
C HIS A 148 19.60 -58.48 -35.61
N GLY A 149 19.63 -59.38 -34.62
CA GLY A 149 19.55 -58.98 -33.23
C GLY A 149 20.68 -58.08 -32.77
N GLY A 150 21.81 -58.09 -33.46
CA GLY A 150 22.93 -57.25 -33.07
C GLY A 150 22.79 -55.80 -33.50
N MET A 151 21.56 -55.36 -33.73
CA MET A 151 21.30 -54.00 -34.17
C MET A 151 20.25 -53.30 -33.32
N ILE A 152 19.82 -53.91 -32.22
CA ILE A 152 18.70 -53.36 -31.45
C ILE A 152 19.11 -52.06 -30.78
N ASN A 153 20.26 -52.04 -30.10
CA ASN A 153 20.76 -50.82 -29.49
C ASN A 153 22.13 -50.50 -30.06
N ASN A 154 22.25 -50.61 -31.37
CA ASN A 154 23.51 -50.43 -32.08
C ASN A 154 23.43 -49.15 -32.89
N ASP A 155 24.33 -48.21 -32.61
CA ASP A 155 24.36 -46.93 -33.29
C ASP A 155 25.65 -46.70 -34.08
N THR A 156 26.44 -47.74 -34.28
CA THR A 156 27.66 -47.61 -35.08
C THR A 156 27.28 -47.32 -36.53
N ASN A 157 27.80 -46.21 -37.06
CA ASN A 157 27.52 -45.78 -38.43
C ASN A 157 26.01 -45.63 -38.67
N HIS A 158 25.31 -45.10 -37.66
CA HIS A 158 23.87 -44.91 -37.79
C HIS A 158 23.52 -43.85 -38.81
N GLN A 159 24.48 -43.00 -39.19
CA GLN A 159 24.24 -41.97 -40.19
C GLN A 159 24.21 -42.51 -41.60
N HIS A 160 24.48 -43.80 -41.80
CA HIS A 160 24.42 -44.41 -43.12
C HIS A 160 23.14 -45.19 -43.36
N ASP A 161 22.53 -45.71 -42.29
CA ASP A 161 21.27 -46.45 -42.39
C ASP A 161 20.13 -45.47 -42.54
N LYS A 162 20.03 -44.90 -43.74
CA LYS A 162 18.98 -43.94 -44.03
C LYS A 162 17.65 -44.58 -44.38
N GLU A 163 17.55 -45.89 -44.26
CA GLU A 163 16.33 -46.61 -44.59
C GLU A 163 15.62 -47.19 -43.38
N ASN A 164 16.35 -47.72 -42.41
CA ASN A 164 15.73 -48.34 -41.25
C ASN A 164 15.61 -47.40 -40.06
N ARG A 165 16.40 -46.34 -40.01
CA ARG A 165 16.44 -45.42 -38.89
C ARG A 165 16.13 -44.01 -39.36
N ALA A 166 15.53 -43.22 -38.47
CA ALA A 166 15.23 -41.83 -38.75
C ALA A 166 15.30 -41.02 -37.47
N ARG A 167 15.85 -39.80 -37.59
CA ARG A 167 15.88 -38.83 -36.50
C ARG A 167 15.02 -37.64 -36.88
N ILE A 168 14.19 -37.18 -35.96
CA ILE A 168 13.21 -36.14 -36.22
C ILE A 168 13.31 -35.09 -35.12
N ASP A 169 13.55 -33.85 -35.52
CA ASP A 169 13.52 -32.72 -34.59
C ASP A 169 12.18 -32.01 -34.74
N ILE A 170 11.55 -31.71 -33.61
CA ILE A 170 10.22 -31.11 -33.59
C ILE A 170 10.29 -29.82 -32.78
N THR A 171 10.03 -28.70 -33.43
CA THR A 171 9.94 -27.41 -32.77
C THR A 171 8.56 -26.82 -33.02
N ALA A 172 8.32 -25.61 -32.50
CA ALA A 172 7.03 -24.98 -32.69
C ALA A 172 6.89 -24.34 -34.07
N SER A 173 8.00 -23.90 -34.65
CA SER A 173 8.00 -23.35 -35.99
C SER A 173 8.25 -24.39 -37.07
N ALA A 174 8.19 -25.67 -36.71
CA ALA A 174 8.25 -26.78 -37.65
C ALA A 174 7.61 -28.00 -37.02
N PRO A 175 6.32 -27.94 -36.67
CA PRO A 175 5.69 -29.05 -35.95
C PRO A 175 5.29 -30.21 -36.84
N ARG A 176 5.42 -30.08 -38.16
CA ARG A 176 5.00 -31.11 -39.09
C ARG A 176 6.19 -31.48 -39.96
N VAL A 177 6.54 -32.77 -39.98
CA VAL A 177 7.70 -33.25 -40.70
C VAL A 177 7.29 -34.41 -41.61
N GLU A 178 7.96 -34.51 -42.74
CA GLU A 178 7.83 -35.62 -43.67
C GLU A 178 9.11 -36.44 -43.58
N VAL A 179 9.01 -37.64 -43.03
CA VAL A 179 10.17 -38.49 -42.80
C VAL A 179 10.21 -39.54 -43.91
N GLU A 180 11.25 -39.47 -44.73
CA GLU A 180 11.45 -40.47 -45.77
C GLU A 180 12.21 -41.65 -45.21
N LEU A 181 11.83 -42.85 -45.66
CA LEU A 181 12.39 -44.09 -45.13
C LEU A 181 12.86 -44.98 -46.25
N GLY A 182 13.56 -44.41 -47.22
CA GLY A 182 14.10 -45.20 -48.32
C GLY A 182 13.01 -45.91 -49.09
N SER A 183 13.18 -47.22 -49.28
CA SER A 183 12.24 -48.00 -50.07
C SER A 183 10.92 -48.24 -49.36
N PHE A 184 10.79 -47.86 -48.10
CA PHE A 184 9.55 -48.03 -47.37
C PHE A 184 8.59 -46.87 -47.57
N GLY A 185 8.97 -45.87 -48.33
CA GLY A 185 8.12 -44.72 -48.57
C GLY A 185 8.44 -43.59 -47.61
N SER A 186 7.42 -43.11 -46.89
CA SER A 186 7.59 -42.01 -45.97
C SER A 186 6.37 -41.92 -45.06
N ILE A 187 6.59 -41.39 -43.86
CA ILE A 187 5.52 -41.08 -42.94
C ILE A 187 5.45 -39.57 -42.77
N SER A 188 4.34 -39.10 -42.22
CA SER A 188 4.24 -37.70 -41.87
C SER A 188 3.83 -37.57 -40.41
N MET A 189 4.56 -36.75 -39.67
CA MET A 189 4.28 -36.50 -38.26
C MET A 189 3.78 -35.08 -38.07
N GLU A 190 2.69 -34.94 -37.33
CA GLU A 190 2.13 -33.64 -36.97
C GLU A 190 2.07 -33.58 -35.45
N CYS A 191 3.06 -32.96 -34.83
CA CYS A 191 3.18 -32.95 -33.38
C CYS A 191 2.71 -31.61 -32.81
N GLU A 192 2.58 -31.58 -31.48
CA GLU A 192 2.11 -30.41 -30.75
C GLU A 192 3.15 -30.00 -29.72
N PRO A 193 4.25 -29.37 -30.14
CA PRO A 193 5.36 -29.10 -29.23
C PRO A 193 5.15 -27.94 -28.27
N ARG A 194 3.94 -27.42 -28.13
CA ARG A 194 3.68 -26.34 -27.19
C ARG A 194 2.83 -26.74 -26.01
N SER A 195 2.28 -27.94 -26.02
CA SER A 195 1.35 -28.34 -24.97
C SER A 195 1.73 -29.68 -24.35
N GLY A 196 3.01 -30.03 -24.37
CA GLY A 196 3.39 -31.27 -23.75
C GLY A 196 3.42 -31.19 -22.24
N LEU A 197 4.40 -30.48 -21.69
CA LEU A 197 4.54 -30.32 -20.25
C LEU A 197 4.44 -28.84 -19.94
N ASN A 198 3.78 -28.51 -18.85
CA ASN A 198 3.49 -27.10 -18.58
C ASN A 198 4.74 -26.36 -18.13
N PHE A 199 5.63 -26.08 -19.07
CA PHE A 199 6.86 -25.35 -18.77
C PHE A 199 6.60 -23.90 -18.40
N GLY A 200 5.42 -23.38 -18.66
CA GLY A 200 5.10 -22.04 -18.24
C GLY A 200 4.87 -21.89 -16.75
N ASP A 201 4.91 -22.99 -16.00
CA ASP A 201 4.76 -22.96 -14.56
C ASP A 201 6.02 -23.43 -13.85
N LEU A 202 7.14 -23.51 -14.56
CA LEU A 202 8.36 -24.09 -14.02
C LEU A 202 9.54 -23.18 -14.32
N TYR A 203 10.44 -23.10 -13.36
CA TYR A 203 11.75 -22.51 -13.57
C TYR A 203 12.80 -23.61 -13.65
N TYR A 204 13.90 -23.26 -14.30
CA TYR A 204 15.06 -24.11 -14.44
C TYR A 204 16.09 -23.64 -13.42
N LEU A 205 16.24 -24.39 -12.35
CA LEU A 205 17.10 -24.02 -11.23
C LEU A 205 18.46 -24.67 -11.39
N THR A 206 19.50 -23.89 -11.13
CA THR A 206 20.88 -24.36 -11.22
C THR A 206 21.59 -24.05 -9.91
N MET A 207 22.16 -25.08 -9.29
CA MET A 207 22.88 -24.94 -8.04
C MET A 207 24.07 -25.88 -8.09
N ASN A 208 25.27 -25.31 -8.13
CA ASN A 208 26.52 -26.08 -8.08
C ASN A 208 26.51 -27.21 -9.11
N ASN A 209 26.22 -26.85 -10.35
CA ASN A 209 26.23 -27.73 -11.51
C ASN A 209 25.16 -28.81 -11.47
N LYS A 210 24.16 -28.67 -10.61
CA LYS A 210 23.01 -29.58 -10.63
C LYS A 210 21.77 -28.77 -10.99
N HIS A 211 20.86 -29.39 -11.73
CA HIS A 211 19.75 -28.64 -12.29
C HIS A 211 18.43 -29.34 -11.96
N TRP A 212 17.43 -28.52 -11.66
CA TRP A 212 16.09 -29.02 -11.41
C TRP A 212 15.09 -28.22 -12.22
N LEU A 213 13.90 -28.76 -12.33
CA LEU A 213 12.72 -28.05 -12.75
C LEU A 213 11.82 -27.92 -11.53
N VAL A 214 11.52 -26.67 -11.17
CA VAL A 214 10.85 -26.35 -9.92
C VAL A 214 9.64 -25.48 -10.22
N ASN A 215 8.69 -25.48 -9.29
CA ASN A 215 7.56 -24.57 -9.39
C ASN A 215 8.03 -23.12 -9.30
N ARG A 216 7.18 -22.21 -9.75
CA ARG A 216 7.48 -20.79 -9.63
C ARG A 216 7.08 -20.24 -8.28
N ASP A 217 5.95 -20.70 -7.74
CA ASP A 217 5.56 -20.32 -6.40
C ASP A 217 6.61 -20.70 -5.38
N TRP A 218 7.15 -21.92 -5.49
CA TRP A 218 8.20 -22.35 -4.58
C TRP A 218 9.44 -21.49 -4.73
N PHE A 219 9.79 -21.12 -5.96
CA PHE A 219 11.00 -20.36 -6.17
C PHE A 219 10.87 -18.93 -5.67
N HIS A 220 9.68 -18.35 -5.75
CA HIS A 220 9.51 -16.98 -5.27
C HIS A 220 9.28 -16.92 -3.76
N ASP A 221 9.11 -18.05 -3.09
CA ASP A 221 9.00 -18.09 -1.65
C ASP A 221 10.28 -18.52 -0.97
N LEU A 222 11.37 -18.68 -1.73
CA LEU A 222 12.66 -18.90 -1.09
C LEU A 222 13.02 -17.69 -0.25
N SER A 223 13.67 -17.95 0.88
CA SER A 223 13.91 -16.91 1.86
C SER A 223 15.40 -16.71 2.07
N LEU A 224 16.15 -16.59 0.99
CA LEU A 224 17.56 -16.28 1.00
C LEU A 224 17.79 -14.88 0.44
N PRO A 225 18.99 -14.33 0.60
CA PRO A 225 19.31 -13.07 -0.09
C PRO A 225 19.23 -13.26 -1.60
N TRP A 226 18.74 -12.23 -2.29
CA TRP A 226 18.51 -12.36 -3.72
C TRP A 226 18.80 -11.05 -4.43
N HIS A 227 19.18 -11.16 -5.70
CA HIS A 227 19.21 -10.02 -6.59
C HIS A 227 18.64 -10.43 -7.94
N THR A 228 18.53 -9.47 -8.85
CA THR A 228 17.80 -9.68 -10.09
C THR A 228 18.64 -10.43 -11.11
N GLY A 229 17.94 -11.09 -12.04
CA GLY A 229 18.61 -11.71 -13.17
C GLY A 229 19.15 -10.73 -14.17
N ALA A 230 18.69 -9.48 -14.12
CA ALA A 230 19.24 -8.43 -14.96
C ALA A 230 20.62 -8.07 -14.46
N THR A 231 21.62 -8.84 -14.85
CA THR A 231 22.90 -8.83 -14.17
C THR A 231 23.67 -7.56 -14.44
N SER A 232 24.27 -7.01 -13.39
CA SER A 232 25.20 -5.90 -13.42
C SER A 232 26.55 -6.35 -12.87
N ASN A 233 27.47 -5.41 -12.70
CA ASN A 233 28.77 -5.75 -12.12
C ASN A 233 28.69 -5.93 -10.61
N ASN A 234 28.24 -4.89 -9.91
CA ASN A 234 28.08 -4.95 -8.46
C ASN A 234 26.60 -4.95 -8.14
N HIS A 235 26.11 -6.08 -7.61
CA HIS A 235 24.70 -6.24 -7.30
C HIS A 235 24.39 -5.88 -5.86
N HIS A 236 23.20 -5.33 -5.66
CA HIS A 236 22.68 -5.06 -4.34
C HIS A 236 21.89 -6.28 -3.87
N TRP A 237 22.34 -6.90 -2.79
CA TRP A 237 21.67 -8.08 -2.25
C TRP A 237 20.49 -7.66 -1.39
N ASN A 238 19.30 -8.08 -1.80
CA ASN A 238 18.12 -7.87 -0.97
C ASN A 238 18.04 -8.92 0.11
N ASN A 239 17.44 -8.55 1.25
CA ASN A 239 17.11 -9.49 2.31
C ASN A 239 18.37 -10.18 2.86
N LYS A 240 19.43 -9.41 3.07
CA LYS A 240 20.65 -9.95 3.64
C LYS A 240 20.42 -10.53 5.03
N GLU A 241 19.40 -10.07 5.74
CA GLU A 241 19.13 -10.51 7.09
C GLU A 241 18.63 -11.93 7.16
N ALA A 242 18.45 -12.61 6.03
CA ALA A 242 18.07 -14.01 6.06
C ALA A 242 19.24 -14.90 6.44
N LEU A 243 20.46 -14.46 6.19
CA LEU A 243 21.65 -15.24 6.49
C LEU A 243 22.48 -14.67 7.63
N VAL A 244 21.99 -13.62 8.30
CA VAL A 244 22.74 -12.96 9.36
C VAL A 244 21.84 -12.81 10.58
N GLU A 245 22.34 -13.21 11.74
CA GLU A 245 21.60 -13.16 12.99
C GLU A 245 22.31 -12.25 13.97
N PHE A 246 21.55 -11.39 14.64
CA PHE A 246 22.09 -10.48 15.65
C PHE A 246 21.57 -10.90 17.01
N ARG A 247 22.44 -10.85 18.01
CA ARG A 247 22.07 -11.26 19.36
C ARG A 247 22.68 -10.33 20.39
N GLU A 248 21.89 -9.96 21.39
CA GLU A 248 22.35 -9.19 22.53
C GLU A 248 22.62 -10.13 23.70
N ALA A 249 23.83 -10.08 24.23
CA ALA A 249 24.27 -10.99 25.29
C ALA A 249 24.06 -10.33 26.65
N HIS A 250 22.94 -10.65 27.30
CA HIS A 250 22.63 -10.19 28.65
C HIS A 250 22.58 -8.67 28.76
N ALA A 251 22.11 -8.01 27.69
CA ALA A 251 21.90 -6.57 27.68
C ALA A 251 23.18 -5.80 27.97
N LYS A 252 24.30 -6.28 27.44
CA LYS A 252 25.56 -5.56 27.54
C LYS A 252 26.30 -5.42 26.23
N LYS A 253 25.92 -6.15 25.19
CA LYS A 253 26.68 -6.18 23.96
C LYS A 253 25.85 -6.85 22.88
N GLN A 254 26.01 -6.38 21.65
CA GLN A 254 25.34 -6.95 20.50
C GLN A 254 26.38 -7.52 19.55
N THR A 255 26.06 -8.65 18.94
CA THR A 255 26.99 -9.33 18.04
C THR A 255 26.24 -9.91 16.86
N ALA A 256 26.97 -10.11 15.76
CA ALA A 256 26.41 -10.60 14.51
C ALA A 256 27.12 -11.88 14.10
N VAL A 257 26.36 -12.86 13.63
CA VAL A 257 26.91 -14.13 13.17
C VAL A 257 26.19 -14.52 11.88
N VAL A 258 26.94 -15.14 10.97
CA VAL A 258 26.40 -15.58 9.69
C VAL A 258 26.03 -17.05 9.78
N LEU A 259 24.90 -17.41 9.19
CA LEU A 259 24.50 -18.81 9.16
C LEU A 259 25.35 -19.57 8.13
N GLY A 260 25.28 -20.89 8.21
CA GLY A 260 26.10 -21.75 7.37
C GLY A 260 25.53 -21.94 5.99
N SER A 261 26.30 -22.67 5.17
CA SER A 261 25.89 -22.98 3.81
C SER A 261 24.53 -23.67 3.79
N GLN A 262 23.63 -23.15 2.96
CA GLN A 262 22.28 -23.68 2.86
C GLN A 262 22.14 -24.69 1.72
N GLU A 263 23.23 -25.26 1.24
CA GLU A 263 23.15 -26.17 0.11
C GLU A 263 22.34 -27.42 0.46
N GLY A 264 22.65 -28.04 1.59
CA GLY A 264 21.92 -29.22 2.00
C GLY A 264 20.48 -28.94 2.35
N ALA A 265 20.21 -27.76 2.92
CA ALA A 265 18.83 -27.39 3.23
C ALA A 265 18.03 -27.18 1.95
N VAL A 266 18.66 -26.65 0.91
CA VAL A 266 17.98 -26.51 -0.37
C VAL A 266 17.73 -27.87 -0.99
N HIS A 267 18.74 -28.74 -0.98
CA HIS A 267 18.53 -30.11 -1.46
C HIS A 267 17.35 -30.77 -0.75
N ALA A 268 17.24 -30.58 0.56
CA ALA A 268 16.12 -31.16 1.28
C ALA A 268 14.80 -30.49 0.90
N ALA A 269 14.83 -29.20 0.57
CA ALA A 269 13.61 -28.52 0.17
C ALA A 269 13.14 -28.92 -1.22
N LEU A 270 14.05 -29.40 -2.07
CA LEU A 270 13.75 -29.78 -3.43
C LEU A 270 13.24 -31.21 -3.56
N ALA A 271 12.67 -31.77 -2.50
CA ALA A 271 12.48 -33.21 -2.41
C ALA A 271 11.64 -33.75 -3.57
N GLY A 272 10.56 -33.08 -3.92
CA GLY A 272 9.69 -33.60 -4.96
C GLY A 272 9.79 -32.92 -6.30
N ALA A 273 10.87 -32.19 -6.55
CA ALA A 273 11.04 -31.48 -7.81
C ALA A 273 11.48 -32.44 -8.91
N LEU A 274 11.68 -31.93 -10.11
CA LEU A 274 12.18 -32.77 -11.19
C LEU A 274 13.65 -32.49 -11.41
N GLU A 275 14.40 -33.52 -11.72
CA GLU A 275 15.80 -33.31 -12.07
C GLU A 275 15.92 -32.97 -13.54
N ALA A 276 17.07 -32.40 -13.91
CA ALA A 276 17.31 -32.04 -15.30
C ALA A 276 18.81 -32.02 -15.53
N GLU A 277 19.20 -31.76 -16.77
CA GLU A 277 20.60 -31.76 -17.16
C GLU A 277 20.91 -30.49 -17.94
N SER A 278 22.19 -30.30 -18.23
CA SER A 278 22.65 -29.17 -18.99
C SER A 278 23.40 -29.64 -20.22
N ASP A 279 23.31 -28.83 -21.29
CA ASP A 279 24.05 -29.03 -22.53
C ASP A 279 24.50 -27.64 -22.94
N GLY A 280 25.71 -27.26 -22.53
CA GLY A 280 26.17 -25.91 -22.73
C GLY A 280 25.29 -24.90 -22.02
N HIS A 281 24.60 -24.07 -22.79
CA HIS A 281 23.67 -23.09 -22.25
C HIS A 281 22.23 -23.56 -22.29
N LYS A 282 21.99 -24.80 -22.71
CA LYS A 282 20.65 -25.30 -22.94
C LYS A 282 20.25 -26.29 -21.85
N ALA A 283 18.97 -26.29 -21.53
CA ALA A 283 18.43 -27.26 -20.59
C ALA A 283 18.08 -28.54 -21.32
N THR A 284 18.56 -29.67 -20.82
CA THR A 284 18.25 -30.98 -21.38
C THR A 284 17.33 -31.70 -20.41
N ILE A 285 16.17 -32.10 -20.89
CA ILE A 285 15.10 -32.62 -20.06
C ILE A 285 14.74 -34.01 -20.54
N TYR A 286 14.47 -34.91 -19.59
CA TYR A 286 14.16 -36.30 -19.84
C TYR A 286 12.87 -36.68 -19.12
N SER A 287 11.89 -35.79 -19.12
CA SER A 287 10.58 -36.12 -18.61
C SER A 287 9.54 -35.33 -19.38
N GLY A 288 8.30 -35.80 -19.35
CA GLY A 288 7.22 -35.18 -20.08
C GLY A 288 6.98 -35.87 -21.41
N HIS A 289 5.89 -35.46 -22.06
CA HIS A 289 5.37 -36.16 -23.22
C HIS A 289 5.29 -35.24 -24.43
N LEU A 290 4.77 -35.81 -25.51
CA LEU A 290 4.62 -35.10 -26.78
C LEU A 290 3.50 -35.79 -27.54
N LYS A 291 2.37 -35.11 -27.71
CA LYS A 291 1.28 -35.66 -28.51
C LYS A 291 1.56 -35.43 -29.98
N CYS A 292 1.29 -36.45 -30.80
CA CYS A 292 1.58 -36.35 -32.22
C CYS A 292 0.56 -37.17 -32.99
N ARG A 293 0.45 -36.86 -34.28
CA ARG A 293 -0.44 -37.56 -35.19
C ARG A 293 0.36 -38.10 -36.35
N LEU A 294 0.13 -39.36 -36.68
CA LEU A 294 0.89 -40.09 -37.67
C LEU A 294 0.03 -40.32 -38.90
N LYS A 295 0.58 -40.00 -40.07
CA LYS A 295 -0.08 -40.28 -41.33
C LYS A 295 0.82 -41.22 -42.12
N LEU A 296 0.28 -42.38 -42.50
CA LEU A 296 1.04 -43.49 -43.04
C LEU A 296 0.69 -43.82 -44.49
N ASP A 297 -0.02 -42.92 -45.18
CA ASP A 297 -0.53 -43.25 -46.49
C ASP A 297 0.55 -43.47 -47.53
N LYS A 298 1.76 -42.98 -47.29
CA LYS A 298 2.88 -43.18 -48.21
C LYS A 298 3.87 -44.22 -47.71
N LEU A 299 3.45 -45.05 -46.77
CA LEU A 299 4.31 -46.09 -46.21
C LEU A 299 3.96 -47.43 -46.85
N ARG A 300 4.96 -48.10 -47.40
CA ARG A 300 4.74 -49.33 -48.15
C ARG A 300 5.75 -50.38 -47.75
N LEU A 301 5.32 -51.64 -47.82
CA LEU A 301 6.19 -52.76 -47.51
C LEU A 301 7.21 -52.95 -48.63
N LYS A 302 8.47 -53.11 -48.24
CA LYS A 302 9.54 -53.40 -49.19
C LYS A 302 9.76 -54.90 -49.23
N GLY A 303 9.70 -55.47 -50.44
CA GLY A 303 9.95 -56.89 -50.59
C GLY A 303 8.73 -57.77 -50.46
N MET A 304 7.54 -57.26 -50.77
CA MET A 304 6.35 -58.10 -50.79
C MET A 304 6.23 -58.92 -52.05
N SER A 305 7.12 -58.71 -53.03
CA SER A 305 7.11 -59.45 -54.28
C SER A 305 8.28 -60.43 -54.39
N TYR A 306 9.03 -60.62 -53.31
CA TYR A 306 10.12 -61.58 -53.33
C TYR A 306 9.58 -63.01 -53.40
N ALA A 307 10.43 -63.91 -53.87
CA ALA A 307 10.12 -65.34 -53.85
C ALA A 307 10.56 -65.93 -52.51
N LEU A 308 9.91 -67.03 -52.14
CA LEU A 308 10.28 -67.73 -50.92
C LEU A 308 11.74 -68.20 -50.99
N CYS A 309 12.39 -68.23 -49.84
CA CYS A 309 13.75 -68.73 -49.78
C CYS A 309 13.74 -70.25 -49.93
N THR A 310 14.82 -70.77 -50.51
CA THR A 310 14.93 -72.20 -50.77
C THR A 310 16.01 -72.89 -49.96
N GLY A 311 16.98 -72.16 -49.43
CA GLY A 311 18.10 -72.76 -48.71
C GLY A 311 17.73 -73.25 -47.33
N ALA A 312 18.70 -73.26 -46.42
CA ALA A 312 18.51 -73.86 -45.10
C ALA A 312 18.56 -72.80 -44.01
N PHE A 313 17.65 -72.93 -43.04
CA PHE A 313 17.57 -72.01 -41.91
C PHE A 313 18.05 -72.72 -40.65
N THR A 314 18.76 -71.98 -39.81
CA THR A 314 19.12 -72.43 -38.47
C THR A 314 18.73 -71.35 -37.47
N PHE A 315 18.48 -71.76 -36.24
CA PHE A 315 18.29 -70.81 -35.15
C PHE A 315 19.66 -70.32 -34.71
N ALA A 316 19.96 -69.06 -34.97
CA ALA A 316 21.25 -68.50 -34.57
C ALA A 316 21.31 -68.23 -33.07
N ARG A 317 20.15 -68.11 -32.42
CA ARG A 317 20.08 -67.93 -30.98
C ARG A 317 18.79 -68.58 -30.50
N THR A 318 18.73 -68.83 -29.21
CA THR A 318 17.51 -69.39 -28.65
C THR A 318 16.41 -68.34 -28.66
N PRO A 319 15.25 -68.64 -29.26
CA PRO A 319 14.12 -67.70 -29.19
C PRO A 319 13.78 -67.29 -27.77
N SER A 320 13.86 -66.00 -27.48
CA SER A 320 13.63 -65.47 -26.16
C SER A 320 12.29 -64.76 -26.11
N GLU A 321 11.67 -64.76 -24.93
CA GLU A 321 10.40 -64.11 -24.69
C GLU A 321 10.63 -62.74 -24.07
N THR A 322 9.93 -61.73 -24.58
CA THR A 322 10.02 -60.41 -24.01
C THR A 322 8.99 -60.26 -22.88
N ILE A 323 9.03 -59.10 -22.24
CA ILE A 323 8.26 -58.90 -21.02
C ILE A 323 6.77 -58.88 -21.30
N HIS A 324 6.38 -58.54 -22.53
CA HIS A 324 4.97 -58.37 -22.85
C HIS A 324 4.37 -59.61 -23.51
N GLY A 325 5.16 -60.66 -23.71
CA GLY A 325 4.66 -61.91 -24.25
C GLY A 325 5.06 -62.17 -25.68
N THR A 326 5.75 -61.25 -26.34
CA THR A 326 6.20 -61.50 -27.69
C THR A 326 7.51 -62.29 -27.67
N ALA A 327 7.87 -62.83 -28.83
CA ALA A 327 9.03 -63.68 -28.95
C ALA A 327 9.91 -63.19 -30.09
N THR A 328 11.21 -63.17 -29.87
CA THR A 328 12.17 -62.76 -30.89
C THR A 328 12.95 -63.98 -31.34
N VAL A 329 13.02 -64.17 -32.66
CA VAL A 329 13.63 -65.33 -33.27
C VAL A 329 14.69 -64.84 -34.24
N GLU A 330 15.95 -65.18 -33.98
CA GLU A 330 17.03 -64.82 -34.87
C GLU A 330 17.40 -66.03 -35.72
N LEU A 331 17.26 -65.89 -37.03
CA LEU A 331 17.55 -66.96 -37.98
C LEU A 331 18.83 -66.67 -38.72
N GLN A 332 19.53 -67.74 -39.07
CA GLN A 332 20.66 -67.67 -39.99
C GLN A 332 20.30 -68.48 -41.23
N TYR A 333 20.53 -67.90 -42.40
CA TYR A 333 20.17 -68.49 -43.66
C TYR A 333 21.42 -68.82 -44.43
N ALA A 334 21.55 -70.10 -44.81
CA ALA A 334 22.57 -70.56 -45.73
C ALA A 334 21.91 -70.72 -47.10
N GLY A 335 22.42 -70.00 -48.09
CA GLY A 335 21.82 -69.95 -49.40
C GLY A 335 21.97 -68.58 -50.02
N GLU A 336 22.34 -68.54 -51.29
CA GLU A 336 22.51 -67.28 -52.03
C GLU A 336 21.28 -66.93 -52.84
N ASP A 337 20.10 -67.21 -52.31
CA ASP A 337 18.84 -66.90 -52.97
C ASP A 337 18.61 -65.41 -53.13
N GLY A 338 19.56 -64.57 -52.74
CA GLY A 338 19.38 -63.13 -52.78
C GLY A 338 18.32 -62.71 -51.78
N PRO A 339 17.84 -61.49 -51.90
CA PRO A 339 16.72 -61.07 -51.06
C PRO A 339 15.50 -61.94 -51.34
N CYS A 340 15.09 -62.72 -50.35
CA CYS A 340 13.98 -63.64 -50.50
C CYS A 340 13.07 -63.56 -49.28
N LYS A 341 11.90 -64.13 -49.42
CA LYS A 341 10.90 -64.10 -48.37
C LYS A 341 11.09 -65.30 -47.44
N VAL A 342 11.11 -65.04 -46.15
CA VAL A 342 11.31 -66.10 -45.16
C VAL A 342 9.99 -66.84 -44.94
N PRO A 343 9.94 -68.16 -45.17
CA PRO A 343 8.71 -68.91 -44.89
C PRO A 343 8.66 -69.30 -43.42
N ILE A 344 7.62 -68.86 -42.73
CA ILE A 344 7.50 -69.10 -41.29
C ILE A 344 6.03 -69.25 -40.93
N VAL A 345 5.72 -70.29 -40.17
CA VAL A 345 4.38 -70.57 -39.70
C VAL A 345 4.41 -70.65 -38.18
N ILE A 346 3.33 -70.23 -37.55
CA ILE A 346 3.14 -70.35 -36.12
C ILE A 346 1.82 -71.08 -35.91
N THR A 347 1.89 -72.34 -35.51
CA THR A 347 0.70 -73.18 -35.52
C THR A 347 0.52 -73.91 -34.20
N SER A 348 -0.74 -74.08 -33.82
CA SER A 348 -1.05 -74.88 -32.64
C SER A 348 -1.08 -76.36 -32.96
N ASP A 349 -1.67 -76.73 -34.11
CA ASP A 349 -1.74 -78.12 -34.54
C ASP A 349 -1.10 -78.26 -35.91
N THR A 350 -0.14 -79.18 -36.01
CA THR A 350 0.63 -79.35 -37.23
C THR A 350 -0.07 -80.21 -38.27
N ASN A 351 -1.31 -80.63 -38.03
CA ASN A 351 -2.03 -81.39 -39.04
C ASN A 351 -2.62 -80.48 -40.10
N SER A 352 -3.29 -79.41 -39.68
CA SER A 352 -3.81 -78.41 -40.62
C SER A 352 -2.84 -77.29 -40.89
N MET A 353 -1.86 -77.08 -40.00
CA MET A 353 -0.86 -76.03 -40.16
C MET A 353 -1.50 -74.65 -40.25
N ALA A 354 -2.57 -74.45 -39.49
CA ALA A 354 -3.26 -73.17 -39.48
C ALA A 354 -2.56 -72.19 -38.56
N SER A 355 -2.29 -70.99 -39.06
CA SER A 355 -1.65 -69.97 -38.25
C SER A 355 -2.57 -69.52 -37.13
N THR A 356 -2.01 -69.33 -35.94
CA THR A 356 -2.78 -68.97 -34.76
C THR A 356 -2.32 -67.70 -34.07
N GLY A 357 -1.08 -67.27 -34.30
CA GLY A 357 -0.62 -66.02 -33.73
C GLY A 357 -0.10 -65.11 -34.81
N ARG A 358 -0.09 -63.81 -34.56
CA ARG A 358 0.32 -62.87 -35.58
C ARG A 358 1.79 -62.54 -35.45
N LEU A 359 2.30 -61.82 -36.45
CA LEU A 359 3.68 -61.35 -36.44
C LEU A 359 3.71 -59.88 -36.04
N ILE A 360 4.83 -59.46 -35.46
CA ILE A 360 5.09 -58.04 -35.29
C ILE A 360 5.90 -57.51 -36.46
N THR A 361 6.96 -58.20 -36.83
CA THR A 361 7.73 -57.88 -38.03
C THR A 361 6.92 -58.33 -39.24
N ALA A 362 6.25 -57.38 -39.89
CA ALA A 362 5.51 -57.70 -41.09
C ALA A 362 6.47 -57.98 -42.24
N ASN A 363 6.17 -59.03 -43.00
CA ASN A 363 6.95 -59.46 -44.15
C ASN A 363 8.40 -59.72 -43.79
N PRO A 364 8.70 -60.78 -43.03
CA PRO A 364 10.10 -61.10 -42.74
C PRO A 364 10.80 -61.58 -44.00
N VAL A 365 11.97 -61.00 -44.26
CA VAL A 365 12.72 -61.31 -45.47
C VAL A 365 14.18 -61.53 -45.09
N VAL A 366 14.87 -62.26 -45.96
CA VAL A 366 16.33 -62.33 -45.92
C VAL A 366 16.84 -61.16 -46.75
N THR A 367 17.51 -60.22 -46.11
CA THR A 367 17.90 -59.00 -46.80
C THR A 367 19.12 -59.23 -47.67
N GLU A 368 20.22 -59.68 -47.07
CA GLU A 368 21.47 -59.81 -47.80
C GLU A 368 21.41 -61.01 -48.74
N SER A 369 22.15 -60.89 -49.85
CA SER A 369 22.27 -61.96 -50.83
C SER A 369 23.47 -62.86 -50.58
N GLY A 370 24.09 -62.76 -49.41
CA GLY A 370 25.30 -63.50 -49.11
C GLY A 370 25.02 -64.94 -48.68
N ALA A 371 26.08 -65.60 -48.23
CA ALA A 371 26.02 -67.02 -47.96
C ALA A 371 25.29 -67.32 -46.65
N ASN A 372 25.84 -66.88 -45.53
CA ASN A 372 25.29 -67.18 -44.21
C ASN A 372 24.92 -65.88 -43.53
N SER A 373 23.70 -65.44 -43.76
CA SER A 373 23.27 -64.12 -43.30
C SER A 373 22.26 -64.25 -42.17
N LYS A 374 22.23 -63.25 -41.29
CA LYS A 374 21.36 -63.28 -40.13
C LYS A 374 20.20 -62.32 -40.30
N MET A 375 19.07 -62.66 -39.67
CA MET A 375 17.93 -61.77 -39.62
C MET A 375 17.15 -62.09 -38.36
N MET A 376 16.21 -61.21 -38.01
CA MET A 376 15.43 -61.39 -36.81
C MET A 376 13.97 -61.11 -37.08
N VAL A 377 13.10 -61.94 -36.54
CA VAL A 377 11.66 -61.75 -36.60
C VAL A 377 11.16 -61.59 -35.17
N GLU A 378 10.06 -60.88 -35.01
CA GLU A 378 9.37 -60.80 -33.72
C GLU A 378 7.92 -61.20 -33.95
N ILE A 379 7.42 -62.09 -33.11
CA ILE A 379 6.09 -62.66 -33.29
C ILE A 379 5.33 -62.53 -31.99
N ASP A 380 4.00 -62.66 -32.08
CA ASP A 380 3.10 -62.60 -30.94
C ASP A 380 2.37 -63.93 -30.86
N PRO A 381 2.99 -64.94 -30.25
CA PRO A 381 2.43 -66.29 -30.30
C PRO A 381 1.16 -66.39 -29.48
N PRO A 382 0.35 -67.43 -29.72
CA PRO A 382 -0.89 -67.60 -28.97
C PRO A 382 -0.63 -68.17 -27.58
N PHE A 383 -1.68 -68.15 -26.77
CA PHE A 383 -1.59 -68.68 -25.43
C PHE A 383 -1.57 -70.20 -25.45
N GLY A 384 -0.69 -70.78 -24.63
CA GLY A 384 -0.56 -72.23 -24.60
C GLY A 384 0.66 -72.71 -25.37
N ASP A 385 0.56 -73.87 -25.98
CA ASP A 385 1.64 -74.46 -26.75
C ASP A 385 1.47 -74.16 -28.23
N SER A 386 2.60 -73.99 -28.91
CA SER A 386 2.59 -73.73 -30.35
C SER A 386 3.95 -74.09 -30.91
N TYR A 387 4.03 -74.12 -32.23
CA TYR A 387 5.26 -74.42 -32.94
C TYR A 387 5.58 -73.28 -33.89
N ILE A 388 6.85 -72.89 -33.91
CA ILE A 388 7.40 -71.93 -34.85
C ILE A 388 8.17 -72.74 -35.87
N ILE A 389 7.62 -72.88 -37.07
CA ILE A 389 8.19 -73.72 -38.12
C ILE A 389 8.74 -72.82 -39.21
N VAL A 390 10.01 -73.02 -39.55
CA VAL A 390 10.74 -72.12 -40.43
C VAL A 390 11.38 -72.93 -41.53
N GLY A 391 11.14 -72.55 -42.77
CA GLY A 391 11.76 -73.18 -43.92
C GLY A 391 10.73 -73.90 -44.78
N THR A 392 11.24 -74.47 -45.87
CA THR A 392 10.42 -75.16 -46.86
C THR A 392 10.91 -76.59 -47.04
N GLY A 393 10.07 -77.39 -47.69
CA GLY A 393 10.48 -78.73 -48.07
C GLY A 393 10.56 -79.65 -46.86
N THR A 394 11.64 -80.43 -46.80
CA THR A 394 11.87 -81.35 -45.70
C THR A 394 12.97 -80.89 -44.76
N THR A 395 13.67 -79.81 -45.07
CA THR A 395 14.78 -79.33 -44.26
C THR A 395 14.36 -78.17 -43.35
N LYS A 396 13.10 -78.12 -42.94
CA LYS A 396 12.63 -77.00 -42.15
C LYS A 396 12.73 -77.30 -40.66
N ILE A 397 13.07 -76.27 -39.90
CA ILE A 397 13.32 -76.39 -38.48
C ILE A 397 12.06 -76.00 -37.72
N THR A 398 12.00 -76.42 -36.46
CA THR A 398 10.86 -76.13 -35.60
C THR A 398 11.36 -75.73 -34.23
N HIS A 399 10.58 -74.90 -33.56
CA HIS A 399 10.84 -74.55 -32.17
C HIS A 399 9.54 -74.61 -31.39
N HIS A 400 9.57 -75.24 -30.23
CA HIS A 400 8.39 -75.31 -29.39
C HIS A 400 8.29 -74.06 -28.53
N TRP A 401 7.09 -73.51 -28.43
CA TRP A 401 6.86 -72.29 -27.67
C TRP A 401 5.71 -72.52 -26.71
N HIS A 402 5.90 -72.14 -25.46
CA HIS A 402 4.82 -72.11 -24.50
C HIS A 402 4.66 -70.69 -23.99
N ARG A 403 3.43 -70.18 -24.04
CA ARG A 403 3.11 -68.85 -23.56
C ARG A 403 2.11 -68.99 -22.42
N ALA A 404 2.54 -68.62 -21.21
CA ALA A 404 1.72 -68.76 -20.03
C ALA A 404 0.77 -67.57 -19.90
N GLY A 405 -0.36 -67.82 -19.26
CA GLY A 405 -1.37 -66.80 -19.03
C GLY A 405 -2.63 -67.09 -19.84
N SER A 406 -3.51 -66.09 -19.86
CA SER A 406 -4.75 -66.19 -20.60
C SER A 406 -5.07 -64.82 -21.17
N SER A 407 -6.15 -64.77 -21.96
CA SER A 407 -6.58 -63.49 -22.50
C SER A 407 -7.26 -62.63 -21.44
N ILE A 408 -7.81 -63.26 -20.40
CA ILE A 408 -8.41 -62.51 -19.31
C ILE A 408 -7.35 -61.76 -18.53
N GLY A 409 -6.24 -62.42 -18.20
CA GLY A 409 -5.15 -61.74 -17.54
C GLY A 409 -4.53 -60.67 -18.41
N ARG A 410 -4.48 -60.90 -19.72
CA ARG A 410 -4.01 -59.88 -20.65
C ARG A 410 -4.91 -58.65 -20.60
N ALA A 411 -6.23 -58.86 -20.58
CA ALA A 411 -7.15 -57.73 -20.53
C ALA A 411 -7.02 -56.99 -19.21
N PHE A 412 -6.84 -57.71 -18.11
CA PHE A 412 -6.64 -57.06 -16.82
C PHE A 412 -5.37 -56.22 -16.81
N GLU A 413 -4.28 -56.75 -17.36
CA GLU A 413 -3.04 -55.99 -17.44
C GLU A 413 -3.20 -54.76 -18.31
N ALA A 414 -3.95 -54.88 -19.41
CA ALA A 414 -4.18 -53.72 -20.27
C ALA A 414 -5.00 -52.66 -19.55
N THR A 415 -5.99 -53.09 -18.76
CA THR A 415 -6.76 -52.13 -17.97
C THR A 415 -5.89 -51.42 -16.96
N MET A 416 -4.99 -52.14 -16.29
CA MET A 416 -4.10 -51.49 -15.34
C MET A 416 -3.16 -50.50 -16.03
N ARG A 417 -2.63 -50.88 -17.20
CA ARG A 417 -1.77 -49.98 -17.94
C ARG A 417 -2.51 -48.72 -18.36
N GLY A 418 -3.76 -48.87 -18.80
CA GLY A 418 -4.54 -47.72 -19.19
C GLY A 418 -4.87 -46.81 -18.01
N ALA A 419 -5.15 -47.40 -16.86
CA ALA A 419 -5.43 -46.59 -15.67
C ALA A 419 -4.18 -45.83 -15.24
N LYS A 420 -3.01 -46.45 -15.32
CA LYS A 420 -1.78 -45.72 -15.00
C LYS A 420 -1.55 -44.59 -15.99
N ARG A 421 -1.79 -44.84 -17.27
CA ARG A 421 -1.62 -43.79 -18.27
C ARG A 421 -2.57 -42.63 -18.03
N MET A 422 -3.81 -42.93 -17.65
CA MET A 422 -4.75 -41.88 -17.29
C MET A 422 -4.24 -41.09 -16.09
N ALA A 423 -3.81 -41.77 -15.04
CA ALA A 423 -3.32 -41.08 -13.85
C ALA A 423 -2.12 -40.22 -14.14
N VAL A 424 -1.32 -40.56 -15.15
CA VAL A 424 -0.15 -39.74 -15.46
C VAL A 424 -0.49 -38.59 -16.41
N LEU A 425 -1.36 -38.81 -17.40
CA LEU A 425 -1.54 -37.82 -18.45
C LEU A 425 -2.84 -37.03 -18.38
N GLY A 426 -3.78 -37.38 -17.52
CA GLY A 426 -5.00 -36.62 -17.45
C GLY A 426 -5.92 -36.95 -18.60
N ASP A 427 -6.49 -35.92 -19.21
CA ASP A 427 -7.35 -36.10 -20.37
C ASP A 427 -6.57 -36.35 -21.65
N THR A 428 -5.27 -36.06 -21.65
CA THR A 428 -4.44 -36.37 -22.82
C THR A 428 -4.38 -37.86 -23.08
N ALA A 429 -4.67 -38.69 -22.10
CA ALA A 429 -4.64 -40.14 -22.28
C ALA A 429 -5.67 -40.58 -23.32
N TRP A 430 -6.75 -39.84 -23.48
CA TRP A 430 -7.77 -40.20 -24.46
C TRP A 430 -7.31 -40.02 -25.89
N ASP A 431 -6.15 -39.41 -26.11
CA ASP A 431 -5.61 -39.23 -27.44
C ASP A 431 -4.56 -40.28 -27.80
N PHE A 432 -4.42 -41.32 -26.98
CA PHE A 432 -3.43 -42.36 -27.25
C PHE A 432 -4.05 -43.46 -28.08
N GLY A 433 -3.44 -43.76 -29.22
CA GLY A 433 -3.99 -44.76 -30.13
C GLY A 433 -5.40 -44.47 -30.55
N SER A 434 -5.72 -43.20 -30.81
CA SER A 434 -7.07 -42.78 -31.11
C SER A 434 -7.19 -42.43 -32.59
N VAL A 435 -8.35 -42.74 -33.17
CA VAL A 435 -8.67 -42.38 -34.55
C VAL A 435 -9.89 -41.48 -34.61
N GLY A 436 -10.40 -41.03 -33.47
CA GLY A 436 -11.57 -40.19 -33.42
C GLY A 436 -12.76 -40.93 -32.85
N GLY A 437 -13.91 -40.30 -32.97
CA GLY A 437 -15.14 -40.91 -32.50
C GLY A 437 -15.90 -40.06 -31.52
N MET A 438 -17.19 -40.35 -31.34
CA MET A 438 -18.00 -39.59 -30.41
C MET A 438 -17.75 -40.01 -28.96
N PHE A 439 -17.58 -41.32 -28.75
CA PHE A 439 -17.29 -41.81 -27.41
C PHE A 439 -15.97 -41.23 -26.89
N ASN A 440 -14.95 -41.19 -27.75
CA ASN A 440 -13.67 -40.62 -27.36
C ASN A 440 -13.82 -39.17 -26.93
N SER A 441 -14.50 -38.37 -27.75
CA SER A 441 -14.64 -36.94 -27.44
C SER A 441 -15.45 -36.72 -26.17
N VAL A 442 -16.54 -37.47 -25.99
CA VAL A 442 -17.35 -37.31 -24.79
C VAL A 442 -16.55 -37.68 -23.56
N GLY A 443 -15.83 -38.81 -23.61
CA GLY A 443 -15.03 -39.22 -22.48
C GLY A 443 -13.93 -38.22 -22.16
N LYS A 444 -13.28 -37.68 -23.20
CA LYS A 444 -12.23 -36.69 -22.96
C LYS A 444 -12.80 -35.42 -22.33
N PHE A 445 -13.99 -35.01 -22.77
CA PHE A 445 -14.59 -33.81 -22.20
C PHE A 445 -14.95 -34.01 -20.73
N VAL A 446 -15.58 -35.14 -20.42
CA VAL A 446 -15.94 -35.42 -19.02
C VAL A 446 -14.69 -35.53 -18.16
N HIS A 447 -13.65 -36.17 -18.69
CA HIS A 447 -12.39 -36.28 -17.96
C HIS A 447 -11.78 -34.91 -17.73
N GLN A 448 -11.86 -34.02 -18.72
CA GLN A 448 -11.31 -32.69 -18.56
C GLN A 448 -12.01 -31.93 -17.45
N VAL A 449 -13.35 -31.98 -17.44
CA VAL A 449 -14.11 -31.28 -16.41
C VAL A 449 -13.76 -31.83 -15.02
N PHE A 450 -13.82 -33.15 -14.86
CA PHE A 450 -13.57 -33.74 -13.56
C PHE A 450 -12.13 -33.52 -13.11
N GLY A 451 -11.17 -33.58 -14.04
CA GLY A 451 -9.80 -33.34 -13.67
C GLY A 451 -9.55 -31.90 -13.26
N SER A 452 -10.22 -30.96 -13.90
CA SER A 452 -10.11 -29.57 -13.47
C SER A 452 -10.63 -29.40 -12.05
N ALA A 453 -11.82 -29.95 -11.77
CA ALA A 453 -12.37 -29.86 -10.42
C ALA A 453 -11.45 -30.53 -9.40
N PHE A 454 -10.91 -31.70 -9.74
CA PHE A 454 -10.07 -32.43 -8.82
C PHE A 454 -8.76 -31.70 -8.54
N LYS A 455 -8.14 -31.14 -9.58
CA LYS A 455 -6.92 -30.38 -9.38
C LYS A 455 -7.18 -29.10 -8.59
N ALA A 456 -8.37 -28.53 -8.74
CA ALA A 456 -8.71 -27.36 -7.93
C ALA A 456 -8.84 -27.74 -6.45
N LEU A 457 -9.51 -28.85 -6.16
CA LEU A 457 -9.74 -29.22 -4.77
C LEU A 457 -8.50 -29.81 -4.11
N PHE A 458 -8.02 -30.95 -4.62
CA PHE A 458 -6.95 -31.72 -3.97
C PHE A 458 -5.64 -31.64 -4.73
N GLY A 459 -5.33 -30.47 -5.28
CA GLY A 459 -4.16 -30.34 -6.14
C GLY A 459 -2.82 -30.56 -5.45
N GLY A 460 -2.45 -29.66 -4.56
CA GLY A 460 -1.16 -29.74 -3.91
C GLY A 460 -1.18 -30.46 -2.57
N MET A 461 -1.39 -31.78 -2.60
CA MET A 461 -1.41 -32.59 -1.39
C MET A 461 -0.36 -33.67 -1.48
N SER A 462 0.32 -33.93 -0.36
CA SER A 462 1.26 -35.03 -0.28
C SER A 462 0.52 -36.34 -0.07
N TRP A 463 1.27 -37.44 -0.11
CA TRP A 463 0.68 -38.74 0.12
C TRP A 463 0.06 -38.85 1.51
N PHE A 464 0.65 -38.16 2.48
CA PHE A 464 0.14 -38.22 3.85
C PHE A 464 -1.25 -37.61 3.94
N THR A 465 -1.39 -36.36 3.49
CA THR A 465 -2.69 -35.72 3.53
C THR A 465 -3.68 -36.41 2.60
N GLN A 466 -3.21 -36.94 1.47
CA GLN A 466 -4.08 -37.72 0.60
C GLN A 466 -4.67 -38.89 1.35
N LEU A 467 -3.83 -39.64 2.06
CA LEU A 467 -4.30 -40.78 2.83
C LEU A 467 -5.30 -40.36 3.89
N LEU A 468 -4.95 -39.33 4.66
CA LEU A 468 -5.83 -38.89 5.75
C LEU A 468 -7.19 -38.45 5.22
N ILE A 469 -7.19 -37.57 4.22
CA ILE A 469 -8.44 -37.06 3.68
C ILE A 469 -9.25 -38.16 3.01
N GLY A 470 -8.57 -39.09 2.33
CA GLY A 470 -9.28 -40.19 1.71
C GLY A 470 -9.97 -41.08 2.72
N PHE A 471 -9.29 -41.38 3.83
CA PHE A 471 -9.92 -42.18 4.87
C PHE A 471 -11.09 -41.44 5.50
N LEU A 472 -10.94 -40.14 5.75
CA LEU A 472 -12.06 -39.38 6.31
C LEU A 472 -13.24 -39.35 5.35
N LEU A 473 -12.98 -39.21 4.06
CA LEU A 473 -14.06 -39.17 3.07
C LEU A 473 -14.76 -40.51 2.97
N ILE A 474 -13.99 -41.60 2.96
CA ILE A 474 -14.59 -42.93 2.96
C ILE A 474 -15.47 -43.11 4.19
N TRP A 475 -15.00 -42.63 5.34
CA TRP A 475 -15.77 -42.77 6.57
C TRP A 475 -17.09 -42.02 6.48
N MET A 476 -17.05 -40.75 6.06
CA MET A 476 -18.29 -39.98 6.03
C MET A 476 -19.21 -40.47 4.92
N GLY A 477 -18.66 -41.03 3.84
CA GLY A 477 -19.51 -41.63 2.83
C GLY A 477 -20.15 -42.91 3.32
N LEU A 478 -19.51 -43.61 4.25
CA LEU A 478 -20.12 -44.80 4.82
C LEU A 478 -21.34 -44.45 5.66
N ASN A 479 -21.20 -43.51 6.59
CA ASN A 479 -22.31 -43.15 7.47
C ASN A 479 -23.11 -41.98 6.92
N ALA A 480 -23.44 -42.03 5.62
CA ALA A 480 -24.34 -41.03 5.03
C ALA A 480 -24.87 -41.64 3.74
N ARG A 481 -26.12 -42.12 3.78
CA ARG A 481 -26.74 -42.71 2.60
C ARG A 481 -27.78 -41.77 2.00
N GLY A 482 -27.46 -40.48 1.95
CA GLY A 482 -28.28 -39.56 1.17
C GLY A 482 -28.21 -39.87 -0.31
N GLY A 483 -29.03 -39.17 -1.08
CA GLY A 483 -29.10 -39.43 -2.51
C GLY A 483 -27.81 -39.03 -3.22
N THR A 484 -27.17 -40.00 -3.85
CA THR A 484 -26.01 -39.85 -4.72
C THR A 484 -24.78 -39.28 -4.04
N VAL A 485 -24.80 -39.11 -2.71
CA VAL A 485 -23.68 -38.49 -2.01
C VAL A 485 -22.74 -39.51 -1.40
N ALA A 486 -23.24 -40.66 -0.94
CA ALA A 486 -22.37 -41.69 -0.38
C ALA A 486 -21.34 -42.16 -1.39
N MET A 487 -21.80 -42.53 -2.59
CA MET A 487 -20.91 -43.05 -3.60
C MET A 487 -19.92 -42.00 -4.06
N SER A 488 -20.33 -40.72 -4.11
CA SER A 488 -19.41 -39.65 -4.46
C SER A 488 -18.29 -39.54 -3.44
N PHE A 489 -18.64 -39.51 -2.15
CA PHE A 489 -17.63 -39.42 -1.10
C PHE A 489 -16.67 -40.59 -1.16
N MET A 490 -17.20 -41.82 -1.21
CA MET A 490 -16.31 -42.97 -1.18
C MET A 490 -15.51 -43.10 -2.47
N GLY A 491 -16.05 -42.64 -3.60
CA GLY A 491 -15.27 -42.67 -4.83
C GLY A 491 -14.12 -41.69 -4.80
N ILE A 492 -14.35 -40.48 -4.31
CA ILE A 492 -13.25 -39.52 -4.18
C ILE A 492 -12.21 -40.03 -3.18
N GLY A 493 -12.68 -40.66 -2.10
CA GLY A 493 -11.73 -41.23 -1.15
C GLY A 493 -10.88 -42.33 -1.75
N ALA A 494 -11.51 -43.23 -2.51
CA ALA A 494 -10.77 -44.29 -3.17
C ALA A 494 -9.78 -43.73 -4.19
N MET A 495 -10.18 -42.68 -4.91
CA MET A 495 -9.27 -42.03 -5.85
C MET A 495 -8.06 -41.48 -5.12
N LEU A 496 -8.29 -40.77 -4.01
CA LEU A 496 -7.18 -40.20 -3.27
C LEU A 496 -6.25 -41.27 -2.73
N ILE A 497 -6.80 -42.38 -2.24
CA ILE A 497 -5.96 -43.45 -1.71
C ILE A 497 -5.16 -44.10 -2.83
N PHE A 498 -5.81 -44.35 -3.97
CA PHE A 498 -5.10 -44.95 -5.10
C PHE A 498 -3.97 -44.05 -5.59
N LEU A 499 -4.18 -42.72 -5.54
CA LEU A 499 -3.10 -41.82 -5.90
C LEU A 499 -1.98 -41.85 -4.87
N ALA A 500 -2.34 -41.94 -3.59
CA ALA A 500 -1.34 -41.95 -2.54
C ALA A 500 -0.43 -43.16 -2.64
N THR A 501 -1.01 -44.35 -2.79
CA THR A 501 -0.24 -45.59 -2.81
C THR A 501 0.38 -45.89 -4.17
N SER A 502 0.24 -45.00 -5.14
CA SER A 502 0.79 -45.27 -6.47
C SER A 502 2.31 -45.11 -6.45
N VAL A 503 2.96 -45.69 -7.46
CA VAL A 503 4.40 -45.62 -7.61
C VAL A 503 4.71 -44.92 -8.93
N SER A 504 5.93 -44.39 -9.02
CA SER A 504 6.38 -43.74 -10.24
C SER A 504 6.63 -44.77 -11.34
N ILE B 2 16.57 -20.64 9.12
CA ILE B 2 15.68 -20.42 8.00
C ILE B 2 14.75 -21.61 7.81
N THR B 3 13.50 -21.33 7.50
CA THR B 3 12.52 -22.36 7.17
C THR B 3 12.22 -22.24 5.68
N LEU B 4 12.96 -23.02 4.88
CA LEU B 4 12.73 -23.04 3.46
C LEU B 4 11.43 -23.80 3.15
N PRO B 5 10.70 -23.38 2.13
CA PRO B 5 9.46 -24.07 1.79
C PRO B 5 9.73 -25.44 1.21
N SER B 6 8.75 -26.32 1.35
CA SER B 6 8.85 -27.68 0.84
C SER B 6 8.18 -27.76 -0.52
N HIS B 7 8.89 -28.31 -1.49
CA HIS B 7 8.36 -28.44 -2.83
C HIS B 7 7.26 -29.48 -2.89
N ALA B 8 6.20 -29.18 -3.62
CA ALA B 8 5.14 -30.15 -3.83
C ALA B 8 5.65 -31.31 -4.66
N SER B 9 5.03 -32.47 -4.48
CA SER B 9 5.49 -33.69 -5.14
C SER B 9 5.09 -33.68 -6.60
N GLN B 10 6.07 -33.85 -7.49
CA GLN B 10 5.83 -34.03 -8.90
C GLN B 10 5.64 -35.49 -9.28
N LYS B 11 5.33 -36.34 -8.31
CA LYS B 11 5.00 -37.72 -8.60
C LYS B 11 3.72 -37.77 -9.42
N LEU B 12 3.65 -38.71 -10.36
CA LEU B 12 2.52 -38.89 -11.26
C LEU B 12 2.34 -37.71 -12.21
N GLU B 13 3.35 -36.84 -12.33
CA GLU B 13 3.33 -35.82 -13.36
C GLU B 13 3.95 -36.32 -14.65
N THR B 14 5.04 -37.08 -14.53
CA THR B 14 5.71 -37.71 -15.66
C THR B 14 5.94 -39.17 -15.34
N ARG B 15 6.73 -39.86 -16.17
CA ARG B 15 7.13 -41.22 -15.86
C ARG B 15 8.40 -41.26 -15.00
N SER B 16 9.08 -40.15 -14.83
CA SER B 16 10.33 -40.11 -14.10
C SER B 16 10.10 -40.16 -12.60
N SER B 17 11.17 -40.43 -11.86
CA SER B 17 11.16 -40.36 -10.42
C SER B 17 11.64 -38.99 -9.96
N THR B 18 11.08 -38.52 -8.85
CA THR B 18 11.38 -37.18 -8.36
C THR B 18 12.77 -37.16 -7.72
N TRP B 19 13.12 -36.05 -7.08
CA TRP B 19 14.50 -35.80 -6.69
C TRP B 19 14.96 -36.75 -5.59
N LEU B 20 14.18 -36.87 -4.52
CA LEU B 20 14.55 -37.75 -3.41
C LEU B 20 13.40 -38.69 -3.09
N GLU B 21 12.86 -39.35 -4.13
CA GLU B 21 11.64 -40.12 -3.96
C GLU B 21 11.82 -41.32 -3.06
N SER B 22 13.05 -41.81 -2.90
CA SER B 22 13.29 -42.96 -2.04
C SER B 22 12.91 -42.66 -0.59
N ARG B 23 12.93 -41.40 -0.18
CA ARG B 23 12.65 -41.01 1.18
C ARG B 23 11.28 -40.37 1.34
N GLU B 24 10.38 -40.59 0.39
CA GLU B 24 9.09 -39.91 0.42
C GLU B 24 8.26 -40.32 1.62
N TYR B 25 8.41 -41.56 2.09
CA TYR B 25 7.65 -42.06 3.23
C TYR B 25 8.44 -41.95 4.53
N SER B 26 9.76 -41.98 4.44
CA SER B 26 10.60 -41.91 5.63
C SER B 26 10.48 -40.56 6.34
N LYS B 27 10.29 -39.48 5.58
CA LYS B 27 10.42 -38.15 6.15
C LYS B 27 9.30 -37.81 7.12
N TYR B 28 8.15 -38.47 7.02
CA TYR B 28 7.02 -38.17 7.89
C TYR B 28 6.88 -39.20 9.01
N LEU B 29 6.96 -40.48 8.67
CA LEU B 29 6.74 -41.54 9.64
C LEU B 29 7.78 -41.50 10.76
N ILE B 30 9.05 -41.39 10.37
CA ILE B 30 10.14 -41.38 11.35
C ILE B 30 9.95 -40.25 12.35
N LYS B 31 9.71 -39.04 11.83
CA LYS B 31 9.55 -37.88 12.70
C LYS B 31 8.35 -38.04 13.62
N VAL B 32 7.20 -38.44 13.06
CA VAL B 32 5.99 -38.57 13.87
C VAL B 32 6.21 -39.57 14.99
N GLU B 33 6.77 -40.74 14.67
CA GLU B 33 6.88 -41.79 15.68
C GLU B 33 7.95 -41.44 16.71
N ASN B 34 9.04 -40.79 16.29
CA ASN B 34 10.04 -40.33 17.25
C ASN B 34 9.42 -39.37 18.25
N TRP B 35 8.68 -38.38 17.76
CA TRP B 35 8.07 -37.42 18.67
C TRP B 35 7.06 -38.10 19.59
N ILE B 36 6.23 -39.00 19.05
CA ILE B 36 5.23 -39.64 19.88
C ILE B 36 5.86 -40.53 20.94
N LEU B 37 7.00 -41.15 20.65
CA LEU B 37 7.66 -41.97 21.67
C LEU B 37 8.40 -41.13 22.70
N ARG B 38 8.94 -39.97 22.32
CA ARG B 38 9.65 -39.13 23.28
C ARG B 38 8.74 -38.22 24.10
N ASN B 39 7.42 -38.33 23.93
CA ASN B 39 6.47 -37.47 24.65
C ASN B 39 5.21 -38.27 24.99
N PRO B 40 5.32 -39.21 25.93
CA PRO B 40 4.16 -40.06 26.22
C PRO B 40 3.03 -39.35 26.95
N GLY B 41 3.33 -38.30 27.73
CA GLY B 41 2.28 -37.63 28.47
C GLY B 41 1.31 -36.86 27.58
N TYR B 42 1.81 -36.36 26.45
CA TYR B 42 0.94 -35.67 25.53
C TYR B 42 -0.15 -36.60 25.01
N ALA B 43 0.15 -37.89 24.90
CA ALA B 43 -0.87 -38.84 24.46
C ALA B 43 -2.06 -38.83 25.42
N LEU B 44 -1.79 -38.82 26.73
CA LEU B 44 -2.86 -38.78 27.71
C LEU B 44 -3.59 -37.45 27.66
N VAL B 45 -2.85 -36.36 27.47
CA VAL B 45 -3.47 -35.04 27.34
C VAL B 45 -4.46 -35.04 26.18
N ALA B 46 -4.00 -35.51 25.01
CA ALA B 46 -4.84 -35.52 23.81
C ALA B 46 -6.03 -36.44 23.98
N ALA B 47 -5.82 -37.59 24.64
CA ALA B 47 -6.92 -38.51 24.89
C ALA B 47 -8.00 -37.85 25.75
N VAL B 48 -7.58 -37.16 26.81
CA VAL B 48 -8.53 -36.48 27.68
C VAL B 48 -9.32 -35.44 26.90
N ILE B 49 -8.60 -34.62 26.12
CA ILE B 49 -9.28 -33.56 25.37
C ILE B 49 -10.26 -34.15 24.36
N GLY B 50 -9.82 -35.14 23.60
CA GLY B 50 -10.65 -35.77 22.60
C GLY B 50 -11.89 -36.40 23.18
N TRP B 51 -11.73 -37.14 24.28
CA TRP B 51 -12.89 -37.74 24.91
C TRP B 51 -13.81 -36.70 25.55
N THR B 52 -13.29 -35.52 25.90
CA THR B 52 -14.12 -34.46 26.44
C THR B 52 -14.89 -33.71 25.37
N LEU B 53 -14.34 -33.56 24.17
CA LEU B 53 -15.01 -32.80 23.11
C LEU B 53 -15.91 -33.65 22.22
N GLY B 54 -15.50 -34.88 21.91
CA GLY B 54 -16.33 -35.72 21.06
C GLY B 54 -17.53 -36.25 21.81
N SER B 55 -18.64 -36.41 21.07
CA SER B 55 -19.86 -36.99 21.64
C SER B 55 -19.94 -38.49 21.37
N SER B 56 -19.99 -38.87 20.10
CA SER B 56 -19.94 -40.27 19.75
C SER B 56 -18.49 -40.76 19.75
N ARG B 57 -18.33 -42.09 19.77
CA ARG B 57 -17.00 -42.66 19.85
C ARG B 57 -16.15 -42.28 18.64
N SER B 58 -16.77 -42.18 17.46
CA SER B 58 -16.02 -41.84 16.26
C SER B 58 -15.47 -40.43 16.32
N GLN B 59 -16.27 -39.48 16.81
CA GLN B 59 -15.79 -38.11 16.95
C GLN B 59 -14.64 -38.04 17.94
N LYS B 60 -14.72 -38.82 19.01
CA LYS B 60 -13.63 -38.83 19.99
C LYS B 60 -12.34 -39.37 19.39
N ILE B 61 -12.45 -40.49 18.65
CA ILE B 61 -11.26 -41.06 18.03
C ILE B 61 -10.66 -40.08 17.02
N ILE B 62 -11.52 -39.40 16.26
CA ILE B 62 -11.02 -38.46 15.25
C ILE B 62 -10.34 -37.28 15.91
N PHE B 63 -10.91 -36.76 17.00
CA PHE B 63 -10.29 -35.66 17.72
C PHE B 63 -8.93 -36.06 18.26
N VAL B 64 -8.86 -37.24 18.88
CA VAL B 64 -7.59 -37.71 19.44
C VAL B 64 -6.55 -37.86 18.34
N THR B 65 -6.94 -38.44 17.21
CA THR B 65 -6.00 -38.64 16.10
C THR B 65 -5.51 -37.31 15.57
N LEU B 66 -6.40 -36.34 15.42
CA LEU B 66 -6.00 -35.04 14.88
C LEU B 66 -5.06 -34.31 15.82
N LEU B 67 -5.31 -34.40 17.14
CA LEU B 67 -4.39 -33.77 18.08
C LEU B 67 -3.03 -34.46 18.06
N MET B 68 -3.03 -35.80 18.03
CA MET B 68 -1.78 -36.55 18.00
C MET B 68 -1.00 -36.27 16.74
N LEU B 69 -1.68 -35.90 15.65
CA LEU B 69 -0.97 -35.54 14.43
C LEU B 69 -0.48 -34.11 14.46
N VAL B 70 -1.27 -33.22 15.06
CA VAL B 70 -0.91 -31.80 15.09
C VAL B 70 0.32 -31.58 15.95
N ALA B 71 0.43 -32.29 17.06
CA ALA B 71 1.51 -31.98 18.01
C ALA B 71 2.91 -32.16 17.45
N PRO B 72 3.31 -33.29 16.86
CA PRO B 72 4.72 -33.43 16.45
C PRO B 72 5.15 -32.42 15.40
N ALA B 73 4.38 -32.28 14.32
CA ALA B 73 4.61 -31.22 13.34
C ALA B 73 3.78 -30.03 13.78
N TYR B 74 4.41 -29.13 14.53
CA TYR B 74 3.69 -28.07 15.24
C TYR B 74 2.84 -27.19 14.33
N SER B 75 2.99 -27.32 13.01
CA SER B 75 2.17 -26.63 12.04
C SER B 75 2.27 -25.12 12.22
N ILE C 1 6.49 45.70 45.06
CA ILE C 1 5.62 46.60 44.32
C ILE C 1 5.43 46.12 42.88
N ARG C 2 6.23 45.15 42.46
CA ARG C 2 6.20 44.68 41.09
C ARG C 2 4.90 43.98 40.73
N CYS C 3 3.98 43.83 41.67
CA CYS C 3 2.75 43.08 41.47
C CYS C 3 1.55 43.98 41.22
N ILE C 4 1.75 45.30 41.14
CA ILE C 4 0.63 46.22 41.26
C ILE C 4 -0.16 46.30 39.96
N GLY C 5 0.51 46.42 38.83
CA GLY C 5 -0.25 46.50 37.61
C GLY C 5 -0.72 45.19 37.01
N ILE C 6 -0.44 44.06 37.65
CA ILE C 6 -0.72 42.75 37.08
C ILE C 6 -2.19 42.40 37.29
N GLY C 7 -2.80 41.83 36.25
CA GLY C 7 -4.20 41.45 36.35
C GLY C 7 -4.42 40.11 37.01
N ASN C 8 -3.45 39.21 36.93
CA ASN C 8 -3.50 37.92 37.61
C ASN C 8 -2.62 38.03 38.84
N ARG C 9 -3.22 38.39 39.97
CA ARG C 9 -2.50 38.67 41.19
C ARG C 9 -3.21 37.99 42.36
N ASP C 10 -2.43 37.37 43.23
CA ASP C 10 -2.97 36.68 44.39
C ASP C 10 -2.48 37.33 45.66
N PHE C 11 -3.31 37.25 46.70
CA PHE C 11 -2.99 37.82 48.00
C PHE C 11 -2.96 36.71 49.03
N ILE C 12 -1.83 36.55 49.69
CA ILE C 12 -1.66 35.57 50.74
C ILE C 12 -1.56 36.32 52.07
N GLU C 13 -2.53 36.10 52.95
CA GLU C 13 -2.48 36.64 54.31
C GLU C 13 -1.86 35.58 55.19
N GLY C 14 -0.55 35.66 55.35
CA GLY C 14 0.17 34.59 56.04
C GLY C 14 -0.34 34.37 57.45
N MET C 15 -0.31 33.11 57.86
CA MET C 15 -0.82 32.74 59.18
C MET C 15 0.07 33.32 60.27
N SER C 16 -0.58 33.79 61.35
CA SER C 16 0.16 34.46 62.41
C SER C 16 0.97 33.46 63.24
N GLY C 17 0.33 32.35 63.64
CA GLY C 17 1.01 31.41 64.53
C GLY C 17 2.32 30.91 63.96
N GLY C 18 2.28 30.30 62.78
CA GLY C 18 3.50 29.83 62.15
C GLY C 18 4.24 30.93 61.42
N THR C 19 5.39 30.56 60.86
CA THR C 19 6.21 31.48 60.09
C THR C 19 6.49 30.99 58.69
N TRP C 20 5.94 29.86 58.29
CA TRP C 20 6.12 29.34 56.93
C TRP C 20 4.76 29.20 56.25
N VAL C 21 4.80 29.30 54.92
CA VAL C 21 3.60 29.19 54.10
C VAL C 21 3.97 28.64 52.74
N ASP C 22 3.06 27.86 52.16
CA ASP C 22 3.28 27.22 50.87
C ASP C 22 2.70 28.08 49.76
N ILE C 23 3.50 28.36 48.73
CA ILE C 23 3.02 29.12 47.58
C ILE C 23 3.37 28.37 46.31
N VAL C 24 2.62 28.66 45.25
CA VAL C 24 2.87 28.12 43.92
C VAL C 24 3.00 29.30 42.98
N LEU C 25 4.20 29.54 42.48
CA LEU C 25 4.42 30.59 41.50
C LEU C 25 4.11 30.08 40.11
N GLU C 26 3.45 30.92 39.31
CA GLU C 26 3.16 30.61 37.92
C GLU C 26 3.72 31.72 37.03
N HIS C 27 3.80 31.44 35.74
CA HIS C 27 4.48 32.38 34.86
C HIS C 27 3.61 33.58 34.51
N GLY C 28 2.31 33.39 34.37
CA GLY C 28 1.44 34.53 34.12
C GLY C 28 0.75 35.02 35.37
N GLY C 29 1.46 35.06 36.48
CA GLY C 29 0.89 35.46 37.75
C GLY C 29 1.92 36.14 38.62
N CYS C 30 1.49 36.50 39.83
CA CYS C 30 2.36 37.13 40.80
C CYS C 30 1.65 37.08 42.15
N VAL C 31 2.40 36.85 43.22
CA VAL C 31 1.83 36.60 44.54
C VAL C 31 2.28 37.69 45.50
N THR C 32 1.33 38.23 46.25
CA THR C 32 1.60 39.20 47.30
C THR C 32 1.38 38.52 48.65
N VAL C 33 2.41 38.50 49.48
CA VAL C 33 2.38 37.85 50.78
C VAL C 33 2.45 38.92 51.86
N MET C 34 1.45 38.95 52.73
CA MET C 34 1.40 39.88 53.84
C MET C 34 1.30 39.11 55.15
N SER C 35 2.18 39.42 56.07
CA SER C 35 2.17 38.85 57.41
C SER C 35 2.15 39.98 58.43
N ASN C 36 1.85 39.61 59.67
CA ASN C 36 1.35 40.59 60.65
C ASN C 36 2.31 41.75 60.86
N ASN C 37 3.50 41.49 61.38
CA ASN C 37 4.43 42.56 61.70
C ASN C 37 5.68 42.48 60.84
N LYS C 38 5.51 42.11 59.58
CA LYS C 38 6.61 41.97 58.63
C LYS C 38 6.25 42.73 57.37
N PRO C 39 7.24 43.11 56.57
CA PRO C 39 6.93 43.81 55.32
C PRO C 39 6.19 42.91 54.34
N THR C 40 5.40 43.55 53.48
CA THR C 40 4.69 42.84 52.43
C THR C 40 5.63 42.56 51.28
N LEU C 41 5.50 41.38 50.68
CA LEU C 41 6.44 40.92 49.67
C LEU C 41 5.71 40.53 48.41
N ASP C 42 6.37 40.73 47.27
CA ASP C 42 5.85 40.37 45.96
C ASP C 42 6.78 39.37 45.32
N PHE C 43 6.22 38.27 44.83
CA PHE C 43 6.97 37.19 44.21
C PHE C 43 6.50 36.99 42.79
N GLU C 44 7.43 36.88 41.86
CA GLU C 44 7.09 36.60 40.46
C GLU C 44 8.12 35.65 39.86
N LEU C 45 7.65 34.55 39.30
CA LEU C 45 8.48 33.64 38.52
C LEU C 45 8.55 34.16 37.09
N VAL C 46 9.74 34.54 36.63
CA VAL C 46 9.85 35.25 35.37
C VAL C 46 10.40 34.40 34.24
N THR C 47 11.24 33.40 34.51
CA THR C 47 11.90 32.66 33.44
C THR C 47 12.20 31.24 33.88
N THR C 48 11.90 30.28 33.01
CA THR C 48 12.43 28.93 33.15
C THR C 48 13.49 28.71 32.07
N THR C 49 14.61 28.11 32.43
CA THR C 49 15.69 27.92 31.48
C THR C 49 16.20 26.50 31.53
N ALA C 50 16.23 25.85 30.38
CA ALA C 50 16.73 24.49 30.23
C ALA C 50 18.05 24.52 29.46
N SER C 51 19.06 23.84 29.97
CA SER C 51 20.36 23.79 29.34
C SER C 51 20.79 22.34 29.17
N ASN C 52 21.87 22.14 28.42
CA ASN C 52 22.44 20.83 28.17
C ASN C 52 21.41 19.87 27.59
N MET C 53 20.74 20.31 26.53
CA MET C 53 19.72 19.51 25.88
C MET C 53 20.34 18.64 24.80
N ALA C 54 19.86 17.41 24.70
CA ALA C 54 20.40 16.43 23.76
C ALA C 54 19.48 16.31 22.55
N GLU C 55 20.07 16.33 21.37
CA GLU C 55 19.31 16.16 20.14
C GLU C 55 18.88 14.72 19.97
N VAL C 56 17.62 14.51 19.62
CA VAL C 56 17.05 13.18 19.50
C VAL C 56 16.95 12.75 18.04
N ARG C 57 16.46 13.64 17.17
CA ARG C 57 16.12 13.24 15.82
C ARG C 57 15.91 14.48 14.97
N SER C 58 16.40 14.46 13.74
CA SER C 58 16.14 15.50 12.77
C SER C 58 15.16 15.02 11.72
N TYR C 59 14.21 15.88 11.38
CA TYR C 59 13.21 15.61 10.35
C TYR C 59 13.40 16.58 9.20
N CYS C 60 13.33 16.06 7.97
CA CYS C 60 13.36 16.90 6.79
C CYS C 60 11.95 17.37 6.46
N TYR C 61 11.78 18.68 6.27
CA TYR C 61 10.51 19.22 5.82
C TYR C 61 10.58 19.92 4.48
N GLU C 62 11.76 20.10 3.91
CA GLU C 62 11.86 20.56 2.53
C GLU C 62 13.05 19.88 1.86
N ALA C 63 12.78 19.21 0.74
CA ALA C 63 13.77 18.41 0.04
C ALA C 63 13.68 18.64 -1.46
N ASN C 64 14.74 18.24 -2.15
CA ASN C 64 14.80 18.24 -3.61
C ASN C 64 15.10 16.82 -4.09
N ILE C 65 14.87 16.60 -5.39
CA ILE C 65 15.29 15.37 -6.06
C ILE C 65 15.97 15.75 -7.36
N SER C 66 16.88 14.89 -7.81
CA SER C 66 17.63 15.14 -9.03
C SER C 66 18.18 13.82 -9.55
N GLU C 67 18.74 13.88 -10.76
CA GLU C 67 19.39 12.73 -11.39
C GLU C 67 18.44 11.56 -11.56
N MET C 68 17.21 11.85 -11.99
CA MET C 68 16.23 10.79 -12.20
C MET C 68 16.66 9.89 -13.34
N ALA C 69 16.36 8.59 -13.20
CA ALA C 69 16.70 7.62 -14.23
C ALA C 69 15.70 6.46 -14.14
N SER C 70 15.56 5.75 -15.26
CA SER C 70 14.64 4.63 -15.32
C SER C 70 15.30 3.47 -16.05
N ASP C 71 14.71 2.30 -15.88
CA ASP C 71 15.17 1.09 -16.55
C ASP C 71 14.02 0.11 -16.62
N SER C 72 13.99 -0.68 -17.70
CA SER C 72 12.87 -1.57 -17.95
C SER C 72 13.34 -2.95 -18.37
N ARG C 73 12.51 -3.95 -18.11
CA ARG C 73 12.78 -5.33 -18.45
C ARG C 73 11.63 -5.91 -19.27
N CYS C 74 11.95 -6.84 -20.14
CA CYS C 74 10.95 -7.56 -20.91
C CYS C 74 10.14 -8.45 -20.00
N PRO C 75 8.91 -8.78 -20.38
CA PRO C 75 8.10 -9.66 -19.53
C PRO C 75 8.78 -11.01 -19.33
N THR C 76 8.52 -11.60 -18.15
CA THR C 76 9.13 -12.88 -17.75
C THR C 76 10.64 -12.82 -17.83
N GLN C 77 11.22 -11.71 -17.38
CA GLN C 77 12.68 -11.60 -17.34
C GLN C 77 13.16 -10.99 -16.02
N GLY C 78 12.38 -11.10 -14.96
CA GLY C 78 12.76 -10.57 -13.69
C GLY C 78 12.64 -9.07 -13.61
N GLU C 79 13.01 -8.54 -12.45
CA GLU C 79 12.84 -7.13 -12.16
C GLU C 79 13.97 -6.30 -12.74
N ALA C 80 13.67 -5.03 -12.98
CA ALA C 80 14.66 -4.12 -13.54
C ALA C 80 15.61 -3.65 -12.45
N TYR C 81 16.75 -3.12 -12.88
CA TYR C 81 17.80 -2.78 -11.93
C TYR C 81 18.62 -1.61 -12.46
N LEU C 82 18.98 -0.71 -11.56
CA LEU C 82 19.93 0.35 -11.82
C LEU C 82 20.99 0.34 -10.72
N ASP C 83 22.21 0.72 -11.08
CA ASP C 83 23.27 0.79 -10.07
C ASP C 83 22.94 1.79 -8.97
N LYS C 84 22.08 2.77 -9.25
CA LYS C 84 21.67 3.71 -8.22
C LYS C 84 20.87 3.05 -7.11
N MET C 85 20.38 1.82 -7.31
CA MET C 85 19.77 1.09 -6.22
C MET C 85 20.79 0.60 -5.21
N ALA C 86 22.07 0.63 -5.54
CA ALA C 86 23.13 0.33 -4.60
C ALA C 86 23.66 1.57 -3.89
N ASP C 87 23.06 2.73 -4.14
CA ASP C 87 23.44 3.97 -3.49
C ASP C 87 22.36 4.34 -2.49
N SER C 88 22.78 4.71 -1.27
CA SER C 88 21.84 4.99 -0.21
C SER C 88 21.23 6.38 -0.31
N GLN C 89 21.82 7.28 -1.08
CA GLN C 89 21.27 8.61 -1.23
C GLN C 89 20.16 8.68 -2.28
N PHE C 90 19.90 7.60 -2.99
CA PHE C 90 18.85 7.57 -3.99
C PHE C 90 17.62 6.88 -3.44
N VAL C 91 16.45 7.36 -3.84
CA VAL C 91 15.19 6.70 -3.55
C VAL C 91 14.67 6.12 -4.86
N CYS C 92 14.22 4.86 -4.81
CA CYS C 92 13.88 4.13 -6.01
C CYS C 92 12.54 3.44 -5.82
N LYS C 93 11.90 3.11 -6.93
CA LYS C 93 10.64 2.38 -6.89
C LYS C 93 10.49 1.53 -8.14
N ARG C 94 9.74 0.44 -8.02
CA ARG C 94 9.53 -0.52 -9.08
C ARG C 94 8.05 -0.64 -9.39
N GLY C 95 7.73 -0.72 -10.68
CA GLY C 95 6.37 -0.91 -11.15
C GLY C 95 6.33 -1.68 -12.45
N TYR C 96 5.20 -1.63 -13.15
CA TYR C 96 5.00 -2.39 -14.37
C TYR C 96 4.51 -1.50 -15.49
N VAL C 97 5.04 -1.73 -16.69
CA VAL C 97 4.62 -1.04 -17.89
C VAL C 97 4.23 -2.08 -18.94
N ASP C 98 3.64 -1.61 -20.02
CA ASP C 98 3.27 -2.47 -21.14
C ASP C 98 4.44 -2.62 -22.08
N ARG C 99 4.73 -3.85 -22.48
CA ARG C 99 5.83 -4.15 -23.39
C ARG C 99 5.32 -5.00 -24.54
N GLY C 100 5.92 -4.80 -25.69
CA GLY C 100 5.54 -5.53 -26.87
C GLY C 100 6.52 -5.30 -27.99
N TRP C 101 6.11 -5.67 -29.20
CA TRP C 101 6.99 -5.53 -30.36
C TRP C 101 7.34 -4.08 -30.62
N GLY C 102 6.43 -3.15 -30.31
CA GLY C 102 6.70 -1.75 -30.54
C GLY C 102 7.77 -1.17 -29.63
N ASN C 103 7.84 -1.66 -28.40
CA ASN C 103 8.80 -1.17 -27.43
C ASN C 103 10.18 -1.81 -27.56
N GLY C 104 10.34 -2.77 -28.46
CA GLY C 104 11.59 -3.47 -28.62
C GLY C 104 11.68 -4.80 -27.91
N CYS C 105 10.56 -5.33 -27.44
CA CYS C 105 10.53 -6.60 -26.72
C CYS C 105 10.06 -7.72 -27.63
N GLY C 106 10.39 -8.94 -27.24
CA GLY C 106 10.00 -10.10 -28.02
C GLY C 106 8.67 -10.67 -27.60
N LEU C 107 8.19 -10.30 -26.42
CA LEU C 107 6.92 -10.77 -25.90
C LEU C 107 6.00 -9.60 -25.65
N PHE C 108 4.75 -9.91 -25.30
CA PHE C 108 3.74 -8.92 -24.98
C PHE C 108 3.33 -9.12 -23.54
N GLY C 109 3.26 -8.04 -22.78
CA GLY C 109 2.73 -8.11 -21.43
C GLY C 109 3.41 -7.10 -20.53
N LYS C 110 3.15 -7.27 -19.23
CA LYS C 110 3.66 -6.34 -18.23
C LYS C 110 5.13 -6.61 -17.97
N GLY C 111 5.98 -5.66 -18.32
CA GLY C 111 7.37 -5.71 -17.97
C GLY C 111 7.66 -4.86 -16.75
N SER C 112 8.81 -5.10 -16.13
CA SER C 112 9.18 -4.42 -14.91
C SER C 112 9.97 -3.16 -15.22
N ILE C 113 9.71 -2.11 -14.45
CA ILE C 113 10.39 -0.82 -14.61
C ILE C 113 10.80 -0.32 -13.24
N VAL C 114 11.94 0.35 -13.19
CA VAL C 114 12.46 0.94 -11.96
C VAL C 114 12.85 2.39 -12.23
N THR C 115 12.54 3.26 -11.27
CA THR C 115 12.86 4.68 -11.33
C THR C 115 13.62 5.08 -10.08
N CYS C 116 14.71 5.81 -10.26
CA CYS C 116 15.56 6.24 -9.14
C CYS C 116 15.84 7.73 -9.23
N ALA C 117 15.82 8.40 -8.07
CA ALA C 117 16.11 9.83 -8.00
C ALA C 117 16.94 10.11 -6.76
N LYS C 118 17.88 11.05 -6.87
CA LYS C 118 18.77 11.39 -5.76
C LYS C 118 18.10 12.38 -4.82
N PHE C 119 17.96 11.99 -3.56
CA PHE C 119 17.28 12.78 -2.55
C PHE C 119 18.25 13.74 -1.88
N THR C 120 17.77 14.94 -1.58
CA THR C 120 18.58 15.95 -0.93
C THR C 120 17.70 16.82 -0.06
N CYS C 121 18.05 16.94 1.22
CA CYS C 121 17.30 17.77 2.15
C CYS C 121 17.84 19.19 2.13
N VAL C 122 16.94 20.17 2.04
CA VAL C 122 17.33 21.56 2.12
C VAL C 122 16.88 22.22 3.41
N LYS C 123 15.83 21.72 4.08
CA LYS C 123 15.41 22.33 5.32
C LYS C 123 14.86 21.27 6.27
N LYS C 124 15.39 21.28 7.50
CA LYS C 124 15.06 20.28 8.50
C LYS C 124 14.79 20.95 9.85
N LEU C 125 13.96 20.29 10.65
CA LEU C 125 13.69 20.69 12.02
C LEU C 125 14.30 19.67 12.98
N THR C 126 14.55 20.11 14.21
CA THR C 126 15.16 19.23 15.20
C THR C 126 14.29 19.11 16.44
N GLY C 127 14.51 18.04 17.18
CA GLY C 127 13.88 17.85 18.48
C GLY C 127 14.92 17.53 19.52
N LYS C 128 14.75 18.08 20.71
CA LYS C 128 15.70 17.91 21.78
C LYS C 128 14.98 17.47 23.05
N SER C 129 15.74 16.87 23.95
CA SER C 129 15.24 16.36 25.21
C SER C 129 15.61 17.30 26.35
N ILE C 130 14.77 17.32 27.38
CA ILE C 130 14.95 18.19 28.53
C ILE C 130 14.92 17.34 29.79
N GLN C 131 16.00 17.36 30.57
CA GLN C 131 16.04 16.65 31.84
C GLN C 131 15.69 17.59 32.97
N PRO C 132 14.80 17.19 33.89
CA PRO C 132 14.41 18.09 34.99
C PRO C 132 15.56 18.54 35.87
N GLU C 133 16.69 17.84 35.86
CA GLU C 133 17.83 18.29 36.64
C GLU C 133 18.64 19.36 35.94
N ASN C 134 18.21 19.82 34.77
CA ASN C 134 18.90 20.87 34.04
C ASN C 134 18.10 22.16 33.97
N LEU C 135 16.91 22.20 34.57
CA LEU C 135 16.12 23.42 34.59
C LEU C 135 16.72 24.43 35.57
N GLU C 136 16.36 25.69 35.38
CA GLU C 136 16.77 26.74 36.29
C GLU C 136 15.66 27.79 36.31
N TYR C 137 15.00 27.92 37.44
CA TYR C 137 13.92 28.89 37.58
C TYR C 137 14.48 30.19 38.09
N ARG C 138 13.91 31.31 37.63
CA ARG C 138 14.30 32.62 38.10
C ARG C 138 13.09 33.30 38.74
N VAL C 139 13.25 33.68 40.01
CA VAL C 139 12.20 34.32 40.77
C VAL C 139 12.67 35.70 41.18
N LEU C 140 11.76 36.67 41.15
CA LEU C 140 12.05 38.03 41.56
C LEU C 140 11.18 38.38 42.75
N VAL C 141 11.80 38.99 43.75
CA VAL C 141 11.11 39.42 44.97
C VAL C 141 11.23 40.93 45.09
N SER C 142 10.13 41.58 45.42
CA SER C 142 10.11 43.01 45.66
C SER C 142 9.50 43.25 47.03
N VAL C 143 10.02 44.23 47.74
CA VAL C 143 9.46 44.64 49.02
C VAL C 143 8.59 45.86 48.82
N HIS C 144 7.43 45.88 49.47
CA HIS C 144 6.62 47.09 49.59
C HIS C 144 7.32 47.99 50.59
N ALA C 145 8.33 48.70 50.11
CA ALA C 145 9.20 49.51 50.95
C ALA C 145 8.98 51.00 50.75
N SER C 146 7.77 51.37 50.34
CA SER C 146 7.36 52.76 50.14
C SER C 146 8.21 53.46 49.08
N GLN C 147 8.61 52.73 48.04
CA GLN C 147 9.16 53.38 46.87
C GLN C 147 8.04 54.09 46.12
N HIS C 148 8.37 55.19 45.46
CA HIS C 148 7.33 55.94 44.78
C HIS C 148 6.88 55.20 43.53
N GLY C 149 5.79 55.72 42.93
CA GLY C 149 5.13 55.02 41.85
C GLY C 149 5.95 54.86 40.58
N GLY C 150 7.01 55.67 40.43
CA GLY C 150 7.85 55.56 39.26
C GLY C 150 8.86 54.44 39.33
N MET C 151 8.67 53.51 40.25
CA MET C 151 9.57 52.38 40.42
C MET C 151 8.89 51.04 40.18
N ILE C 152 7.65 51.04 39.69
CA ILE C 152 6.88 49.80 39.62
C ILE C 152 7.48 48.86 38.58
N ASN C 153 7.64 49.32 37.35
CA ASN C 153 8.26 48.53 36.29
C ASN C 153 9.58 49.15 35.86
N ASN C 154 10.37 49.59 36.83
CA ASN C 154 11.60 50.31 36.60
C ASN C 154 12.77 49.41 36.97
N ASP C 155 13.65 49.16 36.01
CA ASP C 155 14.80 48.29 36.21
C ASP C 155 16.13 49.03 36.12
N THR C 156 16.11 50.35 36.11
CA THR C 156 17.35 51.12 36.06
C THR C 156 18.14 50.94 37.34
N ASN C 157 19.41 50.54 37.20
CA ASN C 157 20.31 50.34 38.33
C ASN C 157 19.75 49.35 39.35
N HIS C 158 19.01 48.35 38.88
CA HIS C 158 18.40 47.40 39.79
C HIS C 158 19.43 46.54 40.52
N GLN C 159 20.66 46.48 40.01
CA GLN C 159 21.71 45.74 40.70
C GLN C 159 22.20 46.47 41.95
N HIS C 160 21.85 47.74 42.13
CA HIS C 160 22.24 48.48 43.32
C HIS C 160 21.17 48.45 44.39
N ASP C 161 19.90 48.29 44.01
CA ASP C 161 18.80 48.25 44.96
C ASP C 161 18.79 46.89 45.65
N LYS C 162 19.84 46.65 46.43
CA LYS C 162 20.00 45.37 47.10
C LYS C 162 19.08 45.18 48.30
N GLU C 163 18.35 46.21 48.70
CA GLU C 163 17.51 46.12 49.88
C GLU C 163 16.04 45.90 49.54
N ASN C 164 15.55 46.45 48.43
CA ASN C 164 14.15 46.32 48.07
C ASN C 164 13.88 45.21 47.07
N ARG C 165 14.88 44.81 46.28
CA ARG C 165 14.71 43.82 45.24
C ARG C 165 15.67 42.66 45.45
N ALA C 166 15.25 41.47 45.03
CA ALA C 166 16.11 40.31 45.06
C ALA C 166 15.81 39.42 43.87
N ARG C 167 16.85 38.80 43.34
CA ARG C 167 16.76 37.85 42.24
C ARG C 167 17.28 36.50 42.69
N ILE C 168 16.49 35.45 42.48
CA ILE C 168 16.78 34.12 42.99
C ILE C 168 16.84 33.14 41.84
N ASP C 169 17.87 32.31 41.81
CA ASP C 169 18.01 31.23 40.83
C ASP C 169 17.85 29.90 41.54
N ILE C 170 16.81 29.17 41.20
CA ILE C 170 16.47 27.90 41.83
C ILE C 170 16.81 26.78 40.86
N THR C 171 17.72 25.91 41.25
CA THR C 171 18.03 24.70 40.50
C THR C 171 17.75 23.48 41.37
N ALA C 172 18.02 22.30 40.82
CA ALA C 172 17.79 21.08 41.58
C ALA C 172 18.87 20.84 42.62
N SER C 173 20.10 21.22 42.33
CA SER C 173 21.19 21.13 43.30
C SER C 173 21.32 22.37 44.16
N ALA C 174 20.36 23.28 44.10
CA ALA C 174 20.29 24.40 45.01
C ALA C 174 18.85 24.83 45.20
N PRO C 175 17.99 23.99 45.73
CA PRO C 175 16.56 24.32 45.84
C PRO C 175 16.17 25.09 47.09
N ARG C 176 17.13 25.37 47.98
CA ARG C 176 16.87 26.11 49.21
C ARG C 176 17.82 27.30 49.25
N VAL C 177 17.26 28.49 49.43
CA VAL C 177 18.03 29.73 49.35
C VAL C 177 17.69 30.62 50.53
N GLU C 178 18.72 31.31 51.03
CA GLU C 178 18.58 32.36 52.02
C GLU C 178 18.69 33.70 51.28
N VAL C 179 17.58 34.41 51.19
CA VAL C 179 17.53 35.68 50.49
C VAL C 179 17.71 36.79 51.50
N GLU C 180 18.76 37.58 51.33
CA GLU C 180 19.06 38.71 52.21
C GLU C 180 18.47 39.98 51.64
N LEU C 181 17.69 40.69 52.45
CA LEU C 181 16.97 41.87 52.03
C LEU C 181 17.38 43.09 52.83
N GLY C 182 18.68 43.26 53.01
CA GLY C 182 19.17 44.45 53.71
C GLY C 182 18.67 44.53 55.13
N SER C 183 18.09 45.68 55.48
CA SER C 183 17.60 45.90 56.83
C SER C 183 16.26 45.25 57.09
N PHE C 184 15.70 44.51 56.15
CA PHE C 184 14.48 43.75 56.37
C PHE C 184 14.77 42.36 56.88
N GLY C 185 16.01 41.99 57.02
CA GLY C 185 16.38 40.65 57.51
C GLY C 185 16.62 39.69 56.36
N SER C 186 15.88 38.58 56.36
CA SER C 186 16.07 37.55 55.36
C SER C 186 14.79 36.74 55.25
N ILE C 187 14.65 36.08 54.10
CA ILE C 187 13.64 35.05 53.94
C ILE C 187 14.34 33.78 53.53
N SER C 188 13.65 32.65 53.71
CA SER C 188 14.18 31.39 53.23
C SER C 188 13.15 30.76 52.30
N MET C 189 13.63 30.27 51.15
CA MET C 189 12.79 29.60 50.19
C MET C 189 13.25 28.15 50.04
N GLU C 190 12.30 27.22 50.10
CA GLU C 190 12.56 25.81 49.83
C GLU C 190 11.65 25.39 48.69
N CYS C 191 12.20 25.27 47.50
CA CYS C 191 11.42 25.03 46.30
C CYS C 191 11.62 23.61 45.80
N GLU C 192 10.75 23.21 44.88
CA GLU C 192 10.76 21.87 44.32
C GLU C 192 10.94 21.93 42.81
N PRO C 193 12.15 22.24 42.34
CA PRO C 193 12.37 22.48 40.91
C PRO C 193 12.27 21.24 40.05
N ARG C 194 11.97 20.07 40.60
CA ARG C 194 11.94 18.84 39.83
C ARG C 194 10.53 18.38 39.52
N SER C 195 9.50 18.98 40.11
CA SER C 195 8.15 18.50 39.96
C SER C 195 7.20 19.62 39.58
N GLY C 196 7.63 20.49 38.68
CA GLY C 196 6.77 21.53 38.18
C GLY C 196 5.99 21.07 36.96
N LEU C 197 6.21 21.73 35.83
CA LEU C 197 5.69 21.23 34.57
C LEU C 197 6.40 19.94 34.20
N ASN C 198 5.65 18.99 33.65
CA ASN C 198 6.18 17.66 33.38
C ASN C 198 6.98 17.68 32.09
N PHE C 199 8.26 18.02 32.19
CA PHE C 199 9.15 18.04 31.04
C PHE C 199 9.64 16.65 30.65
N GLY C 200 9.10 15.61 31.27
CA GLY C 200 9.53 14.27 30.94
C GLY C 200 8.88 13.69 29.71
N ASP C 201 7.69 14.17 29.36
CA ASP C 201 7.02 13.77 28.13
C ASP C 201 6.89 14.93 27.17
N LEU C 202 7.93 15.75 27.09
CA LEU C 202 7.96 16.90 26.20
C LEU C 202 9.29 16.96 25.48
N TYR C 203 9.25 17.32 24.21
CA TYR C 203 10.43 17.62 23.43
C TYR C 203 10.46 19.10 23.11
N TYR C 204 11.66 19.61 22.93
CA TYR C 204 11.92 20.99 22.53
C TYR C 204 12.16 20.97 21.02
N LEU C 205 11.15 21.40 20.27
CA LEU C 205 11.20 21.37 18.81
C LEU C 205 11.66 22.71 18.29
N THR C 206 12.59 22.69 17.33
CA THR C 206 13.10 23.89 16.69
C THR C 206 12.91 23.78 15.19
N MET C 207 12.25 24.78 14.61
CA MET C 207 12.00 24.83 13.17
C MET C 207 12.11 26.27 12.72
N ASN C 208 13.13 26.57 11.93
CA ASN C 208 13.28 27.88 11.28
C ASN C 208 13.24 29.00 12.31
N ASN C 209 14.05 28.88 13.35
CA ASN C 209 14.18 29.87 14.41
C ASN C 209 12.90 30.07 15.20
N LYS C 210 12.00 29.09 15.19
CA LYS C 210 10.86 29.08 16.08
C LYS C 210 10.90 27.83 16.94
N HIS C 211 10.34 27.92 18.14
CA HIS C 211 10.53 26.86 19.12
C HIS C 211 9.21 26.51 19.79
N TRP C 212 8.99 25.22 20.00
CA TRP C 212 7.82 24.75 20.69
C TRP C 212 8.21 23.68 21.71
N LEU C 213 7.32 23.47 22.66
CA LEU C 213 7.31 22.30 23.52
C LEU C 213 6.16 21.43 23.06
N VAL C 214 6.49 20.19 22.67
CA VAL C 214 5.56 19.28 22.01
C VAL C 214 5.57 17.94 22.71
N ASN C 215 4.52 17.17 22.51
CA ASN C 215 4.45 15.82 23.05
C ASN C 215 5.46 14.90 22.35
N ARG C 216 5.92 13.89 23.08
CA ARG C 216 6.87 12.95 22.51
C ARG C 216 6.18 11.99 21.54
N ASP C 217 4.97 11.54 21.90
CA ASP C 217 4.21 10.69 21.00
C ASP C 217 3.95 11.39 19.67
N TRP C 218 3.50 12.64 19.73
CA TRP C 218 3.29 13.42 18.52
C TRP C 218 4.58 13.55 17.73
N PHE C 219 5.71 13.74 18.41
CA PHE C 219 6.97 13.93 17.69
C PHE C 219 7.43 12.64 17.02
N HIS C 220 7.08 11.49 17.57
CA HIS C 220 7.46 10.24 16.95
C HIS C 220 6.47 9.77 15.89
N ASP C 221 5.27 10.33 15.87
CA ASP C 221 4.29 10.03 14.84
C ASP C 221 4.44 10.91 13.61
N LEU C 222 5.46 11.77 13.56
CA LEU C 222 5.69 12.57 12.38
C LEU C 222 6.06 11.68 11.20
N SER C 223 5.63 12.09 10.01
CA SER C 223 5.73 11.28 8.81
C SER C 223 6.68 11.90 7.79
N LEU C 224 7.84 12.32 8.24
CA LEU C 224 8.81 12.95 7.38
C LEU C 224 10.09 12.14 7.32
N PRO C 225 10.96 12.39 6.35
CA PRO C 225 12.29 11.77 6.38
C PRO C 225 13.05 12.21 7.61
N TRP C 226 13.74 11.27 8.25
CA TRP C 226 14.41 11.57 9.51
C TRP C 226 15.76 10.88 9.58
N HIS C 227 16.62 11.44 10.42
CA HIS C 227 17.84 10.76 10.82
C HIS C 227 18.09 11.03 12.30
N THR C 228 19.09 10.35 12.85
CA THR C 228 19.31 10.36 14.28
C THR C 228 19.93 11.67 14.74
N GLY C 229 19.70 11.99 16.01
CA GLY C 229 20.31 13.16 16.62
C GLY C 229 21.79 13.04 16.83
N ALA C 230 22.37 11.86 16.65
CA ALA C 230 23.80 11.70 16.77
C ALA C 230 24.53 12.51 15.71
N THR C 231 25.76 12.90 16.01
CA THR C 231 26.54 13.71 15.08
C THR C 231 27.16 12.82 14.02
N SER C 232 27.22 13.34 12.80
CA SER C 232 27.82 12.63 11.68
C SER C 232 27.99 13.60 10.52
N ASN C 233 28.95 13.30 9.65
CA ASN C 233 29.16 14.14 8.47
C ASN C 233 28.05 13.93 7.46
N ASN C 234 27.89 12.70 6.97
CA ASN C 234 26.82 12.36 6.05
C ASN C 234 25.82 11.47 6.78
N HIS C 235 24.59 11.95 6.89
CA HIS C 235 23.50 11.22 7.53
C HIS C 235 22.69 10.48 6.48
N HIS C 236 22.28 9.27 6.84
CA HIS C 236 21.38 8.49 6.00
C HIS C 236 19.94 8.85 6.36
N TRP C 237 19.19 9.35 5.38
CA TRP C 237 17.81 9.74 5.62
C TRP C 237 16.90 8.52 5.58
N ASN C 238 16.23 8.25 6.69
CA ASN C 238 15.23 7.20 6.73
C ASN C 238 13.91 7.70 6.18
N ASN C 239 13.20 6.84 5.47
CA ASN C 239 11.83 7.12 5.03
C ASN C 239 11.78 8.25 4.01
N LYS C 240 12.70 8.25 3.05
CA LYS C 240 12.71 9.27 2.01
C LYS C 240 11.40 9.27 1.21
N GLU C 241 10.72 8.14 1.15
CA GLU C 241 9.50 8.01 0.37
C GLU C 241 8.36 8.85 0.91
N ALA C 242 8.52 9.50 2.07
CA ALA C 242 7.47 10.34 2.59
C ALA C 242 7.34 11.66 1.84
N LEU C 243 8.38 12.07 1.12
CA LEU C 243 8.36 13.31 0.38
C LEU C 243 8.50 13.12 -1.12
N VAL C 244 8.58 11.90 -1.62
CA VAL C 244 8.72 11.62 -3.04
C VAL C 244 7.60 10.69 -3.47
N GLU C 245 6.92 11.04 -4.55
CA GLU C 245 5.81 10.27 -5.08
C GLU C 245 6.17 9.77 -6.47
N PHE C 246 5.96 8.48 -6.69
CA PHE C 246 6.20 7.84 -7.98
C PHE C 246 4.86 7.54 -8.63
N ARG C 247 4.80 7.73 -9.95
CA ARG C 247 3.53 7.58 -10.65
C ARG C 247 3.77 7.03 -12.05
N GLU C 248 2.92 6.08 -12.45
CA GLU C 248 2.92 5.54 -13.81
C GLU C 248 1.84 6.24 -14.62
N ALA C 249 2.22 6.76 -15.78
CA ALA C 249 1.31 7.46 -16.67
C ALA C 249 0.81 6.49 -17.73
N HIS C 250 -0.35 5.90 -17.48
CA HIS C 250 -1.04 5.03 -18.45
C HIS C 250 -0.20 3.82 -18.83
N ALA C 251 0.58 3.31 -17.89
CA ALA C 251 1.38 2.10 -18.08
C ALA C 251 2.36 2.25 -19.24
N LYS C 252 2.89 3.46 -19.42
CA LYS C 252 3.92 3.68 -20.43
C LYS C 252 5.23 4.21 -19.86
N LYS C 253 5.20 4.84 -18.69
CA LYS C 253 6.42 5.36 -18.08
C LYS C 253 6.16 5.56 -16.60
N GLN C 254 7.23 5.74 -15.85
CA GLN C 254 7.18 5.99 -14.43
C GLN C 254 8.01 7.23 -14.12
N THR C 255 7.49 8.08 -13.24
CA THR C 255 8.15 9.35 -12.96
C THR C 255 8.04 9.68 -11.48
N ALA C 256 9.05 10.38 -10.98
CA ALA C 256 9.12 10.77 -9.58
C ALA C 256 8.95 12.28 -9.46
N VAL C 257 8.17 12.70 -8.47
CA VAL C 257 7.98 14.11 -8.18
C VAL C 257 8.09 14.31 -6.67
N VAL C 258 8.75 15.37 -6.27
CA VAL C 258 8.90 15.67 -4.85
C VAL C 258 7.74 16.53 -4.40
N LEU C 259 7.31 16.32 -3.16
CA LEU C 259 6.27 17.16 -2.57
C LEU C 259 6.88 18.48 -2.10
N GLY C 260 6.00 19.45 -1.83
CA GLY C 260 6.44 20.78 -1.48
C GLY C 260 6.88 20.90 -0.04
N SER C 261 7.34 22.10 0.30
CA SER C 261 7.80 22.38 1.65
C SER C 261 6.67 22.18 2.65
N GLN C 262 6.99 21.61 3.80
CA GLN C 262 5.98 21.22 4.78
C GLN C 262 5.90 22.18 5.95
N GLU C 263 6.54 23.35 5.86
CA GLU C 263 6.59 24.26 6.98
C GLU C 263 5.19 24.65 7.44
N GLY C 264 4.32 25.05 6.51
CA GLY C 264 2.98 25.44 6.88
C GLY C 264 2.15 24.29 7.39
N ALA C 265 2.36 23.11 6.82
CA ALA C 265 1.64 21.93 7.29
C ALA C 265 2.03 21.58 8.72
N VAL C 266 3.31 21.72 9.05
CA VAL C 266 3.74 21.48 10.42
C VAL C 266 3.19 22.55 11.36
N HIS C 267 3.27 23.83 10.94
CA HIS C 267 2.64 24.90 11.72
C HIS C 267 1.19 24.58 12.03
N ALA C 268 0.47 24.05 11.05
CA ALA C 268 -0.93 23.70 11.28
C ALA C 268 -1.05 22.48 12.19
N ALA C 269 -0.06 21.58 12.15
CA ALA C 269 -0.11 20.40 13.01
C ALA C 269 0.24 20.71 14.46
N LEU C 270 0.97 21.80 14.71
CA LEU C 270 1.38 22.20 16.06
C LEU C 270 0.33 23.04 16.77
N ALA C 271 -0.94 22.94 16.38
CA ALA C 271 -1.92 23.98 16.72
C ALA C 271 -2.05 24.17 18.23
N GLY C 272 -2.01 23.09 19.00
CA GLY C 272 -2.19 23.18 20.43
C GLY C 272 -0.94 23.09 21.27
N ALA C 273 0.25 23.04 20.67
CA ALA C 273 1.49 22.89 21.42
C ALA C 273 1.79 24.17 22.19
N LEU C 274 2.88 24.16 22.95
CA LEU C 274 3.26 25.36 23.69
C LEU C 274 4.41 26.05 22.96
N GLU C 275 4.40 27.36 22.92
CA GLU C 275 5.52 28.06 22.31
C GLU C 275 6.63 28.26 23.33
N ALA C 276 7.83 28.45 22.82
CA ALA C 276 9.00 28.65 23.67
C ALA C 276 9.95 29.58 22.93
N GLU C 277 11.09 29.86 23.54
CA GLU C 277 12.07 30.75 22.95
C GLU C 277 13.45 30.18 23.16
N SER C 278 14.45 30.85 22.61
CA SER C 278 15.82 30.40 22.70
C SER C 278 16.70 31.49 23.30
N ASP C 279 17.83 31.05 23.85
CA ASP C 279 18.86 31.93 24.38
C ASP C 279 20.18 31.20 24.16
N GLY C 280 20.85 31.51 23.07
CA GLY C 280 22.02 30.74 22.70
C GLY C 280 21.63 29.31 22.42
N HIS C 281 22.19 28.38 23.18
CA HIS C 281 21.85 26.97 23.08
C HIS C 281 20.86 26.53 24.14
N LYS C 282 20.28 27.46 24.89
CA LYS C 282 19.41 27.14 26.01
C LYS C 282 17.97 27.45 25.65
N ALA C 283 17.05 26.63 26.15
CA ALA C 283 15.63 26.85 25.96
C ALA C 283 15.12 27.79 27.03
N THR C 284 14.37 28.80 26.61
CA THR C 284 13.76 29.76 27.53
C THR C 284 12.25 29.56 27.46
N ILE C 285 11.65 29.28 28.61
CA ILE C 285 10.26 28.87 28.70
C ILE C 285 9.52 29.84 29.61
N TYR C 286 8.30 30.19 29.21
CA TYR C 286 7.45 31.10 29.93
C TYR C 286 6.11 30.46 30.25
N SER C 287 6.13 29.17 30.55
CA SER C 287 4.94 28.46 31.00
C SER C 287 5.34 27.50 32.11
N GLY C 288 4.35 27.10 32.89
CA GLY C 288 4.57 26.20 34.00
C GLY C 288 4.60 26.90 35.34
N HIS C 289 4.79 26.11 36.39
CA HIS C 289 4.71 26.59 37.75
C HIS C 289 5.90 26.08 38.55
N LEU C 290 5.95 26.51 39.81
CA LEU C 290 7.02 26.15 40.73
C LEU C 290 6.48 26.26 42.15
N LYS C 291 6.53 25.16 42.88
CA LYS C 291 6.05 25.13 44.26
C LYS C 291 7.18 25.46 45.21
N CYS C 292 6.92 26.35 46.17
CA CYS C 292 7.92 26.74 47.15
C CYS C 292 7.30 26.86 48.53
N ARG C 293 8.15 26.76 49.53
CA ARG C 293 7.78 26.99 50.92
C ARG C 293 8.59 28.18 51.43
N LEU C 294 7.89 29.16 51.99
CA LEU C 294 8.47 30.40 52.46
C LEU C 294 8.57 30.38 53.98
N LYS C 295 9.74 30.73 54.50
CA LYS C 295 9.94 30.90 55.92
C LYS C 295 10.36 32.33 56.18
N LEU C 296 9.56 33.06 56.95
CA LEU C 296 9.69 34.49 57.16
C LEU C 296 10.10 34.83 58.60
N ASP C 297 10.67 33.87 59.33
CA ASP C 297 10.95 34.12 60.74
C ASP C 297 12.06 35.13 60.95
N LYS C 298 12.93 35.33 59.97
CA LYS C 298 13.98 36.33 60.06
C LYS C 298 13.64 37.61 59.30
N LEU C 299 12.39 37.79 58.93
CA LEU C 299 11.94 38.98 58.23
C LEU C 299 11.42 39.98 59.25
N ARG C 300 11.90 41.22 59.17
CA ARG C 300 11.56 42.25 60.13
C ARG C 300 11.30 43.56 59.42
N LEU C 301 10.44 44.38 60.02
CA LEU C 301 10.15 45.70 59.48
C LEU C 301 11.34 46.62 59.65
N LYS C 302 11.75 47.27 58.58
CA LYS C 302 12.71 48.36 58.68
C LYS C 302 11.97 49.63 59.04
N GLY C 303 12.45 50.33 60.05
CA GLY C 303 11.78 51.55 60.46
C GLY C 303 10.50 51.35 61.23
N MET C 304 10.41 50.30 62.03
CA MET C 304 9.32 50.19 62.99
C MET C 304 9.55 51.06 64.21
N SER C 305 10.78 51.53 64.41
CA SER C 305 11.11 52.46 65.48
C SER C 305 11.39 53.86 64.93
N TYR C 306 10.75 54.22 63.83
CA TYR C 306 10.84 55.57 63.31
C TYR C 306 9.91 56.50 64.09
N ALA C 307 10.24 57.78 64.05
CA ALA C 307 9.35 58.80 64.58
C ALA C 307 8.32 59.17 63.54
N LEU C 308 7.15 59.61 64.00
CA LEU C 308 6.14 60.12 63.08
C LEU C 308 6.67 61.31 62.30
N CYS C 309 6.16 61.49 61.10
CA CYS C 309 6.51 62.66 60.30
C CYS C 309 5.77 63.88 60.81
N THR C 310 6.46 65.02 60.84
CA THR C 310 5.86 66.24 61.36
C THR C 310 5.43 67.23 60.28
N GLY C 311 6.03 67.16 59.09
CA GLY C 311 5.71 68.09 58.03
C GLY C 311 4.35 67.80 57.42
N ALA C 312 4.13 68.44 56.27
CA ALA C 312 2.86 68.35 55.56
C ALA C 312 3.00 67.49 54.31
N PHE C 313 1.92 66.80 53.98
CA PHE C 313 1.87 65.92 52.83
C PHE C 313 0.96 66.49 51.76
N THR C 314 1.28 66.21 50.51
CA THR C 314 0.39 66.48 49.39
C THR C 314 0.19 65.20 48.61
N PHE C 315 -0.91 65.11 47.87
CA PHE C 315 -1.11 64.02 46.93
C PHE C 315 -0.32 64.32 45.68
N ALA C 316 0.69 63.49 45.39
CA ALA C 316 1.53 63.73 44.22
C ALA C 316 0.81 63.38 42.93
N ARG C 317 -0.27 62.60 43.00
CA ARG C 317 -1.11 62.32 41.86
C ARG C 317 -2.42 61.73 42.38
N THR C 318 -3.36 61.55 41.48
CA THR C 318 -4.68 61.08 41.88
C THR C 318 -4.60 59.62 42.31
N PRO C 319 -5.15 59.27 43.46
CA PRO C 319 -5.19 57.85 43.85
C PRO C 319 -6.01 57.03 42.86
N SER C 320 -5.42 55.94 42.39
CA SER C 320 -6.07 55.07 41.43
C SER C 320 -6.46 53.76 42.09
N GLU C 321 -7.44 53.10 41.48
CA GLU C 321 -7.94 51.82 41.94
C GLU C 321 -7.43 50.72 41.03
N THR C 322 -6.79 49.70 41.61
CA THR C 322 -6.39 48.54 40.84
C THR C 322 -7.58 47.61 40.67
N ILE C 323 -7.47 46.73 39.67
CA ILE C 323 -8.60 45.89 39.27
C ILE C 323 -9.05 44.93 40.35
N HIS C 324 -8.26 44.76 41.41
CA HIS C 324 -8.63 43.87 42.50
C HIS C 324 -9.30 44.60 43.65
N GLY C 325 -9.44 45.91 43.57
CA GLY C 325 -10.10 46.68 44.58
C GLY C 325 -9.17 47.45 45.51
N THR C 326 -7.87 47.18 45.46
CA THR C 326 -6.95 47.96 46.26
C THR C 326 -6.76 49.33 45.62
N ALA C 327 -6.05 50.21 46.32
CA ALA C 327 -5.85 51.56 45.83
C ALA C 327 -4.43 52.00 46.11
N THR C 328 -3.81 52.63 45.13
CA THR C 328 -2.46 53.15 45.27
C THR C 328 -2.53 54.65 45.52
N VAL C 329 -1.75 55.12 46.48
CA VAL C 329 -1.74 56.51 46.89
C VAL C 329 -0.29 56.97 46.88
N GLU C 330 0.04 57.89 45.99
CA GLU C 330 1.37 58.47 45.97
C GLU C 330 1.35 59.81 46.69
N LEU C 331 2.23 59.96 47.68
CA LEU C 331 2.31 61.16 48.49
C LEU C 331 3.65 61.84 48.27
N GLN C 332 3.64 63.16 48.42
CA GLN C 332 4.84 63.96 48.44
C GLN C 332 4.97 64.60 49.81
N TYR C 333 6.18 64.59 50.35
CA TYR C 333 6.44 65.07 51.69
C TYR C 333 7.41 66.23 51.63
N ALA C 334 7.08 67.28 52.35
CA ALA C 334 7.92 68.45 52.53
C ALA C 334 8.54 68.45 53.92
N GLY C 335 9.65 69.15 54.06
CA GLY C 335 10.36 69.14 55.32
C GLY C 335 11.23 67.91 55.47
N GLU C 336 12.39 68.06 56.11
CA GLU C 336 13.39 67.00 56.20
C GLU C 336 13.58 66.62 57.66
N ASP C 337 12.74 65.74 58.17
CA ASP C 337 12.97 65.08 59.45
C ASP C 337 13.42 63.65 59.22
N GLY C 338 14.23 63.45 58.17
CA GLY C 338 14.79 62.16 57.85
C GLY C 338 13.73 61.14 57.56
N PRO C 339 14.12 59.87 57.51
CA PRO C 339 13.14 58.80 57.38
C PRO C 339 12.20 58.78 58.58
N CYS C 340 10.91 58.91 58.31
CA CYS C 340 9.93 58.99 59.36
C CYS C 340 8.72 58.15 58.97
N LYS C 341 7.82 57.96 59.92
CA LYS C 341 6.65 57.15 59.72
C LYS C 341 5.50 58.01 59.18
N VAL C 342 4.84 57.52 58.14
CA VAL C 342 3.77 58.26 57.49
C VAL C 342 2.46 57.96 58.22
N PRO C 343 1.78 58.96 58.78
CA PRO C 343 0.48 58.72 59.41
C PRO C 343 -0.64 58.74 58.38
N ILE C 344 -1.33 57.61 58.23
CA ILE C 344 -2.40 57.50 57.24
C ILE C 344 -3.49 56.61 57.81
N VAL C 345 -4.74 57.06 57.71
CA VAL C 345 -5.90 56.34 58.21
C VAL C 345 -6.90 56.22 57.08
N ILE C 346 -7.70 55.17 57.11
CA ILE C 346 -8.82 54.98 56.20
C ILE C 346 -10.06 54.80 57.06
N THR C 347 -10.96 55.77 57.01
CA THR C 347 -12.09 55.79 57.92
C THR C 347 -13.40 55.99 57.18
N SER C 348 -14.48 55.42 57.73
CA SER C 348 -15.79 55.56 57.12
C SER C 348 -16.38 56.95 57.33
N ASP C 349 -16.14 57.58 58.47
CA ASP C 349 -16.61 58.94 58.72
C ASP C 349 -15.51 59.72 59.44
N THR C 350 -15.20 60.90 58.92
CA THR C 350 -14.12 61.72 59.46
C THR C 350 -14.35 62.14 60.91
N ASN C 351 -15.57 62.02 61.43
CA ASN C 351 -15.83 62.44 62.80
C ASN C 351 -15.14 61.53 63.80
N SER C 352 -15.25 60.22 63.61
CA SER C 352 -14.80 59.27 64.61
C SER C 352 -13.35 58.83 64.44
N MET C 353 -12.76 58.99 63.25
CA MET C 353 -11.39 58.54 62.98
C MET C 353 -11.22 57.05 63.24
N ALA C 354 -12.30 56.29 63.13
CA ALA C 354 -12.26 54.84 63.34
C ALA C 354 -11.79 54.16 62.07
N SER C 355 -10.66 53.46 62.15
CA SER C 355 -10.16 52.73 60.99
C SER C 355 -11.13 51.65 60.58
N THR C 356 -11.36 51.53 59.27
CA THR C 356 -12.24 50.52 58.72
C THR C 356 -11.64 49.74 57.57
N GLY C 357 -10.64 50.26 56.88
CA GLY C 357 -9.93 49.50 55.88
C GLY C 357 -8.50 49.28 56.33
N ARG C 358 -7.82 48.30 55.75
CA ARG C 358 -6.46 47.98 56.13
C ARG C 358 -5.49 48.44 55.05
N LEU C 359 -4.21 48.22 55.32
CA LEU C 359 -3.14 48.56 54.40
C LEU C 359 -2.61 47.31 53.74
N ILE C 360 -2.15 47.45 52.51
CA ILE C 360 -1.33 46.42 51.88
C ILE C 360 0.14 46.66 52.15
N THR C 361 0.62 47.86 51.85
CA THR C 361 1.94 48.29 52.29
C THR C 361 1.94 48.41 53.80
N ALA C 362 2.60 47.50 54.48
CA ALA C 362 2.69 47.57 55.93
C ALA C 362 3.81 48.51 56.34
N ASN C 363 3.54 49.35 57.33
CA ASN C 363 4.47 50.33 57.86
C ASN C 363 4.93 51.30 56.77
N PRO C 364 4.03 52.16 56.27
CA PRO C 364 4.46 53.15 55.28
C PRO C 364 5.33 54.22 55.91
N VAL C 365 6.43 54.53 55.24
CA VAL C 365 7.42 55.48 55.78
C VAL C 365 7.84 56.43 54.69
N VAL C 366 8.44 57.54 55.11
CA VAL C 366 9.22 58.39 54.22
C VAL C 366 10.63 57.85 54.21
N THR C 367 11.20 57.69 53.02
CA THR C 367 12.47 56.99 52.88
C THR C 367 13.66 57.90 52.76
N GLU C 368 13.47 59.14 52.32
CA GLU C 368 14.58 60.07 52.14
C GLU C 368 14.60 61.11 53.24
N SER C 369 15.73 61.81 53.34
CA SER C 369 15.88 62.95 54.23
C SER C 369 15.90 64.27 53.47
N GLY C 370 15.36 64.28 52.25
CA GLY C 370 15.37 65.46 51.42
C GLY C 370 14.13 66.32 51.63
N ALA C 371 14.04 67.37 50.82
CA ALA C 371 12.99 68.36 51.01
C ALA C 371 11.63 67.83 50.56
N ASN C 372 11.49 67.54 49.27
CA ASN C 372 10.20 67.15 48.68
C ASN C 372 10.36 65.78 48.07
N SER C 373 10.08 64.74 48.85
CA SER C 373 10.32 63.37 48.39
C SER C 373 9.00 62.63 48.25
N LYS C 374 8.96 61.69 47.31
CA LYS C 374 7.74 60.96 47.02
C LYS C 374 7.80 59.56 47.61
N MET C 375 6.62 59.04 47.94
CA MET C 375 6.49 57.67 48.40
C MET C 375 5.13 57.16 47.95
N MET C 376 4.94 55.85 48.00
CA MET C 376 3.69 55.26 47.58
C MET C 376 3.21 54.25 48.62
N VAL C 377 1.92 54.24 48.84
CA VAL C 377 1.26 53.30 49.73
C VAL C 377 0.21 52.56 48.93
N GLU C 378 -0.04 51.31 49.30
CA GLU C 378 -1.17 50.57 48.77
C GLU C 378 -2.10 50.24 49.92
N ILE C 379 -3.39 50.47 49.72
CA ILE C 379 -4.39 50.30 50.76
C ILE C 379 -5.51 49.42 50.22
N ASP C 380 -6.35 48.94 51.13
CA ASP C 380 -7.47 48.05 50.81
C ASP C 380 -8.72 48.62 51.45
N PRO C 381 -9.35 49.61 50.81
CA PRO C 381 -10.45 50.32 51.43
C PRO C 381 -11.67 49.44 51.61
N PRO C 382 -12.61 49.83 52.46
CA PRO C 382 -13.84 49.06 52.61
C PRO C 382 -14.83 49.38 51.50
N PHE C 383 -15.85 48.54 51.40
CA PHE C 383 -16.87 48.74 50.38
C PHE C 383 -17.76 49.92 50.74
N GLY C 384 -18.05 50.75 49.75
CA GLY C 384 -18.84 51.94 49.98
C GLY C 384 -17.99 53.18 50.02
N ASP C 385 -18.31 54.10 50.92
CA ASP C 385 -17.62 55.39 51.01
C ASP C 385 -16.60 55.36 52.14
N SER C 386 -15.48 56.05 51.92
CA SER C 386 -14.40 56.09 52.90
C SER C 386 -13.62 57.37 52.69
N TYR C 387 -12.67 57.60 53.58
CA TYR C 387 -11.79 58.75 53.51
C TYR C 387 -10.38 58.31 53.82
N ILE C 388 -9.46 58.70 52.94
CA ILE C 388 -8.03 58.53 53.16
C ILE C 388 -7.53 59.82 53.80
N ILE C 389 -7.09 59.73 55.05
CA ILE C 389 -6.65 60.88 55.81
C ILE C 389 -5.16 60.73 56.07
N VAL C 390 -4.37 61.67 55.57
CA VAL C 390 -2.91 61.62 55.65
C VAL C 390 -2.41 62.83 56.41
N GLY C 391 -1.48 62.61 57.33
CA GLY C 391 -0.88 63.67 58.09
C GLY C 391 -1.50 63.80 59.47
N THR C 392 -0.99 64.78 60.21
CA THR C 392 -1.44 65.03 61.57
C THR C 392 -1.60 66.52 61.80
N GLY C 393 -2.50 66.87 62.70
CA GLY C 393 -2.68 68.24 63.11
C GLY C 393 -3.58 69.05 62.20
N THR C 394 -3.17 70.28 61.90
CA THR C 394 -3.95 71.17 61.06
C THR C 394 -3.62 71.02 59.58
N THR C 395 -2.64 70.19 59.24
CA THR C 395 -2.25 70.00 57.85
C THR C 395 -2.68 68.64 57.31
N LYS C 396 -3.59 67.96 57.99
CA LYS C 396 -4.12 66.70 57.48
C LYS C 396 -4.82 66.93 56.15
N ILE C 397 -4.45 66.15 55.15
CA ILE C 397 -5.12 66.15 53.87
C ILE C 397 -6.06 64.97 53.83
N THR C 398 -7.14 65.11 53.06
CA THR C 398 -8.17 64.09 53.00
C THR C 398 -8.55 63.85 51.55
N HIS C 399 -8.88 62.61 51.23
CA HIS C 399 -9.39 62.27 49.91
C HIS C 399 -10.57 61.33 50.08
N HIS C 400 -11.70 61.69 49.48
CA HIS C 400 -12.87 60.83 49.52
C HIS C 400 -12.70 59.68 48.55
N TRP C 401 -13.12 58.50 48.96
CA TRP C 401 -12.94 57.30 48.17
C TRP C 401 -14.24 56.52 48.12
N HIS C 402 -14.52 55.91 46.98
CA HIS C 402 -15.68 55.04 46.84
C HIS C 402 -15.22 53.73 46.21
N ARG C 403 -15.55 52.62 46.87
CA ARG C 403 -15.24 51.30 46.35
C ARG C 403 -16.56 50.58 46.05
N ALA C 404 -16.77 50.30 44.77
CA ALA C 404 -17.99 49.63 44.33
C ALA C 404 -17.92 48.14 44.62
N GLY C 405 -19.06 47.48 44.46
CA GLY C 405 -19.15 46.06 44.70
C GLY C 405 -19.68 45.74 46.08
N SER C 406 -19.49 44.47 46.46
CA SER C 406 -19.95 43.97 47.74
C SER C 406 -19.00 42.88 48.21
N SER C 407 -19.28 42.33 49.39
CA SER C 407 -18.50 41.21 49.89
C SER C 407 -18.96 39.90 49.28
N ILE C 408 -20.24 39.80 48.91
CA ILE C 408 -20.73 38.59 48.26
C ILE C 408 -20.10 38.41 46.90
N GLY C 409 -20.02 39.50 46.11
CA GLY C 409 -19.33 39.42 44.83
C GLY C 409 -17.86 39.11 44.98
N ARG C 410 -17.23 39.63 46.04
CA ARG C 410 -15.84 39.31 46.30
C ARG C 410 -15.66 37.83 46.59
N ALA C 411 -16.55 37.25 47.40
CA ALA C 411 -16.48 35.82 47.69
C ALA C 411 -16.73 35.01 46.42
N PHE C 412 -17.63 35.45 45.57
CA PHE C 412 -17.92 34.73 44.33
C PHE C 412 -16.72 34.76 43.39
N GLU C 413 -16.08 35.91 43.24
CA GLU C 413 -14.91 35.97 42.36
C GLU C 413 -13.75 35.19 42.96
N ALA C 414 -13.62 35.17 44.29
CA ALA C 414 -12.60 34.32 44.91
C ALA C 414 -12.86 32.85 44.62
N THR C 415 -14.12 32.44 44.67
CA THR C 415 -14.45 31.06 44.38
C THR C 415 -14.13 30.70 42.94
N MET C 416 -14.45 31.59 42.00
CA MET C 416 -14.14 31.29 40.60
C MET C 416 -12.64 31.28 40.35
N ARG C 417 -11.89 32.16 41.04
CA ARG C 417 -10.44 32.13 40.93
C ARG C 417 -9.87 30.81 41.45
N GLY C 418 -10.39 30.33 42.58
CA GLY C 418 -9.93 29.06 43.11
C GLY C 418 -10.28 27.89 42.20
N ALA C 419 -11.47 27.94 41.58
CA ALA C 419 -11.85 26.87 40.67
C ALA C 419 -10.97 26.87 39.43
N LYS C 420 -10.64 28.05 38.89
CA LYS C 420 -9.73 28.10 37.76
C LYS C 420 -8.36 27.57 38.13
N ARG C 421 -7.88 27.92 39.33
CA ARG C 421 -6.58 27.41 39.76
C ARG C 421 -6.60 25.90 39.89
N MET C 422 -7.69 25.34 40.41
CA MET C 422 -7.81 23.89 40.47
C MET C 422 -7.77 23.28 39.08
N ALA C 423 -8.56 23.85 38.15
CA ALA C 423 -8.59 23.32 36.79
C ALA C 423 -7.21 23.38 36.12
N VAL C 424 -6.40 24.37 36.46
CA VAL C 424 -5.09 24.47 35.81
C VAL C 424 -4.06 23.56 36.49
N LEU C 425 -4.06 23.51 37.82
CA LEU C 425 -2.97 22.90 38.56
C LEU C 425 -3.25 21.49 39.05
N GLY C 426 -4.49 21.01 39.01
CA GLY C 426 -4.77 19.68 39.50
C GLY C 426 -4.84 19.66 40.99
N ASP C 427 -4.14 18.71 41.59
CA ASP C 427 -4.09 18.60 43.05
C ASP C 427 -3.06 19.53 43.67
N THR C 428 -2.13 20.05 42.88
CA THR C 428 -1.17 21.02 43.38
C THR C 428 -1.85 22.29 43.88
N ALA C 429 -3.08 22.56 43.44
CA ALA C 429 -3.80 23.73 43.88
C ALA C 429 -4.04 23.74 45.38
N TRP C 430 -4.06 22.58 46.01
CA TRP C 430 -4.27 22.50 47.46
C TRP C 430 -3.05 22.93 48.24
N ASP C 431 -1.91 23.12 47.59
CA ASP C 431 -0.69 23.58 48.24
C ASP C 431 -0.50 25.08 48.12
N PHE C 432 -1.50 25.81 47.64
CA PHE C 432 -1.37 27.24 47.45
C PHE C 432 -1.90 27.97 48.68
N GLY C 433 -1.03 28.71 49.36
CA GLY C 433 -1.43 29.38 50.58
C GLY C 433 -1.77 28.44 51.69
N SER C 434 -1.17 27.26 51.71
CA SER C 434 -1.49 26.21 52.66
C SER C 434 -0.49 26.22 53.80
N VAL C 435 -0.96 25.94 55.01
CA VAL C 435 -0.12 25.96 56.19
C VAL C 435 -0.20 24.60 56.87
N GLY C 436 -0.53 23.58 56.10
CA GLY C 436 -0.78 22.27 56.64
C GLY C 436 -2.24 22.08 56.98
N GLY C 437 -2.49 21.07 57.78
CA GLY C 437 -3.86 20.82 58.19
C GLY C 437 -4.39 19.51 57.62
N MET C 438 -5.30 18.90 58.37
CA MET C 438 -5.87 17.62 57.93
C MET C 438 -6.82 17.80 56.76
N PHE C 439 -7.59 18.89 56.76
CA PHE C 439 -8.54 19.13 55.67
C PHE C 439 -7.81 19.25 54.33
N ASN C 440 -6.71 19.99 54.30
CA ASN C 440 -5.97 20.15 53.06
C ASN C 440 -5.39 18.82 52.59
N SER C 441 -4.91 17.99 53.52
CA SER C 441 -4.33 16.71 53.13
C SER C 441 -5.40 15.78 52.56
N VAL C 442 -6.55 15.70 53.22
CA VAL C 442 -7.64 14.86 52.71
C VAL C 442 -8.10 15.37 51.35
N GLY C 443 -8.23 16.69 51.21
CA GLY C 443 -8.65 17.23 49.93
C GLY C 443 -7.66 16.93 48.82
N LYS C 444 -6.37 17.10 49.09
CA LYS C 444 -5.36 16.80 48.09
C LYS C 444 -5.38 15.34 47.71
N PHE C 445 -5.60 14.44 48.68
CA PHE C 445 -5.62 13.02 48.39
C PHE C 445 -6.81 12.65 47.51
N VAL C 446 -8.01 13.12 47.89
CA VAL C 446 -9.19 12.83 47.08
C VAL C 446 -9.04 13.42 45.68
N HIS C 447 -8.49 14.62 45.59
CA HIS C 447 -8.30 15.25 44.29
C HIS C 447 -7.31 14.45 43.45
N GLN C 448 -6.24 13.94 44.06
CA GLN C 448 -5.29 13.11 43.33
C GLN C 448 -5.97 11.88 42.75
N VAL C 449 -6.76 11.19 43.57
CA VAL C 449 -7.40 9.96 43.11
C VAL C 449 -8.36 10.26 41.96
N PHE C 450 -9.24 11.24 42.15
CA PHE C 450 -10.21 11.55 41.11
C PHE C 450 -9.55 12.11 39.86
N GLY C 451 -8.49 12.88 39.99
CA GLY C 451 -7.81 13.39 38.82
C GLY C 451 -7.10 12.30 38.04
N SER C 452 -6.53 11.32 38.74
CA SER C 452 -5.91 10.19 38.05
C SER C 452 -6.96 9.41 37.26
N ALA C 453 -8.11 9.14 37.89
CA ALA C 453 -9.16 8.41 37.18
C ALA C 453 -9.69 9.21 35.99
N PHE C 454 -9.90 10.51 36.18
CA PHE C 454 -10.43 11.35 35.12
C PHE C 454 -9.47 11.45 33.95
N LYS C 455 -8.16 11.57 34.24
CA LYS C 455 -7.19 11.60 33.16
C LYS C 455 -7.09 10.25 32.45
N ALA C 456 -7.25 9.16 33.19
CA ALA C 456 -7.21 7.85 32.56
C ALA C 456 -8.37 7.67 31.59
N LEU C 457 -9.57 8.12 31.97
CA LEU C 457 -10.73 7.93 31.10
C LEU C 457 -10.80 9.00 30.00
N PHE C 458 -10.92 10.26 30.38
CA PHE C 458 -11.17 11.35 29.44
C PHE C 458 -9.92 12.16 29.16
N GLY C 459 -8.76 11.51 29.07
CA GLY C 459 -7.52 12.26 28.90
C GLY C 459 -7.36 12.82 27.50
N GLY C 460 -7.58 11.98 26.48
CA GLY C 460 -7.24 12.35 25.13
C GLY C 460 -8.37 12.91 24.29
N MET C 461 -9.18 13.79 24.86
CA MET C 461 -10.31 14.38 24.16
C MET C 461 -10.05 15.87 23.90
N SER C 462 -10.66 16.38 22.83
CA SER C 462 -10.62 17.79 22.50
C SER C 462 -11.93 18.43 22.93
N TRP C 463 -12.02 19.75 22.74
CA TRP C 463 -13.23 20.47 23.13
C TRP C 463 -14.46 19.91 22.43
N PHE C 464 -14.29 19.49 21.18
CA PHE C 464 -15.41 18.92 20.42
C PHE C 464 -15.87 17.61 21.03
N THR C 465 -14.93 16.68 21.22
CA THR C 465 -15.29 15.39 21.81
C THR C 465 -15.72 15.56 23.26
N GLN C 466 -15.10 16.48 23.99
CA GLN C 466 -15.55 16.77 25.35
C GLN C 466 -17.02 17.20 25.35
N LEU C 467 -17.38 18.12 24.47
CA LEU C 467 -18.76 18.59 24.39
C LEU C 467 -19.71 17.45 24.04
N LEU C 468 -19.35 16.65 23.03
CA LEU C 468 -20.22 15.56 22.60
C LEU C 468 -20.44 14.55 23.72
N ILE C 469 -19.35 14.08 24.33
CA ILE C 469 -19.45 13.07 25.38
C ILE C 469 -20.16 13.64 26.59
N GLY C 470 -19.95 14.93 26.89
CA GLY C 470 -20.65 15.53 28.01
C GLY C 470 -22.15 15.58 27.81
N PHE C 471 -22.58 15.98 26.62
CA PHE C 471 -24.02 16.00 26.35
C PHE C 471 -24.59 14.60 26.38
N LEU C 472 -23.87 13.62 25.84
CA LEU C 472 -24.36 12.25 25.89
C LEU C 472 -24.49 11.75 27.33
N LEU C 473 -23.52 12.08 28.17
CA LEU C 473 -23.57 11.65 29.56
C LEU C 473 -24.68 12.34 30.32
N ILE C 474 -24.91 13.63 30.06
CA ILE C 474 -26.01 14.33 30.72
C ILE C 474 -27.34 13.73 30.30
N TRP C 475 -27.48 13.37 29.03
CA TRP C 475 -28.70 12.72 28.58
C TRP C 475 -28.88 11.37 29.25
N MET C 476 -27.81 10.58 29.33
CA MET C 476 -27.90 9.27 29.98
C MET C 476 -28.23 9.40 31.46
N GLY C 477 -27.77 10.48 32.10
CA GLY C 477 -28.07 10.69 33.50
C GLY C 477 -29.50 11.14 33.72
N LEU C 478 -30.02 11.98 32.82
CA LEU C 478 -31.40 12.43 32.95
C LEU C 478 -32.39 11.30 32.80
N ASN C 479 -31.96 10.12 32.34
CA ASN C 479 -32.85 8.99 32.13
C ASN C 479 -32.48 7.78 32.96
N ALA C 480 -31.49 7.90 33.84
CA ALA C 480 -31.12 6.79 34.70
C ALA C 480 -32.28 6.42 35.61
N ARG C 481 -32.44 5.12 35.86
CA ARG C 481 -33.57 4.64 36.64
C ARG C 481 -33.42 5.05 38.11
N GLY C 482 -32.36 4.59 38.76
CA GLY C 482 -32.10 4.94 40.14
C GLY C 482 -31.03 6.01 40.26
N GLY C 483 -30.91 6.55 41.47
CA GLY C 483 -29.91 7.55 41.76
C GLY C 483 -28.52 6.97 41.81
N THR C 484 -27.57 7.84 42.18
CA THR C 484 -26.16 7.52 42.39
C THR C 484 -25.46 7.15 41.08
N VAL C 485 -26.21 7.06 39.99
CA VAL C 485 -25.62 6.89 38.67
C VAL C 485 -26.15 8.01 37.78
N ALA C 486 -27.34 8.51 38.11
CA ALA C 486 -27.83 9.70 37.43
C ALA C 486 -27.00 10.91 37.79
N MET C 487 -26.80 11.14 39.09
CA MET C 487 -26.00 12.29 39.53
C MET C 487 -24.56 12.12 39.10
N SER C 488 -24.04 10.90 39.10
CA SER C 488 -22.66 10.68 38.65
C SER C 488 -22.51 11.01 37.17
N PHE C 489 -23.43 10.53 36.34
CA PHE C 489 -23.37 10.81 34.91
C PHE C 489 -23.51 12.30 34.64
N MET C 490 -24.48 12.95 35.29
CA MET C 490 -24.68 14.37 35.05
C MET C 490 -23.51 15.19 35.57
N GLY C 491 -22.89 14.78 36.68
CA GLY C 491 -21.74 15.50 37.18
C GLY C 491 -20.55 15.40 36.25
N ILE C 492 -20.27 14.20 35.75
CA ILE C 492 -19.17 14.03 34.80
C ILE C 492 -19.45 14.82 33.53
N GLY C 493 -20.69 14.81 33.05
CA GLY C 493 -21.02 15.57 31.86
C GLY C 493 -20.84 17.06 32.06
N ALA C 494 -21.31 17.58 33.20
CA ALA C 494 -21.15 19.00 33.47
C ALA C 494 -19.68 19.37 33.62
N MET C 495 -18.88 18.49 34.22
CA MET C 495 -17.44 18.74 34.29
C MET C 495 -16.82 18.82 32.91
N LEU C 496 -17.19 17.88 32.03
CA LEU C 496 -16.64 17.89 30.68
C LEU C 496 -17.04 19.15 29.93
N ILE C 497 -18.29 19.59 30.09
CA ILE C 497 -18.75 20.80 29.41
C ILE C 497 -18.04 22.03 29.95
N PHE C 498 -17.83 22.08 31.27
CA PHE C 498 -17.08 23.19 31.85
C PHE C 498 -15.64 23.22 31.34
N LEU C 499 -15.04 22.04 31.16
CA LEU C 499 -13.67 22.00 30.64
C LEU C 499 -13.63 22.41 29.18
N ALA C 500 -14.67 22.08 28.42
CA ALA C 500 -14.65 22.34 26.98
C ALA C 500 -14.76 23.82 26.67
N THR C 501 -15.59 24.55 27.44
CA THR C 501 -15.87 25.95 27.16
C THR C 501 -14.98 26.89 27.97
N SER C 502 -13.86 26.41 28.49
CA SER C 502 -12.99 27.26 29.29
C SER C 502 -12.12 28.11 28.38
N VAL C 503 -11.32 28.99 29.00
CA VAL C 503 -10.54 29.99 28.28
C VAL C 503 -9.16 30.05 28.92
N SER C 504 -8.21 30.59 28.16
CA SER C 504 -6.84 30.80 28.61
C SER C 504 -6.13 29.48 28.85
N ILE D 2 0.93 13.95 2.37
CA ILE D 2 1.13 13.28 3.64
C ILE D 2 -0.09 13.50 4.52
N THR D 3 -0.02 13.06 5.76
CA THR D 3 -1.05 13.35 6.75
C THR D 3 -0.36 13.45 8.11
N LEU D 4 -0.02 14.66 8.50
CA LEU D 4 0.67 14.87 9.76
C LEU D 4 -0.31 14.73 10.92
N PRO D 5 0.16 14.27 12.07
CA PRO D 5 -0.75 14.09 13.21
C PRO D 5 -1.08 15.43 13.84
N SER D 6 -2.24 15.48 14.48
CA SER D 6 -2.71 16.69 15.14
C SER D 6 -2.33 16.67 16.61
N HIS D 7 -1.70 17.74 17.07
CA HIS D 7 -1.26 17.84 18.45
C HIS D 7 -2.44 18.03 19.39
N ALA D 8 -2.38 17.38 20.54
CA ALA D 8 -3.42 17.55 21.53
C ALA D 8 -3.34 18.93 22.18
N SER D 9 -4.48 19.42 22.64
CA SER D 9 -4.57 20.77 23.18
C SER D 9 -3.88 20.87 24.53
N GLN D 10 -2.94 21.82 24.64
CA GLN D 10 -2.29 22.10 25.91
C GLN D 10 -3.02 23.18 26.70
N LYS D 11 -4.26 23.46 26.35
CA LYS D 11 -5.09 24.35 27.14
C LYS D 11 -5.29 23.75 28.53
N LEU D 12 -5.33 24.63 29.53
CA LEU D 12 -5.52 24.26 30.93
C LEU D 12 -4.36 23.45 31.49
N GLU D 13 -3.19 23.47 30.85
CA GLU D 13 -1.99 22.94 31.45
C GLU D 13 -1.14 24.03 32.10
N THR D 14 -1.15 25.23 31.52
CA THR D 14 -0.46 26.38 32.08
C THR D 14 -1.39 27.58 32.01
N ARG D 15 -0.86 28.78 32.25
CA ARG D 15 -1.64 29.99 32.08
C ARG D 15 -1.47 30.61 30.70
N SER D 16 -0.49 30.16 29.93
CA SER D 16 -0.24 30.72 28.62
C SER D 16 -1.26 30.22 27.61
N SER D 17 -1.33 30.92 26.49
CA SER D 17 -2.18 30.52 25.37
C SER D 17 -1.38 29.64 24.42
N THR D 18 -2.08 28.70 23.81
CA THR D 18 -1.44 27.72 22.94
C THR D 18 -1.06 28.37 21.60
N TRP D 19 -0.58 27.56 20.67
CA TRP D 19 0.11 28.09 19.49
C TRP D 19 -0.84 28.87 18.58
N LEU D 20 -1.97 28.27 18.23
CA LEU D 20 -2.95 28.94 17.39
C LEU D 20 -4.32 28.91 18.04
N GLU D 21 -4.37 29.33 19.31
CA GLU D 21 -5.58 29.18 20.10
C GLU D 21 -6.76 29.98 19.55
N SER D 22 -6.50 31.06 18.81
CA SER D 22 -7.59 31.86 18.27
C SER D 22 -8.44 31.09 17.27
N ARG D 23 -7.92 30.01 16.69
CA ARG D 23 -8.63 29.23 15.69
C ARG D 23 -9.06 27.87 16.21
N GLU D 24 -9.03 27.66 17.52
CA GLU D 24 -9.30 26.32 18.04
C GLU D 24 -10.75 25.90 17.86
N TYR D 25 -11.67 26.86 17.77
CA TYR D 25 -13.08 26.52 17.56
C TYR D 25 -13.46 26.53 16.09
N SER D 26 -12.96 27.51 15.33
CA SER D 26 -13.31 27.62 13.92
C SER D 26 -12.85 26.39 13.14
N LYS D 27 -11.80 25.72 13.61
CA LYS D 27 -11.19 24.61 12.88
C LYS D 27 -12.21 23.54 12.53
N TYR D 28 -12.90 23.00 13.53
CA TYR D 28 -13.84 21.92 13.26
C TYR D 28 -15.15 22.44 12.70
N LEU D 29 -15.61 23.59 13.19
CA LEU D 29 -16.91 24.11 12.78
C LEU D 29 -16.93 24.42 11.30
N ILE D 30 -15.92 25.15 10.82
CA ILE D 30 -15.89 25.55 9.41
C ILE D 30 -15.81 24.31 8.52
N LYS D 31 -14.96 23.35 8.90
CA LYS D 31 -14.83 22.13 8.11
C LYS D 31 -16.16 21.40 8.01
N VAL D 32 -16.82 21.17 9.14
CA VAL D 32 -18.08 20.43 9.13
C VAL D 32 -19.13 21.17 8.32
N GLU D 33 -19.22 22.50 8.50
CA GLU D 33 -20.24 23.27 7.81
C GLU D 33 -20.01 23.28 6.29
N ASN D 34 -18.76 23.49 5.87
CA ASN D 34 -18.47 23.49 4.44
C ASN D 34 -18.74 22.13 3.82
N TRP D 35 -18.38 21.06 4.53
CA TRP D 35 -18.68 19.73 3.99
C TRP D 35 -20.18 19.51 3.86
N ILE D 36 -20.95 19.90 4.89
CA ILE D 36 -22.38 19.68 4.84
C ILE D 36 -23.02 20.50 3.71
N LEU D 37 -22.49 21.68 3.44
CA LEU D 37 -23.04 22.46 2.33
C LEU D 37 -22.64 21.88 0.99
N ARG D 38 -21.46 21.27 0.89
CA ARG D 38 -21.05 20.69 -0.39
C ARG D 38 -21.74 19.37 -0.71
N ASN D 39 -22.41 18.74 0.26
CA ASN D 39 -22.99 17.41 0.08
C ASN D 39 -24.33 17.32 0.79
N PRO D 40 -25.38 17.91 0.22
CA PRO D 40 -26.67 17.92 0.92
C PRO D 40 -27.46 16.62 0.83
N GLY D 41 -27.17 15.74 -0.13
CA GLY D 41 -27.92 14.49 -0.21
C GLY D 41 -27.56 13.50 0.87
N TYR D 42 -26.30 13.55 1.34
CA TYR D 42 -25.91 12.68 2.44
C TYR D 42 -26.77 12.93 3.67
N ALA D 43 -27.27 14.15 3.83
CA ALA D 43 -28.18 14.41 4.94
C ALA D 43 -29.42 13.52 4.86
N LEU D 44 -29.97 13.39 3.66
CA LEU D 44 -31.12 12.52 3.48
C LEU D 44 -30.75 11.05 3.71
N VAL D 45 -29.58 10.64 3.21
CA VAL D 45 -29.14 9.27 3.44
C VAL D 45 -29.03 8.98 4.92
N ALA D 46 -28.41 9.89 5.67
CA ALA D 46 -28.22 9.69 7.10
C ALA D 46 -29.55 9.71 7.84
N ALA D 47 -30.47 10.59 7.43
CA ALA D 47 -31.79 10.60 8.04
C ALA D 47 -32.48 9.26 7.87
N VAL D 48 -32.46 8.71 6.66
CA VAL D 48 -33.10 7.43 6.42
C VAL D 48 -32.46 6.32 7.26
N ILE D 49 -31.13 6.26 7.24
CA ILE D 49 -30.43 5.18 7.95
C ILE D 49 -30.69 5.28 9.45
N GLY D 50 -30.61 6.49 10.01
CA GLY D 50 -30.82 6.65 11.44
C GLY D 50 -32.25 6.42 11.86
N TRP D 51 -33.21 6.79 11.02
CA TRP D 51 -34.61 6.54 11.37
C TRP D 51 -34.95 5.06 11.25
N THR D 52 -34.24 4.33 10.39
CA THR D 52 -34.50 2.90 10.30
C THR D 52 -33.80 2.13 11.41
N LEU D 53 -32.60 2.54 11.81
CA LEU D 53 -31.83 1.78 12.79
C LEU D 53 -32.41 1.94 14.19
N GLY D 54 -32.69 3.17 14.60
CA GLY D 54 -33.12 3.41 15.96
C GLY D 54 -34.60 3.11 16.16
N SER D 55 -34.93 2.71 17.38
CA SER D 55 -36.32 2.40 17.74
C SER D 55 -37.01 3.61 18.36
N SER D 56 -36.49 4.12 19.47
CA SER D 56 -37.04 5.31 20.08
C SER D 56 -36.52 6.56 19.37
N ARG D 57 -37.28 7.65 19.50
CA ARG D 57 -36.93 8.87 18.79
C ARG D 57 -35.55 9.40 19.20
N SER D 58 -35.18 9.22 20.47
CA SER D 58 -33.86 9.67 20.91
C SER D 58 -32.76 8.85 20.24
N GLN D 59 -32.95 7.52 20.14
CA GLN D 59 -31.98 6.70 19.45
C GLN D 59 -31.84 7.10 17.99
N LYS D 60 -32.96 7.42 17.35
CA LYS D 60 -32.90 7.84 15.94
C LYS D 60 -32.13 9.15 15.80
N ILE D 61 -32.42 10.13 16.67
CA ILE D 61 -31.70 11.40 16.63
C ILE D 61 -30.21 11.18 16.84
N ILE D 62 -29.85 10.31 17.79
CA ILE D 62 -28.45 10.09 18.09
C ILE D 62 -27.74 9.41 16.92
N PHE D 63 -28.40 8.44 16.30
CA PHE D 63 -27.83 7.78 15.13
C PHE D 63 -27.59 8.77 14.01
N VAL D 64 -28.59 9.61 13.72
CA VAL D 64 -28.46 10.60 12.66
C VAL D 64 -27.31 11.56 12.95
N THR D 65 -27.21 12.02 14.20
CA THR D 65 -26.14 12.95 14.55
C THR D 65 -24.77 12.30 14.41
N LEU D 66 -24.64 11.05 14.87
CA LEU D 66 -23.35 10.38 14.78
C LEU D 66 -22.94 10.16 13.33
N LEU D 67 -23.89 9.81 12.46
CA LEU D 67 -23.56 9.64 11.05
C LEU D 67 -23.17 10.96 10.40
N MET D 68 -23.91 12.02 10.70
CA MET D 68 -23.60 13.34 10.15
C MET D 68 -22.26 13.85 10.65
N LEU D 69 -21.82 13.39 11.82
CA LEU D 69 -20.51 13.79 12.30
C LEU D 69 -19.40 12.92 11.74
N VAL D 70 -19.70 11.65 11.46
CA VAL D 70 -18.68 10.75 10.93
C VAL D 70 -18.34 11.12 9.49
N ALA D 71 -19.34 11.50 8.71
CA ALA D 71 -19.10 11.72 7.27
C ALA D 71 -18.03 12.77 6.97
N PRO D 72 -18.16 14.02 7.44
CA PRO D 72 -17.23 15.06 6.95
C PRO D 72 -15.78 14.82 7.30
N ALA D 73 -15.50 14.30 8.49
CA ALA D 73 -14.16 13.86 8.87
C ALA D 73 -14.17 12.35 8.74
N TYR D 74 -13.73 11.87 7.58
CA TYR D 74 -14.01 10.49 7.17
C TYR D 74 -13.56 9.46 8.20
N SER D 75 -12.69 9.84 9.14
CA SER D 75 -12.29 8.99 10.24
C SER D 75 -11.79 7.65 9.76
N ILE E 1 -2.54 -0.66 -36.52
CA ILE E 1 -1.55 -1.50 -35.85
C ILE E 1 -1.05 -0.84 -34.57
N ARG E 2 -1.36 0.44 -34.39
CA ARG E 2 -0.91 1.17 -33.21
C ARG E 2 -1.60 0.70 -31.94
N CYS E 3 -2.49 -0.28 -32.00
CA CYS E 3 -3.27 -0.72 -30.86
C CYS E 3 -2.83 -2.07 -30.33
N ILE E 4 -1.71 -2.60 -30.82
CA ILE E 4 -1.41 -4.01 -30.59
C ILE E 4 -0.83 -4.22 -29.20
N GLY E 5 0.27 -3.55 -28.89
CA GLY E 5 0.89 -3.75 -27.59
C GLY E 5 0.27 -2.97 -26.44
N ILE E 6 -1.02 -2.70 -26.52
CA ILE E 6 -1.72 -1.88 -25.53
C ILE E 6 -2.52 -2.80 -24.63
N GLY E 7 -2.45 -2.57 -23.33
CA GLY E 7 -3.13 -3.41 -22.37
C GLY E 7 -4.61 -3.15 -22.29
N ASN E 8 -5.02 -1.91 -22.39
CA ASN E 8 -6.43 -1.53 -22.41
C ASN E 8 -6.83 -1.37 -23.86
N ARG E 9 -7.49 -2.40 -24.40
CA ARG E 9 -7.81 -2.45 -25.82
C ARG E 9 -9.19 -3.08 -26.00
N ASP E 10 -9.97 -2.51 -26.89
CA ASP E 10 -11.32 -2.97 -27.16
C ASP E 10 -11.45 -3.41 -28.60
N PHE E 11 -12.38 -4.32 -28.84
CA PHE E 11 -12.62 -4.88 -30.17
C PHE E 11 -14.08 -4.66 -30.53
N ILE E 12 -14.33 -3.80 -31.51
CA ILE E 12 -15.66 -3.54 -32.02
C ILE E 12 -15.81 -4.36 -33.30
N GLU E 13 -16.53 -5.47 -33.19
CA GLU E 13 -16.92 -6.25 -34.36
C GLU E 13 -18.09 -5.52 -35.01
N GLY E 14 -17.78 -4.76 -36.06
CA GLY E 14 -18.75 -3.83 -36.60
C GLY E 14 -20.03 -4.51 -37.05
N MET E 15 -21.08 -3.70 -37.14
CA MET E 15 -22.36 -4.18 -37.64
C MET E 15 -22.21 -4.74 -39.04
N SER E 16 -23.05 -5.73 -39.36
CA SER E 16 -23.04 -6.30 -40.70
C SER E 16 -23.95 -5.50 -41.64
N GLY E 17 -25.18 -5.26 -41.21
CA GLY E 17 -26.15 -4.58 -42.05
C GLY E 17 -25.90 -3.09 -42.16
N GLY E 18 -25.81 -2.41 -41.01
CA GLY E 18 -25.62 -0.98 -40.98
C GLY E 18 -24.27 -0.57 -41.52
N THR E 19 -24.02 0.74 -41.47
CA THR E 19 -22.75 1.28 -41.93
C THR E 19 -22.13 2.28 -40.96
N TRP E 20 -22.81 2.61 -39.86
CA TRP E 20 -22.24 3.47 -38.84
C TRP E 20 -22.24 2.74 -37.51
N VAL E 21 -21.31 3.13 -36.65
CA VAL E 21 -21.22 2.55 -35.31
C VAL E 21 -20.76 3.63 -34.35
N ASP E 22 -21.31 3.60 -33.14
CA ASP E 22 -20.93 4.55 -32.10
C ASP E 22 -19.77 4.00 -31.29
N ILE E 23 -18.72 4.81 -31.11
CA ILE E 23 -17.59 4.43 -30.28
C ILE E 23 -17.33 5.52 -29.25
N VAL E 24 -16.62 5.15 -28.20
CA VAL E 24 -16.23 6.07 -27.14
C VAL E 24 -14.74 5.90 -26.94
N LEU E 25 -13.95 6.85 -27.42
CA LEU E 25 -12.51 6.82 -27.22
C LEU E 25 -12.17 7.31 -25.82
N GLU E 26 -11.17 6.70 -25.21
CA GLU E 26 -10.69 7.12 -23.90
C GLU E 26 -9.19 7.31 -23.95
N HIS E 27 -8.69 8.13 -23.02
CA HIS E 27 -7.29 8.51 -23.07
C HIS E 27 -6.37 7.35 -22.75
N GLY E 28 -6.78 6.47 -21.85
CA GLY E 28 -5.95 5.34 -21.50
C GLY E 28 -6.09 4.13 -22.39
N GLY E 29 -7.15 4.05 -23.18
CA GLY E 29 -7.44 2.89 -23.99
C GLY E 29 -7.13 3.09 -25.46
N CYS E 30 -7.71 2.23 -26.28
CA CYS E 30 -7.55 2.24 -27.73
C CYS E 30 -8.54 1.24 -28.30
N VAL E 31 -9.14 1.56 -29.45
CA VAL E 31 -10.23 0.76 -29.99
C VAL E 31 -9.83 0.22 -31.36
N THR E 32 -10.12 -1.05 -31.59
CA THR E 32 -9.90 -1.71 -32.86
C THR E 32 -11.25 -2.06 -33.45
N VAL E 33 -11.57 -1.52 -34.62
CA VAL E 33 -12.86 -1.69 -35.26
C VAL E 33 -12.66 -2.55 -36.50
N MET E 34 -13.44 -3.62 -36.61
CA MET E 34 -13.42 -4.48 -37.77
C MET E 34 -14.83 -4.67 -38.30
N SER E 35 -14.99 -4.48 -39.60
CA SER E 35 -16.26 -4.69 -40.30
C SER E 35 -16.05 -5.71 -41.42
N ASN E 36 -17.15 -6.10 -42.05
CA ASN E 36 -17.17 -7.28 -42.92
C ASN E 36 -16.16 -7.24 -44.06
N ASN E 37 -16.33 -6.32 -45.00
CA ASN E 37 -15.48 -6.28 -46.18
C ASN E 37 -14.63 -5.01 -46.22
N LYS E 38 -14.30 -4.48 -45.07
CA LYS E 38 -13.50 -3.28 -44.93
C LYS E 38 -12.25 -3.60 -44.14
N PRO E 39 -11.20 -2.80 -44.27
CA PRO E 39 -10.00 -3.01 -43.46
C PRO E 39 -10.27 -2.74 -41.98
N THR E 40 -9.40 -3.29 -41.15
CA THR E 40 -9.47 -3.09 -39.71
C THR E 40 -8.76 -1.80 -39.34
N LEU E 41 -9.37 -1.02 -38.45
CA LEU E 41 -8.86 0.29 -38.07
C LEU E 41 -8.60 0.37 -36.57
N ASP E 42 -7.58 1.14 -36.20
CA ASP E 42 -7.25 1.41 -34.81
C ASP E 42 -7.40 2.89 -34.53
N PHE E 43 -8.17 3.22 -33.48
CA PHE E 43 -8.44 4.58 -33.06
C PHE E 43 -7.88 4.81 -31.67
N GLU E 44 -7.21 5.94 -31.47
CA GLU E 44 -6.64 6.29 -30.18
C GLU E 44 -6.74 7.79 -29.94
N LEU E 45 -7.47 8.18 -28.89
CA LEU E 45 -7.51 9.57 -28.45
C LEU E 45 -6.24 9.85 -27.64
N VAL E 46 -5.37 10.72 -28.16
CA VAL E 46 -4.04 10.86 -27.59
C VAL E 46 -3.84 12.16 -26.81
N THR E 47 -4.64 13.18 -27.05
CA THR E 47 -4.41 14.47 -26.40
C THR E 47 -5.70 15.26 -26.31
N THR E 48 -5.93 15.88 -25.17
CA THR E 48 -6.92 16.95 -25.05
C THR E 48 -6.17 18.26 -24.81
N THR E 49 -6.63 19.32 -25.46
CA THR E 49 -5.95 20.61 -25.31
C THR E 49 -6.98 21.71 -25.12
N ALA E 50 -6.72 22.58 -24.15
CA ALA E 50 -7.56 23.73 -23.87
C ALA E 50 -6.75 25.00 -24.06
N SER E 51 -7.33 25.97 -24.74
CA SER E 51 -6.68 27.22 -25.06
C SER E 51 -7.51 28.39 -24.55
N ASN E 52 -6.83 29.50 -24.25
CA ASN E 52 -7.47 30.74 -23.80
C ASN E 52 -8.43 30.48 -22.64
N MET E 53 -7.87 30.01 -21.55
CA MET E 53 -8.66 29.77 -20.35
C MET E 53 -8.84 31.07 -19.56
N ALA E 54 -9.92 31.14 -18.80
CA ALA E 54 -10.29 32.38 -18.14
C ALA E 54 -9.83 32.35 -16.68
N GLU E 55 -9.00 33.31 -16.29
CA GLU E 55 -8.56 33.40 -14.90
C GLU E 55 -9.75 33.63 -13.99
N VAL E 56 -9.86 32.84 -12.93
CA VAL E 56 -10.99 32.89 -12.02
C VAL E 56 -10.60 33.48 -10.68
N ARG E 57 -9.54 32.97 -10.06
CA ARG E 57 -9.18 33.38 -8.72
C ARG E 57 -7.75 32.94 -8.42
N SER E 58 -7.00 33.81 -7.77
CA SER E 58 -5.65 33.50 -7.31
C SER E 58 -5.64 33.40 -5.79
N TYR E 59 -4.91 32.42 -5.28
CA TYR E 59 -4.68 32.25 -3.86
C TYR E 59 -3.21 32.42 -3.56
N CYS E 60 -2.92 33.08 -2.44
CA CYS E 60 -1.55 33.18 -1.95
C CYS E 60 -1.24 32.00 -1.03
N TYR E 61 -0.12 31.35 -1.26
CA TYR E 61 0.31 30.29 -0.35
C TYR E 61 1.65 30.57 0.32
N GLU E 62 2.37 31.62 -0.07
CA GLU E 62 3.54 32.03 0.70
C GLU E 62 3.63 33.54 0.74
N ALA E 63 3.75 34.09 1.94
CA ALA E 63 3.63 35.52 2.17
C ALA E 63 4.71 36.02 3.14
N ASN E 64 4.87 37.33 3.17
CA ASN E 64 5.72 38.03 4.13
C ASN E 64 4.89 39.10 4.84
N ILE E 65 5.40 39.56 5.98
CA ILE E 65 4.88 40.75 6.64
C ILE E 65 6.04 41.64 7.02
N SER E 66 5.79 42.94 7.07
CA SER E 66 6.83 43.91 7.39
C SER E 66 6.16 45.21 7.84
N GLU E 67 6.99 46.17 8.24
CA GLU E 67 6.55 47.48 8.72
C GLU E 67 5.51 47.35 9.83
N MET E 68 5.86 46.60 10.87
CA MET E 68 4.97 46.45 12.00
C MET E 68 4.85 47.74 12.77
N ALA E 69 3.63 48.09 13.16
CA ALA E 69 3.37 49.28 13.94
C ALA E 69 2.30 48.95 14.97
N SER E 70 2.28 49.73 16.05
CA SER E 70 1.35 49.45 17.13
C SER E 70 0.89 50.75 17.76
N ASP E 71 -0.30 50.72 18.35
CA ASP E 71 -0.86 51.87 19.03
C ASP E 71 -1.64 51.39 20.24
N SER E 72 -1.45 52.05 21.37
CA SER E 72 -2.06 51.64 22.63
C SER E 72 -2.81 52.80 23.26
N ARG E 73 -3.86 52.47 24.00
CA ARG E 73 -4.66 53.45 24.73
C ARG E 73 -4.76 53.04 26.19
N CYS E 74 -4.86 54.05 27.06
CA CYS E 74 -5.11 53.81 28.46
C CYS E 74 -6.55 53.36 28.67
N PRO E 75 -6.85 52.69 29.78
CA PRO E 75 -8.22 52.20 30.00
C PRO E 75 -9.23 53.33 30.00
N THR E 76 -10.45 52.99 29.59
CA THR E 76 -11.55 53.95 29.45
C THR E 76 -11.15 55.13 28.57
N GLN E 77 -10.50 54.80 27.44
CA GLN E 77 -10.15 55.81 26.45
C GLN E 77 -10.44 55.32 25.04
N GLY E 78 -11.36 54.38 24.90
CA GLY E 78 -11.76 53.91 23.60
C GLY E 78 -10.79 52.92 22.99
N GLU E 79 -11.00 52.65 21.71
CA GLU E 79 -10.20 51.71 20.96
C GLU E 79 -8.96 52.39 20.40
N ALA E 80 -7.90 51.61 20.25
CA ALA E 80 -6.71 52.11 19.60
C ALA E 80 -6.89 52.16 18.10
N TYR E 81 -6.22 53.12 17.46
CA TYR E 81 -6.40 53.32 16.03
C TYR E 81 -5.08 53.72 15.40
N LEU E 82 -4.80 53.12 14.24
CA LEU E 82 -3.64 53.47 13.44
C LEU E 82 -4.10 53.91 12.06
N ASP E 83 -3.33 54.78 11.43
CA ASP E 83 -3.66 55.23 10.09
C ASP E 83 -3.63 54.07 9.09
N LYS E 84 -2.72 53.12 9.26
CA LYS E 84 -2.65 51.97 8.38
C LYS E 84 -3.92 51.11 8.42
N MET E 85 -4.77 51.29 9.41
CA MET E 85 -6.04 50.59 9.40
C MET E 85 -6.95 51.05 8.27
N ALA E 86 -6.61 52.15 7.60
CA ALA E 86 -7.31 52.62 6.42
C ALA E 86 -6.67 52.14 5.13
N ASP E 87 -5.46 51.60 5.18
CA ASP E 87 -4.78 51.07 4.01
C ASP E 87 -5.12 49.60 3.86
N SER E 88 -5.50 49.19 2.65
CA SER E 88 -5.88 47.80 2.40
C SER E 88 -4.68 46.88 2.22
N GLN E 89 -3.48 47.43 2.08
CA GLN E 89 -2.27 46.61 1.99
C GLN E 89 -1.74 46.21 3.35
N PHE E 90 -2.48 46.47 4.42
CA PHE E 90 -2.06 46.18 5.78
C PHE E 90 -3.07 45.28 6.44
N VAL E 91 -2.59 44.37 7.27
CA VAL E 91 -3.44 43.52 8.09
C VAL E 91 -3.25 43.94 9.53
N CYS E 92 -4.36 44.12 10.24
CA CYS E 92 -4.33 44.72 11.57
C CYS E 92 -5.23 43.92 12.50
N LYS E 93 -4.95 44.04 13.80
CA LYS E 93 -5.79 43.39 14.79
C LYS E 93 -5.71 44.13 16.12
N ARG E 94 -6.81 44.05 16.87
CA ARG E 94 -6.96 44.73 18.16
C ARG E 94 -6.99 43.72 19.29
N GLY E 95 -6.37 44.07 20.40
CA GLY E 95 -6.40 43.28 21.61
C GLY E 95 -6.32 44.13 22.86
N TYR E 96 -6.11 43.49 24.00
CA TYR E 96 -6.04 44.18 25.29
C TYR E 96 -4.76 43.82 26.01
N VAL E 97 -4.13 44.80 26.62
CA VAL E 97 -2.98 44.59 27.48
C VAL E 97 -3.32 45.15 28.87
N ASP E 98 -2.45 44.87 29.82
CA ASP E 98 -2.58 45.42 31.16
C ASP E 98 -1.90 46.78 31.22
N ARG E 99 -2.57 47.74 31.83
CA ARG E 99 -2.08 49.10 31.92
C ARG E 99 -2.17 49.59 33.35
N GLY E 100 -1.18 50.39 33.75
CA GLY E 100 -1.15 50.96 35.07
C GLY E 100 -0.06 51.99 35.18
N TRP E 101 0.23 52.38 36.42
CA TRP E 101 1.24 53.40 36.67
C TRP E 101 2.61 52.96 36.16
N GLY E 102 2.87 51.66 36.12
CA GLY E 102 4.16 51.19 35.67
C GLY E 102 4.38 51.36 34.19
N ASN E 103 3.30 51.35 33.40
CA ASN E 103 3.41 51.48 31.95
C ASN E 103 3.43 52.92 31.48
N GLY E 104 2.80 53.83 32.22
CA GLY E 104 2.72 55.21 31.80
C GLY E 104 1.30 55.69 31.70
N CYS E 105 0.38 54.93 32.28
CA CYS E 105 -1.04 55.26 32.27
C CYS E 105 -1.47 55.67 33.68
N GLY E 106 -2.54 56.47 33.73
CA GLY E 106 -3.04 56.97 34.99
C GLY E 106 -4.04 56.10 35.69
N LEU E 107 -4.55 55.06 35.04
CA LEU E 107 -5.47 54.14 35.65
C LEU E 107 -4.95 52.72 35.51
N PHE E 108 -5.67 51.77 36.10
CA PHE E 108 -5.30 50.36 36.07
C PHE E 108 -6.39 49.59 35.36
N GLY E 109 -6.02 48.76 34.40
CA GLY E 109 -6.99 47.90 33.77
C GLY E 109 -6.57 47.52 32.37
N LYS E 110 -7.53 46.99 31.63
CA LYS E 110 -7.29 46.53 30.27
C LYS E 110 -7.28 47.72 29.33
N GLY E 111 -6.12 48.04 28.78
CA GLY E 111 -6.01 49.04 27.76
C GLY E 111 -6.04 48.42 26.37
N SER E 112 -6.55 49.18 25.42
CA SER E 112 -6.69 48.70 24.04
C SER E 112 -5.40 48.88 23.28
N ILE E 113 -5.06 47.91 22.44
CA ILE E 113 -3.88 47.96 21.61
C ILE E 113 -4.23 47.45 20.23
N VAL E 114 -3.54 47.96 19.22
CA VAL E 114 -3.75 47.55 17.84
C VAL E 114 -2.40 47.41 17.16
N THR E 115 -2.26 46.36 16.35
CA THR E 115 -1.03 46.06 15.63
C THR E 115 -1.33 45.92 14.14
N CYS E 116 -0.45 46.47 13.32
CA CYS E 116 -0.60 46.49 11.87
C CYS E 116 0.68 46.07 11.20
N ALA E 117 0.57 45.29 10.13
CA ALA E 117 1.73 44.82 9.38
C ALA E 117 1.41 44.82 7.89
N LYS E 118 2.42 45.09 7.08
CA LYS E 118 2.25 45.15 5.63
C LYS E 118 2.38 43.76 5.02
N PHE E 119 1.29 43.30 4.39
CA PHE E 119 1.23 41.96 3.82
C PHE E 119 1.76 41.97 2.40
N THR E 120 2.49 40.91 2.05
CA THR E 120 3.11 40.81 0.73
C THR E 120 3.12 39.35 0.31
N CYS E 121 2.51 39.05 -0.83
CA CYS E 121 2.50 37.69 -1.34
C CYS E 121 3.79 37.37 -2.05
N VAL E 122 4.41 36.26 -1.69
CA VAL E 122 5.64 35.80 -2.33
C VAL E 122 5.35 34.75 -3.39
N LYS E 123 4.38 33.88 -3.14
CA LYS E 123 4.07 32.80 -4.08
C LYS E 123 2.58 32.50 -4.03
N LYS E 124 1.98 32.40 -5.22
CA LYS E 124 0.55 32.22 -5.38
C LYS E 124 0.24 31.14 -6.41
N LEU E 125 -0.93 30.53 -6.27
CA LEU E 125 -1.43 29.54 -7.20
C LEU E 125 -2.66 30.08 -7.91
N THR E 126 -2.85 29.68 -9.16
CA THR E 126 -3.88 30.26 -10.01
C THR E 126 -4.91 29.21 -10.41
N GLY E 127 -6.14 29.66 -10.55
CA GLY E 127 -7.21 28.82 -11.06
C GLY E 127 -7.79 29.39 -12.35
N LYS E 128 -7.97 28.54 -13.36
CA LYS E 128 -8.55 28.97 -14.61
C LYS E 128 -9.76 28.11 -14.95
N SER E 129 -10.60 28.65 -15.81
CA SER E 129 -11.80 27.98 -16.29
C SER E 129 -11.59 27.59 -17.75
N ILE E 130 -12.09 26.40 -18.08
CA ILE E 130 -11.98 25.82 -19.42
C ILE E 130 -13.37 25.81 -20.04
N GLN E 131 -13.50 26.40 -21.22
CA GLN E 131 -14.80 26.39 -21.87
C GLN E 131 -14.85 25.29 -22.92
N PRO E 132 -16.02 24.65 -23.08
CA PRO E 132 -16.14 23.60 -24.09
C PRO E 132 -15.74 24.04 -25.49
N GLU E 133 -15.78 25.33 -25.78
CA GLU E 133 -15.32 25.85 -27.05
C GLU E 133 -13.83 26.09 -27.07
N ASN E 134 -13.12 25.82 -25.98
CA ASN E 134 -11.67 25.91 -25.94
C ASN E 134 -10.99 24.58 -26.22
N LEU E 135 -11.73 23.49 -26.14
CA LEU E 135 -11.15 22.15 -26.21
C LEU E 135 -10.84 21.76 -27.65
N GLU E 136 -9.76 21.01 -27.81
CA GLU E 136 -9.38 20.45 -29.10
C GLU E 136 -8.83 19.04 -28.88
N TYR E 137 -9.61 18.04 -29.25
CA TYR E 137 -9.19 16.65 -29.13
C TYR E 137 -8.34 16.25 -30.32
N ARG E 138 -7.37 15.38 -30.08
CA ARG E 138 -6.55 14.81 -31.13
C ARG E 138 -6.70 13.30 -31.11
N VAL E 139 -7.09 12.74 -32.25
CA VAL E 139 -7.30 11.31 -32.43
C VAL E 139 -6.34 10.83 -33.51
N LEU E 140 -5.84 9.62 -33.35
CA LEU E 140 -4.98 8.98 -34.33
C LEU E 140 -5.64 7.72 -34.84
N VAL E 141 -5.56 7.51 -36.15
CA VAL E 141 -6.14 6.35 -36.81
C VAL E 141 -5.04 5.62 -37.56
N SER E 142 -5.02 4.31 -37.43
CA SER E 142 -4.09 3.46 -38.16
C SER E 142 -4.86 2.35 -38.86
N VAL E 143 -4.36 1.92 -40.00
CA VAL E 143 -4.98 0.85 -40.77
C VAL E 143 -4.15 -0.42 -40.61
N HIS E 144 -4.84 -1.54 -40.45
CA HIS E 144 -4.20 -2.86 -40.52
C HIS E 144 -3.93 -3.16 -41.99
N ALA E 145 -2.82 -2.62 -42.48
CA ALA E 145 -2.49 -2.70 -43.89
C ALA E 145 -1.23 -3.53 -44.13
N SER E 146 -1.03 -4.57 -43.33
CA SER E 146 0.07 -5.52 -43.50
C SER E 146 1.42 -4.83 -43.44
N GLN E 147 1.52 -3.75 -42.66
CA GLN E 147 2.83 -3.21 -42.33
C GLN E 147 3.58 -4.22 -41.46
N HIS E 148 4.90 -4.20 -41.56
CA HIS E 148 5.68 -5.16 -40.79
C HIS E 148 5.73 -4.74 -39.32
N GLY E 149 6.32 -5.60 -38.49
CA GLY E 149 6.29 -5.40 -37.06
C GLY E 149 7.06 -4.19 -36.57
N GLY E 150 8.04 -3.72 -37.35
CA GLY E 150 8.83 -2.57 -36.94
C GLY E 150 8.16 -1.25 -37.23
N MET E 151 6.84 -1.26 -37.35
CA MET E 151 6.07 -0.04 -37.60
C MET E 151 4.98 0.17 -36.57
N ILE E 152 4.98 -0.57 -35.46
CA ILE E 152 3.88 -0.50 -34.51
C ILE E 152 3.87 0.83 -33.78
N ASN E 153 5.00 1.20 -33.18
CA ASN E 153 5.10 2.48 -32.50
C ASN E 153 6.18 3.32 -33.16
N ASN E 154 6.16 3.35 -34.49
CA ASN E 154 7.19 4.01 -35.29
C ASN E 154 6.60 5.26 -35.90
N ASP E 155 7.17 6.42 -35.56
CA ASP E 155 6.69 7.70 -36.05
C ASP E 155 7.70 8.40 -36.94
N THR E 156 8.55 7.63 -37.62
CA THR E 156 9.52 8.19 -38.56
C THR E 156 8.82 8.45 -39.88
N ASN E 157 8.90 9.70 -40.35
CA ASN E 157 8.26 10.12 -41.61
C ASN E 157 6.76 9.82 -41.60
N HIS E 158 6.13 10.03 -40.44
CA HIS E 158 4.70 9.79 -40.36
C HIS E 158 3.91 10.76 -41.24
N GLN E 159 4.52 11.86 -41.66
CA GLN E 159 3.88 12.80 -42.58
C GLN E 159 3.95 12.35 -44.03
N HIS E 160 4.52 11.17 -44.29
CA HIS E 160 4.56 10.60 -45.63
C HIS E 160 3.69 9.37 -45.78
N ASP E 161 3.22 8.78 -44.68
CA ASP E 161 2.36 7.60 -44.72
C ASP E 161 0.91 8.06 -44.72
N LYS E 162 0.52 8.68 -45.82
CA LYS E 162 -0.82 9.25 -45.93
C LYS E 162 -1.89 8.19 -46.15
N GLU E 163 -1.51 6.94 -46.40
CA GLU E 163 -2.49 5.89 -46.65
C GLU E 163 -2.83 5.07 -45.41
N ASN E 164 -1.85 4.79 -44.55
CA ASN E 164 -2.08 3.93 -43.40
C ASN E 164 -2.33 4.70 -42.11
N ARG E 165 -1.80 5.90 -41.98
CA ARG E 165 -1.93 6.70 -40.77
C ARG E 165 -2.76 7.94 -41.05
N ALA E 166 -3.45 8.41 -40.01
CA ALA E 166 -4.25 9.62 -40.13
C ALA E 166 -4.34 10.31 -38.78
N ARG E 167 -4.33 11.64 -38.80
CA ARG E 167 -4.43 12.47 -37.61
C ARG E 167 -5.66 13.34 -37.72
N ILE E 168 -6.45 13.40 -36.66
CA ILE E 168 -7.75 14.06 -36.67
C ILE E 168 -7.82 15.02 -35.48
N ASP E 169 -8.28 16.24 -35.74
CA ASP E 169 -8.48 17.23 -34.69
C ASP E 169 -9.97 17.56 -34.60
N ILE E 170 -10.56 17.33 -33.43
CA ILE E 170 -11.97 17.56 -33.21
C ILE E 170 -12.14 18.77 -32.31
N THR E 171 -12.90 19.75 -32.76
CA THR E 171 -13.25 20.90 -31.96
C THR E 171 -14.77 21.05 -31.95
N ALA E 172 -15.25 21.96 -31.11
CA ALA E 172 -16.69 22.24 -31.10
C ALA E 172 -17.13 23.04 -32.31
N SER E 173 -16.21 23.77 -32.95
CA SER E 173 -16.51 24.48 -34.18
C SER E 173 -16.40 23.59 -35.41
N ALA E 174 -15.88 22.38 -35.26
CA ALA E 174 -15.79 21.43 -36.37
C ALA E 174 -15.91 20.02 -35.80
N PRO E 175 -17.10 19.64 -35.34
CA PRO E 175 -17.28 18.32 -34.73
C PRO E 175 -17.41 17.18 -35.73
N ARG E 176 -17.29 17.45 -37.03
CA ARG E 176 -17.43 16.44 -38.06
C ARG E 176 -16.24 16.53 -39.00
N VAL E 177 -15.58 15.40 -39.19
CA VAL E 177 -14.43 15.32 -40.09
C VAL E 177 -14.64 14.14 -41.03
N GLU E 178 -14.07 14.23 -42.22
CA GLU E 178 -13.91 13.08 -43.08
C GLU E 178 -12.42 12.87 -43.30
N VAL E 179 -11.98 11.62 -43.16
CA VAL E 179 -10.57 11.27 -43.19
C VAL E 179 -10.32 10.43 -44.41
N GLU E 180 -9.43 10.89 -45.29
CA GLU E 180 -9.05 10.13 -46.46
C GLU E 180 -7.91 9.18 -46.12
N LEU E 181 -7.92 8.00 -46.72
CA LEU E 181 -6.97 6.94 -46.41
C LEU E 181 -6.41 6.34 -47.68
N GLY E 182 -6.04 7.18 -48.63
CA GLY E 182 -5.43 6.69 -49.86
C GLY E 182 -6.36 5.75 -50.60
N SER E 183 -5.85 4.57 -50.92
CA SER E 183 -6.61 3.57 -51.66
C SER E 183 -7.64 2.85 -50.81
N PHE E 184 -7.72 3.13 -49.52
CA PHE E 184 -8.73 2.54 -48.67
C PHE E 184 -10.02 3.32 -48.68
N GLY E 185 -10.07 4.45 -49.36
CA GLY E 185 -11.26 5.28 -49.40
C GLY E 185 -11.21 6.34 -48.32
N SER E 186 -12.24 6.39 -47.49
CA SER E 186 -12.33 7.41 -46.46
C SER E 186 -13.34 6.99 -45.42
N ILE E 187 -13.17 7.52 -44.21
CA ILE E 187 -14.13 7.34 -43.13
C ILE E 187 -14.67 8.71 -42.76
N SER E 188 -15.77 8.73 -42.00
CA SER E 188 -16.29 10.00 -41.53
C SER E 188 -16.66 9.89 -40.06
N MET E 189 -16.13 10.81 -39.25
CA MET E 189 -16.39 10.85 -37.83
C MET E 189 -17.26 12.05 -37.49
N GLU E 190 -18.27 11.83 -36.66
CA GLU E 190 -19.12 12.89 -36.13
C GLU E 190 -19.07 12.76 -34.61
N CYS E 191 -18.25 13.60 -33.98
CA CYS E 191 -18.00 13.49 -32.55
C CYS E 191 -18.78 14.55 -31.78
N GLU E 192 -18.79 14.40 -30.46
CA GLU E 192 -19.48 15.32 -29.55
C GLU E 192 -18.44 15.94 -28.62
N PRO E 193 -17.68 16.92 -29.10
CA PRO E 193 -16.60 17.48 -28.28
C PRO E 193 -17.10 18.39 -27.17
N ARG E 194 -18.41 18.41 -26.96
CA ARG E 194 -19.01 19.24 -25.93
C ARG E 194 -19.65 18.42 -24.82
N SER E 195 -19.42 17.10 -24.80
CA SER E 195 -20.03 16.28 -23.77
C SER E 195 -19.10 15.19 -23.24
N GLY E 196 -17.81 15.29 -23.49
CA GLY E 196 -16.93 14.24 -23.03
C GLY E 196 -16.72 14.23 -21.53
N LEU E 197 -15.96 15.19 -21.02
CA LEU E 197 -15.64 15.26 -19.60
C LEU E 197 -16.19 16.57 -19.05
N ASN E 198 -16.78 16.51 -17.86
CA ASN E 198 -17.50 17.66 -17.34
C ASN E 198 -16.55 18.76 -16.91
N PHE E 199 -15.94 19.45 -17.86
CA PHE E 199 -15.11 20.61 -17.54
C PHE E 199 -15.92 21.78 -17.04
N GLY E 200 -17.25 21.65 -16.97
CA GLY E 200 -18.07 22.73 -16.48
C GLY E 200 -17.99 22.93 -14.98
N ASP E 201 -17.60 21.91 -14.24
CA ASP E 201 -17.39 22.04 -12.80
C ASP E 201 -15.98 21.61 -12.42
N LEU E 202 -15.01 22.02 -13.21
CA LEU E 202 -13.61 21.78 -12.92
C LEU E 202 -12.83 23.03 -13.21
N TYR E 203 -11.81 23.29 -12.40
CA TYR E 203 -10.84 24.34 -12.68
C TYR E 203 -9.50 23.72 -13.02
N TYR E 204 -8.73 24.46 -13.80
CA TYR E 204 -7.36 24.13 -14.12
C TYR E 204 -6.47 24.90 -13.15
N LEU E 205 -5.90 24.19 -12.18
CA LEU E 205 -5.11 24.79 -11.12
C LEU E 205 -3.64 24.69 -11.48
N THR E 206 -2.93 25.81 -11.33
CA THR E 206 -1.49 25.85 -11.56
C THR E 206 -0.80 26.30 -10.28
N MET E 207 0.23 25.56 -9.88
CA MET E 207 1.00 25.88 -8.68
C MET E 207 2.43 25.43 -8.91
N ASN E 208 3.35 26.39 -8.96
CA ASN E 208 4.77 26.11 -9.09
C ASN E 208 5.06 25.13 -10.21
N ASN E 209 4.48 25.42 -11.38
CA ASN E 209 4.69 24.66 -12.61
C ASN E 209 4.15 23.24 -12.55
N LYS E 210 3.19 22.97 -11.67
CA LYS E 210 2.44 21.72 -11.71
C LYS E 210 0.97 22.04 -11.83
N HIS E 211 0.23 21.17 -12.49
CA HIS E 211 -1.13 21.48 -12.88
C HIS E 211 -2.07 20.35 -12.53
N TRP E 212 -3.26 20.72 -12.07
CA TRP E 212 -4.29 19.77 -11.72
C TRP E 212 -5.60 20.21 -12.34
N LEU E 213 -6.51 19.25 -12.45
CA LEU E 213 -7.92 19.49 -12.68
C LEU E 213 -8.63 19.19 -11.37
N VAL E 214 -9.28 20.20 -10.80
CA VAL E 214 -9.85 20.15 -9.47
C VAL E 214 -11.31 20.55 -9.52
N ASN E 215 -12.05 20.13 -8.50
CA ASN E 215 -13.44 20.56 -8.38
C ASN E 215 -13.52 22.06 -8.19
N ARG E 216 -14.71 22.61 -8.45
CA ARG E 216 -14.92 24.04 -8.30
C ARG E 216 -15.29 24.42 -6.87
N ASP E 217 -16.18 23.65 -6.24
CA ASP E 217 -16.57 23.96 -4.88
C ASP E 217 -15.48 23.61 -3.87
N TRP E 218 -14.50 22.81 -4.27
CA TRP E 218 -13.31 22.65 -3.44
C TRP E 218 -12.38 23.83 -3.59
N PHE E 219 -12.23 24.34 -4.81
CA PHE E 219 -11.38 25.49 -5.04
C PHE E 219 -11.94 26.75 -4.40
N HIS E 220 -13.26 26.83 -4.26
CA HIS E 220 -13.85 27.98 -3.60
C HIS E 220 -13.81 27.89 -2.08
N ASP E 221 -13.53 26.72 -1.52
CA ASP E 221 -13.47 26.55 -0.09
C ASP E 221 -12.04 26.56 0.44
N LEU E 222 -11.06 26.90 -0.39
CA LEU E 222 -9.72 27.09 0.10
C LEU E 222 -9.69 28.25 1.08
N SER E 223 -8.81 28.16 2.08
CA SER E 223 -8.77 29.10 3.18
C SER E 223 -7.47 29.90 3.19
N LEU E 224 -7.06 30.37 2.03
CA LEU E 224 -5.88 31.20 1.89
C LEU E 224 -6.26 32.62 1.48
N PRO E 225 -5.34 33.57 1.54
CA PRO E 225 -5.60 34.87 0.96
C PRO E 225 -5.83 34.76 -0.53
N TRP E 226 -6.75 35.56 -1.05
CA TRP E 226 -7.15 35.40 -2.45
C TRP E 226 -7.53 36.74 -3.06
N HIS E 227 -7.50 36.77 -4.38
CA HIS E 227 -8.14 37.84 -5.14
C HIS E 227 -8.70 37.24 -6.43
N THR E 228 -9.46 38.05 -7.15
CA THR E 228 -10.08 37.61 -8.39
C THR E 228 -9.49 38.35 -9.58
N GLY E 229 -9.71 37.77 -10.76
CA GLY E 229 -9.30 38.41 -11.98
C GLY E 229 -7.84 38.16 -12.33
N ALA E 230 -7.34 38.99 -13.23
CA ALA E 230 -5.97 38.89 -13.68
C ALA E 230 -5.00 39.20 -12.54
N THR E 231 -3.72 38.95 -12.79
CA THR E 231 -2.68 39.12 -11.79
C THR E 231 -1.58 40.02 -12.33
N SER E 232 -1.27 41.07 -11.58
CA SER E 232 -0.16 41.96 -11.88
C SER E 232 0.49 42.35 -10.57
N ASN E 233 1.54 43.17 -10.65
CA ASN E 233 2.41 43.41 -9.50
C ASN E 233 1.64 44.04 -8.34
N ASN E 234 2.23 43.95 -7.14
CA ASN E 234 1.76 44.58 -5.90
C ASN E 234 0.23 44.56 -5.80
N HIS E 235 -0.31 43.35 -5.85
CA HIS E 235 -1.75 43.18 -5.95
C HIS E 235 -2.40 43.38 -4.58
N HIS E 236 -3.72 43.22 -4.57
CA HIS E 236 -4.54 43.33 -3.38
C HIS E 236 -5.07 41.95 -3.00
N TRP E 237 -5.17 41.69 -1.70
CA TRP E 237 -5.54 40.37 -1.23
C TRP E 237 -6.66 40.46 -0.21
N ASN E 238 -7.54 39.47 -0.24
CA ASN E 238 -8.61 39.34 0.74
C ASN E 238 -8.26 38.25 1.73
N ASN E 239 -8.75 38.40 2.95
CA ASN E 239 -8.58 37.39 4.00
C ASN E 239 -7.11 37.14 4.31
N LYS E 240 -6.35 38.22 4.41
CA LYS E 240 -4.94 38.09 4.77
C LYS E 240 -4.75 37.50 6.16
N GLU E 241 -5.77 37.52 6.99
CA GLU E 241 -5.71 36.96 8.32
C GLU E 241 -5.61 35.44 8.32
N ALA E 242 -5.64 34.81 7.15
CA ALA E 242 -5.47 33.37 7.07
C ALA E 242 -4.01 32.96 7.15
N LEU E 243 -3.09 33.87 6.88
CA LEU E 243 -1.67 33.58 6.92
C LEU E 243 -0.93 34.35 8.00
N VAL E 244 -1.63 35.11 8.83
CA VAL E 244 -1.00 35.94 9.86
C VAL E 244 -1.73 35.70 11.17
N GLU E 245 -0.95 35.48 12.23
CA GLU E 245 -1.49 35.22 13.56
C GLU E 245 -1.00 36.30 14.52
N PHE E 246 -1.92 36.84 15.30
CA PHE E 246 -1.63 37.84 16.31
C PHE E 246 -1.77 37.21 17.69
N ARG E 247 -0.90 37.60 18.61
CA ARG E 247 -0.92 37.01 19.95
C ARG E 247 -0.56 38.04 21.00
N GLU E 248 -1.28 38.01 22.11
CA GLU E 248 -0.92 38.75 23.32
C GLU E 248 -0.32 37.77 24.32
N ALA E 249 0.94 37.97 24.67
CA ALA E 249 1.66 37.08 25.57
C ALA E 249 1.49 37.56 27.00
N HIS E 250 0.66 36.86 27.76
CA HIS E 250 0.41 37.17 29.18
C HIS E 250 -0.12 38.58 29.37
N ALA E 251 -0.88 39.08 28.39
CA ALA E 251 -1.49 40.41 28.46
C ALA E 251 -0.46 41.51 28.65
N LYS E 252 0.72 41.35 28.07
CA LYS E 252 1.77 42.33 28.22
C LYS E 252 2.16 43.02 26.92
N LYS E 253 2.05 42.34 25.78
CA LYS E 253 2.28 42.98 24.50
C LYS E 253 1.58 42.16 23.43
N GLN E 254 1.64 42.66 22.20
CA GLN E 254 0.99 42.00 21.07
C GLN E 254 1.98 41.88 19.93
N THR E 255 2.07 40.69 19.35
CA THR E 255 2.98 40.42 18.25
C THR E 255 2.24 39.74 17.11
N ALA E 256 2.76 39.94 15.90
CA ALA E 256 2.22 39.33 14.70
C ALA E 256 3.28 38.44 14.07
N VAL E 257 2.88 37.26 13.62
CA VAL E 257 3.79 36.34 12.96
C VAL E 257 3.09 35.69 11.78
N VAL E 258 3.85 35.42 10.73
CA VAL E 258 3.31 34.87 9.49
C VAL E 258 3.54 33.37 9.47
N LEU E 259 2.54 32.62 9.01
CA LEU E 259 2.66 31.18 8.89
C LEU E 259 3.58 30.83 7.72
N GLY E 260 3.94 29.55 7.64
CA GLY E 260 4.90 29.10 6.65
C GLY E 260 4.26 28.79 5.31
N SER E 261 5.14 28.47 4.35
CA SER E 261 4.70 28.16 3.00
C SER E 261 3.72 26.98 3.00
N GLN E 262 2.59 27.16 2.34
CA GLN E 262 1.53 26.16 2.33
C GLN E 262 1.57 25.28 1.10
N GLU E 263 2.71 25.19 0.43
CA GLU E 263 2.81 24.36 -0.76
C GLU E 263 2.50 22.90 -0.44
N GLY E 264 3.20 22.34 0.54
CA GLY E 264 2.97 20.96 0.89
C GLY E 264 1.58 20.69 1.44
N ALA E 265 1.02 21.65 2.17
CA ALA E 265 -0.33 21.47 2.67
C ALA E 265 -1.35 21.43 1.53
N VAL E 266 -1.12 22.23 0.49
CA VAL E 266 -1.98 22.17 -0.68
C VAL E 266 -1.80 20.84 -1.40
N HIS E 267 -0.55 20.41 -1.58
CA HIS E 267 -0.29 19.11 -2.18
C HIS E 267 -1.04 18.00 -1.46
N ALA E 268 -1.07 18.06 -0.14
CA ALA E 268 -1.80 17.04 0.62
C ALA E 268 -3.31 17.22 0.48
N ALA E 269 -3.77 18.45 0.29
CA ALA E 269 -5.20 18.68 0.10
C ALA E 269 -5.68 18.24 -1.27
N LEU E 270 -4.78 18.13 -2.24
CA LEU E 270 -5.10 17.76 -3.62
C LEU E 270 -5.09 16.25 -3.83
N ALA E 271 -5.34 15.46 -2.79
CA ALA E 271 -5.03 14.03 -2.84
C ALA E 271 -5.72 13.33 -4.02
N GLY E 272 -7.01 13.54 -4.17
CA GLY E 272 -7.78 12.83 -5.18
C GLY E 272 -8.02 13.56 -6.49
N ALA E 273 -7.35 14.69 -6.74
CA ALA E 273 -7.59 15.45 -7.94
C ALA E 273 -6.90 14.82 -9.13
N LEU E 274 -7.15 15.35 -10.33
CA LEU E 274 -6.51 14.81 -11.52
C LEU E 274 -5.30 15.65 -11.87
N GLU E 275 -4.28 15.02 -12.42
CA GLU E 275 -3.12 15.78 -12.84
C GLU E 275 -3.27 16.24 -14.28
N ALA E 276 -2.42 17.18 -14.69
CA ALA E 276 -2.45 17.68 -16.05
C ALA E 276 -1.07 18.20 -16.39
N GLU E 277 -0.95 18.75 -17.59
CA GLU E 277 0.32 19.29 -18.07
C GLU E 277 0.07 20.63 -18.74
N SER E 278 1.14 21.29 -19.14
CA SER E 278 1.06 22.58 -19.80
C SER E 278 1.82 22.54 -21.11
N ASP E 279 1.36 23.37 -22.04
CA ASP E 279 2.00 23.61 -23.34
C ASP E 279 1.94 25.12 -23.55
N GLY E 280 2.97 25.82 -23.07
CA GLY E 280 2.91 27.27 -23.03
C GLY E 280 1.78 27.75 -22.13
N HIS E 281 0.75 28.36 -22.73
CA HIS E 281 -0.42 28.78 -21.98
C HIS E 281 -1.59 27.83 -22.17
N LYS E 282 -1.37 26.67 -22.75
CA LYS E 282 -2.44 25.74 -23.09
C LYS E 282 -2.45 24.57 -22.11
N ALA E 283 -3.64 24.21 -21.65
CA ALA E 283 -3.78 23.05 -20.79
C ALA E 283 -3.70 21.79 -21.64
N THR E 284 -2.82 20.87 -21.28
CA THR E 284 -2.69 19.59 -21.94
C THR E 284 -3.21 18.52 -21.00
N ILE E 285 -4.25 17.82 -21.43
CA ILE E 285 -4.99 16.90 -20.57
C ILE E 285 -4.90 15.50 -21.17
N TYR E 286 -4.74 14.51 -20.29
CA TYR E 286 -4.65 13.10 -20.66
C TYR E 286 -5.65 12.29 -19.86
N SER E 287 -6.84 12.84 -19.65
CA SER E 287 -7.91 12.11 -19.00
C SER E 287 -9.23 12.48 -19.65
N GLY E 288 -10.20 11.57 -19.54
CA GLY E 288 -11.50 11.78 -20.12
C GLY E 288 -11.67 11.04 -21.43
N HIS E 289 -12.88 11.16 -21.97
CA HIS E 289 -13.30 10.39 -23.14
C HIS E 289 -13.84 11.32 -24.22
N LEU E 290 -14.28 10.70 -25.31
CA LEU E 290 -14.85 11.43 -26.45
C LEU E 290 -15.73 10.45 -27.21
N LYS E 291 -17.01 10.78 -27.35
CA LYS E 291 -17.94 9.91 -28.06
C LYS E 291 -18.04 10.34 -29.51
N CYS E 292 -17.96 9.38 -30.43
CA CYS E 292 -18.02 9.67 -31.85
C CYS E 292 -18.93 8.65 -32.54
N ARG E 293 -19.45 9.05 -33.69
CA ARG E 293 -20.16 8.16 -34.60
C ARG E 293 -19.32 7.99 -35.86
N LEU E 294 -19.07 6.74 -36.22
CA LEU E 294 -18.21 6.36 -37.32
C LEU E 294 -19.04 5.91 -38.51
N LYS E 295 -18.78 6.46 -39.68
CA LYS E 295 -19.44 6.07 -40.91
C LYS E 295 -18.38 5.53 -41.87
N LEU E 296 -18.58 4.29 -42.32
CA LEU E 296 -17.57 3.53 -43.04
C LEU E 296 -17.99 3.15 -44.45
N ASP E 297 -18.94 3.87 -45.05
CA ASP E 297 -19.43 3.52 -46.38
C ASP E 297 -18.33 3.57 -47.42
N LYS E 298 -17.61 4.69 -47.49
CA LYS E 298 -16.56 4.85 -48.47
C LYS E 298 -15.25 4.23 -48.03
N LEU E 299 -15.29 3.29 -47.10
CA LEU E 299 -14.13 2.51 -46.71
C LEU E 299 -14.13 1.20 -47.48
N ARG E 300 -13.04 0.93 -48.18
CA ARG E 300 -12.95 -0.24 -49.04
C ARG E 300 -11.63 -0.95 -48.83
N LEU E 301 -11.65 -2.27 -49.01
CA LEU E 301 -10.43 -3.04 -48.97
C LEU E 301 -9.54 -2.70 -50.16
N LYS E 302 -8.24 -2.70 -49.94
CA LYS E 302 -7.27 -2.46 -50.98
C LYS E 302 -6.58 -3.78 -51.32
N GLY E 303 -6.42 -4.05 -52.61
CA GLY E 303 -5.77 -5.28 -53.01
C GLY E 303 -6.61 -6.52 -52.84
N MET E 304 -7.93 -6.37 -52.68
CA MET E 304 -8.82 -7.51 -52.67
C MET E 304 -8.90 -8.20 -54.02
N SER E 305 -8.27 -7.64 -55.05
CA SER E 305 -8.22 -8.26 -56.36
C SER E 305 -6.78 -8.58 -56.77
N TYR E 306 -5.94 -8.87 -55.78
CA TYR E 306 -4.58 -9.31 -56.06
C TYR E 306 -4.56 -10.80 -56.37
N ALA E 307 -3.43 -11.26 -56.91
CA ALA E 307 -3.19 -12.67 -57.10
C ALA E 307 -2.51 -13.26 -55.87
N LEU E 308 -2.81 -14.52 -55.60
CA LEU E 308 -2.16 -15.20 -54.49
C LEU E 308 -0.66 -15.30 -54.76
N CYS E 309 0.13 -15.26 -53.69
CA CYS E 309 1.57 -15.35 -53.83
C CYS E 309 1.96 -16.77 -54.21
N THR E 310 3.18 -16.91 -54.73
CA THR E 310 3.69 -18.20 -55.17
C THR E 310 5.05 -18.55 -54.60
N GLY E 311 5.81 -17.59 -54.10
CA GLY E 311 7.12 -17.88 -53.55
C GLY E 311 7.07 -18.56 -52.21
N ALA E 312 8.16 -18.52 -51.46
CA ALA E 312 8.28 -19.20 -50.18
C ALA E 312 8.28 -18.18 -49.05
N PHE E 313 7.41 -18.39 -48.07
CA PHE E 313 7.36 -17.57 -46.87
C PHE E 313 8.26 -18.18 -45.79
N THR E 314 8.83 -17.31 -44.97
CA THR E 314 9.48 -17.72 -43.74
C THR E 314 8.92 -16.92 -42.58
N PHE E 315 9.09 -17.44 -41.38
CA PHE E 315 8.78 -16.67 -40.18
C PHE E 315 9.94 -15.76 -39.86
N ALA E 316 9.68 -14.46 -39.79
CA ALA E 316 10.74 -13.50 -39.48
C ALA E 316 10.95 -13.32 -37.99
N ARG E 317 9.91 -13.54 -37.19
CA ARG E 317 9.99 -13.58 -35.74
C ARG E 317 9.24 -14.80 -35.26
N THR E 318 9.30 -15.05 -33.98
CA THR E 318 8.42 -16.06 -33.41
C THR E 318 7.05 -15.46 -33.17
N PRO E 319 5.98 -16.08 -33.67
CA PRO E 319 4.64 -15.59 -33.38
C PRO E 319 4.38 -15.42 -31.89
N SER E 320 4.11 -14.20 -31.46
CA SER E 320 3.87 -13.90 -30.07
C SER E 320 2.39 -13.67 -29.81
N GLU E 321 2.02 -13.75 -28.56
CA GLU E 321 0.63 -13.63 -28.14
C GLU E 321 0.46 -12.33 -27.37
N THR E 322 -0.58 -11.58 -27.70
CA THR E 322 -0.93 -10.40 -26.94
C THR E 322 -1.86 -10.79 -25.79
N ILE E 323 -1.95 -9.91 -24.80
CA ILE E 323 -2.62 -10.26 -23.55
C ILE E 323 -4.11 -10.51 -23.71
N HIS E 324 -4.68 -10.20 -24.86
CA HIS E 324 -6.10 -10.44 -25.08
C HIS E 324 -6.38 -11.76 -25.77
N GLY E 325 -5.34 -12.49 -26.17
CA GLY E 325 -5.50 -13.79 -26.78
C GLY E 325 -5.23 -13.83 -28.26
N THR E 326 -4.86 -12.72 -28.88
CA THR E 326 -4.55 -12.71 -30.30
C THR E 326 -3.08 -13.03 -30.50
N ALA E 327 -2.70 -13.21 -31.76
CA ALA E 327 -1.34 -13.56 -32.12
C ALA E 327 -0.88 -12.72 -33.29
N THR E 328 0.36 -12.23 -33.22
CA THR E 328 0.94 -11.46 -34.29
C THR E 328 2.00 -12.28 -34.99
N VAL E 329 1.88 -12.41 -36.30
CA VAL E 329 2.75 -13.26 -37.11
C VAL E 329 3.45 -12.37 -38.11
N GLU E 330 4.77 -12.27 -38.01
CA GLU E 330 5.55 -11.51 -38.98
C GLU E 330 6.16 -12.46 -39.99
N LEU E 331 5.85 -12.24 -41.26
CA LEU E 331 6.28 -13.12 -42.34
C LEU E 331 7.26 -12.40 -43.24
N GLN E 332 8.29 -13.10 -43.67
CA GLN E 332 9.18 -12.63 -44.71
C GLN E 332 8.89 -13.40 -45.98
N TYR E 333 8.98 -12.73 -47.12
CA TYR E 333 8.59 -13.31 -48.39
C TYR E 333 9.68 -13.04 -49.42
N ALA E 334 10.18 -14.11 -50.02
CA ALA E 334 11.07 -14.05 -51.16
C ALA E 334 10.25 -14.25 -52.44
N GLY E 335 10.80 -13.79 -53.54
CA GLY E 335 10.04 -13.83 -54.77
C GLY E 335 9.42 -12.49 -55.09
N GLU E 336 9.34 -12.19 -56.38
CA GLU E 336 8.95 -10.85 -56.82
C GLU E 336 7.71 -10.87 -57.70
N ASP E 337 6.67 -11.57 -57.28
CA ASP E 337 5.40 -11.52 -57.99
C ASP E 337 4.57 -10.30 -57.60
N GLY E 338 5.23 -9.25 -57.09
CA GLY E 338 4.59 -7.99 -56.85
C GLY E 338 3.63 -8.07 -55.68
N PRO E 339 2.84 -7.02 -55.49
CA PRO E 339 1.82 -7.06 -54.43
C PRO E 339 0.89 -8.23 -54.64
N CYS E 340 0.96 -9.20 -53.75
CA CYS E 340 0.21 -10.43 -53.89
C CYS E 340 -0.54 -10.71 -52.60
N LYS E 341 -1.53 -11.59 -52.71
CA LYS E 341 -2.35 -11.96 -51.57
C LYS E 341 -1.71 -13.13 -50.83
N VAL E 342 -1.58 -13.01 -49.51
CA VAL E 342 -0.89 -14.01 -48.70
C VAL E 342 -1.84 -15.16 -48.37
N PRO E 343 -1.48 -16.40 -48.70
CA PRO E 343 -2.30 -17.55 -48.32
C PRO E 343 -1.98 -17.99 -46.90
N ILE E 344 -2.99 -17.99 -46.04
CA ILE E 344 -2.78 -18.30 -44.63
C ILE E 344 -4.05 -18.93 -44.07
N VAL E 345 -3.87 -20.06 -43.39
CA VAL E 345 -4.98 -20.81 -42.80
C VAL E 345 -4.68 -21.03 -41.33
N ILE E 346 -5.74 -21.02 -40.53
CA ILE E 346 -5.65 -21.34 -39.11
C ILE E 346 -6.61 -22.49 -38.89
N THR E 347 -6.08 -23.68 -38.64
CA THR E 347 -6.91 -24.87 -38.58
C THR E 347 -6.62 -25.68 -37.34
N SER E 348 -7.67 -26.26 -36.75
CA SER E 348 -7.53 -27.13 -35.60
C SER E 348 -7.70 -28.60 -35.95
N ASP E 349 -7.70 -28.95 -37.25
CA ASP E 349 -7.85 -30.33 -37.68
C ASP E 349 -7.22 -30.45 -39.07
N THR E 350 -6.01 -31.01 -39.13
CA THR E 350 -5.33 -31.13 -40.40
C THR E 350 -5.95 -32.16 -41.32
N ASN E 351 -6.89 -32.97 -40.83
CA ASN E 351 -7.62 -33.86 -41.72
C ASN E 351 -8.60 -33.08 -42.58
N SER E 352 -9.43 -32.25 -41.95
CA SER E 352 -10.37 -31.42 -42.69
C SER E 352 -9.71 -30.18 -43.27
N MET E 353 -8.70 -29.64 -42.58
CA MET E 353 -8.07 -28.37 -42.94
C MET E 353 -9.07 -27.22 -42.95
N ALA E 354 -10.12 -27.34 -42.14
CA ALA E 354 -11.12 -26.28 -42.05
C ALA E 354 -10.63 -25.17 -41.14
N SER E 355 -10.93 -23.93 -41.52
CA SER E 355 -10.56 -22.77 -40.71
C SER E 355 -11.35 -22.75 -39.41
N THR E 356 -10.72 -22.26 -38.36
CA THR E 356 -11.35 -22.33 -37.05
C THR E 356 -11.43 -20.97 -36.36
N GLY E 357 -10.42 -20.13 -36.50
CA GLY E 357 -10.41 -18.83 -35.86
C GLY E 357 -10.91 -17.75 -36.78
N ARG E 358 -10.24 -16.60 -36.75
CA ARG E 358 -10.55 -15.51 -37.66
C ARG E 358 -9.41 -14.51 -37.61
N LEU E 359 -9.14 -13.88 -38.74
CA LEU E 359 -8.10 -12.87 -38.80
C LEU E 359 -8.58 -11.58 -38.17
N ILE E 360 -7.63 -10.77 -37.75
CA ILE E 360 -7.88 -9.37 -37.41
C ILE E 360 -7.45 -8.46 -38.54
N THR E 361 -6.25 -8.67 -39.07
CA THR E 361 -5.82 -8.01 -40.28
C THR E 361 -6.60 -8.61 -41.44
N ALA E 362 -7.65 -7.90 -41.88
CA ALA E 362 -8.45 -8.37 -42.99
C ALA E 362 -7.66 -8.24 -44.29
N ASN E 363 -7.70 -9.27 -45.11
CA ASN E 363 -7.01 -9.32 -46.40
C ASN E 363 -5.51 -9.08 -46.24
N PRO E 364 -4.77 -10.03 -45.65
CA PRO E 364 -3.32 -9.85 -45.55
C PRO E 364 -2.67 -10.02 -46.91
N VAL E 365 -1.75 -9.12 -47.23
CA VAL E 365 -1.11 -9.09 -48.54
C VAL E 365 0.37 -8.80 -48.37
N VAL E 366 1.12 -9.13 -49.41
CA VAL E 366 2.48 -8.63 -49.54
C VAL E 366 2.41 -7.26 -50.19
N THR E 367 3.03 -6.27 -49.55
CA THR E 367 2.82 -4.88 -49.92
C THR E 367 3.91 -4.33 -50.81
N GLU E 368 4.91 -5.11 -51.17
CA GLU E 368 6.04 -4.62 -51.94
C GLU E 368 6.38 -5.62 -53.03
N SER E 369 7.32 -5.24 -53.91
CA SER E 369 7.72 -6.07 -55.04
C SER E 369 9.19 -6.44 -55.01
N GLY E 370 9.88 -6.20 -53.90
CA GLY E 370 11.31 -6.46 -53.82
C GLY E 370 11.60 -7.92 -53.54
N ALA E 371 12.88 -8.19 -53.29
CA ALA E 371 13.34 -9.57 -53.16
C ALA E 371 12.74 -10.24 -51.92
N ASN E 372 13.06 -9.73 -50.74
CA ASN E 372 12.62 -10.32 -49.48
C ASN E 372 12.00 -9.22 -48.62
N SER E 373 10.68 -9.18 -48.60
CA SER E 373 9.95 -8.13 -47.92
C SER E 373 9.15 -8.71 -46.76
N LYS E 374 8.89 -7.88 -45.76
CA LYS E 374 8.23 -8.32 -44.54
C LYS E 374 6.82 -7.77 -44.45
N MET E 375 5.94 -8.55 -43.84
CA MET E 375 4.60 -8.11 -43.53
C MET E 375 4.20 -8.71 -42.20
N MET E 376 3.04 -8.33 -41.70
CA MET E 376 2.58 -8.84 -40.41
C MET E 376 1.08 -9.02 -40.43
N VAL E 377 0.62 -10.17 -39.95
CA VAL E 377 -0.79 -10.46 -39.78
C VAL E 377 -1.08 -10.51 -38.29
N GLU E 378 -2.35 -10.30 -37.95
CA GLU E 378 -2.81 -10.51 -36.59
C GLU E 378 -4.04 -11.40 -36.62
N ILE E 379 -4.03 -12.43 -35.79
CA ILE E 379 -4.99 -13.52 -35.85
C ILE E 379 -5.65 -13.67 -34.51
N ASP E 380 -6.90 -14.11 -34.52
CA ASP E 380 -7.64 -14.45 -33.31
C ASP E 380 -7.85 -15.96 -33.26
N PRO E 381 -6.86 -16.73 -32.81
CA PRO E 381 -6.93 -18.19 -32.97
C PRO E 381 -7.92 -18.80 -32.01
N PRO E 382 -8.35 -20.03 -32.28
CA PRO E 382 -9.34 -20.68 -31.41
C PRO E 382 -8.70 -21.28 -30.16
N PHE E 383 -9.57 -21.58 -29.20
CA PHE E 383 -9.12 -22.16 -27.94
C PHE E 383 -8.59 -23.57 -28.15
N GLY E 384 -7.50 -23.89 -27.45
CA GLY E 384 -6.90 -25.19 -27.59
C GLY E 384 -5.70 -25.18 -28.52
N ASP E 385 -5.49 -26.28 -29.23
CA ASP E 385 -4.38 -26.41 -30.17
C ASP E 385 -4.84 -26.07 -31.57
N SER E 386 -3.91 -25.57 -32.37
CA SER E 386 -4.20 -25.26 -33.76
C SER E 386 -2.89 -25.06 -34.50
N TYR E 387 -2.98 -24.94 -35.81
CA TYR E 387 -1.84 -24.72 -36.67
C TYR E 387 -2.08 -23.48 -37.51
N ILE E 388 -1.02 -22.73 -37.72
CA ILE E 388 -1.00 -21.58 -38.60
C ILE E 388 -0.16 -21.97 -39.80
N ILE E 389 -0.80 -22.17 -40.94
CA ILE E 389 -0.15 -22.67 -42.14
C ILE E 389 -0.10 -21.55 -43.16
N VAL E 390 1.10 -21.28 -43.68
CA VAL E 390 1.34 -20.17 -44.58
C VAL E 390 2.03 -20.71 -45.82
N GLY E 391 1.50 -20.37 -47.00
CA GLY E 391 2.04 -20.79 -48.25
C GLY E 391 1.13 -21.78 -48.96
N THR E 392 1.63 -22.32 -50.06
CA THR E 392 0.89 -23.29 -50.86
C THR E 392 1.86 -24.31 -51.44
N GLY E 393 1.38 -25.54 -51.55
CA GLY E 393 2.14 -26.59 -52.23
C GLY E 393 3.05 -27.33 -51.28
N THR E 394 4.34 -27.38 -51.64
CA THR E 394 5.32 -28.08 -50.83
C THR E 394 6.15 -27.15 -49.96
N THR E 395 6.27 -25.88 -50.33
CA THR E 395 7.04 -24.92 -49.55
C THR E 395 6.24 -24.30 -48.41
N LYS E 396 5.11 -24.89 -48.05
CA LYS E 396 4.34 -24.41 -46.92
C LYS E 396 5.19 -24.38 -45.65
N ILE E 397 4.80 -23.51 -44.72
CA ILE E 397 5.37 -23.49 -43.39
C ILE E 397 4.23 -23.54 -42.39
N THR E 398 4.52 -24.09 -41.21
CA THR E 398 3.51 -24.26 -40.18
C THR E 398 4.05 -23.75 -38.86
N HIS E 399 3.15 -23.30 -38.01
CA HIS E 399 3.50 -22.95 -36.63
C HIS E 399 2.43 -23.50 -35.72
N HIS E 400 2.85 -24.23 -34.69
CA HIS E 400 1.90 -24.75 -33.72
C HIS E 400 1.51 -23.66 -32.74
N TRP E 401 0.24 -23.61 -32.39
CA TRP E 401 -0.26 -22.59 -31.51
C TRP E 401 -1.16 -23.22 -30.46
N HIS E 402 -0.98 -22.83 -29.22
CA HIS E 402 -1.86 -23.23 -28.13
C HIS E 402 -2.40 -21.98 -27.46
N ARG E 403 -3.71 -21.92 -27.29
CA ARG E 403 -4.38 -20.81 -26.65
C ARG E 403 -5.13 -21.36 -25.44
N ALA E 404 -4.71 -20.95 -24.26
CA ALA E 404 -5.30 -21.45 -23.02
C ALA E 404 -6.61 -20.75 -22.72
N GLY E 405 -7.42 -21.39 -21.90
CA GLY E 405 -8.69 -20.84 -21.48
C GLY E 405 -9.87 -21.52 -22.15
N SER E 406 -11.02 -20.87 -22.05
CA SER E 406 -12.25 -21.36 -22.64
C SER E 406 -13.11 -20.16 -23.01
N SER E 407 -14.25 -20.44 -23.65
CA SER E 407 -15.16 -19.37 -24.01
C SER E 407 -15.97 -18.87 -22.82
N ILE E 408 -16.14 -19.70 -21.78
CA ILE E 408 -16.82 -19.24 -20.58
C ILE E 408 -15.98 -18.21 -19.85
N GLY E 409 -14.67 -18.46 -19.73
CA GLY E 409 -13.79 -17.47 -19.15
C GLY E 409 -13.74 -16.19 -19.97
N ARG E 410 -13.75 -16.33 -21.29
CA ARG E 410 -13.80 -15.16 -22.16
C ARG E 410 -15.06 -14.34 -21.92
N ALA E 411 -16.21 -15.01 -21.81
CA ALA E 411 -17.46 -14.30 -21.55
C ALA E 411 -17.44 -13.61 -20.20
N PHE E 412 -16.87 -14.27 -19.18
CA PHE E 412 -16.81 -13.66 -17.86
C PHE E 412 -15.89 -12.44 -17.86
N GLU E 413 -14.75 -12.53 -18.55
CA GLU E 413 -13.86 -11.38 -18.65
C GLU E 413 -14.54 -10.24 -19.40
N ALA E 414 -15.28 -10.55 -20.45
CA ALA E 414 -16.01 -9.52 -21.18
C ALA E 414 -17.05 -8.84 -20.29
N THR E 415 -17.75 -9.62 -19.48
CA THR E 415 -18.73 -9.05 -18.56
C THR E 415 -18.06 -8.14 -17.53
N MET E 416 -16.90 -8.56 -17.01
CA MET E 416 -16.20 -7.71 -16.06
C MET E 416 -15.73 -6.41 -16.70
N ARG E 417 -15.21 -6.49 -17.92
CA ARG E 417 -14.78 -5.29 -18.63
C ARG E 417 -15.96 -4.36 -18.90
N GLY E 418 -17.12 -4.93 -19.24
CA GLY E 418 -18.29 -4.11 -19.46
C GLY E 418 -18.78 -3.44 -18.20
N ALA E 419 -18.74 -4.15 -17.07
CA ALA E 419 -19.12 -3.55 -15.80
C ALA E 419 -18.18 -2.43 -15.42
N LYS E 420 -16.89 -2.61 -15.68
CA LYS E 420 -15.92 -1.55 -15.39
C LYS E 420 -16.19 -0.33 -16.25
N ARG E 421 -16.45 -0.53 -17.55
CA ARG E 421 -16.74 0.60 -18.42
C ARG E 421 -18.02 1.31 -17.97
N MET E 422 -19.02 0.55 -17.54
CA MET E 422 -20.22 1.17 -16.99
C MET E 422 -19.88 2.05 -15.80
N ALA E 423 -19.11 1.51 -14.85
CA ALA E 423 -18.76 2.28 -13.66
C ALA E 423 -17.98 3.53 -14.00
N VAL E 424 -17.15 3.49 -15.04
CA VAL E 424 -16.33 4.66 -15.36
C VAL E 424 -17.13 5.69 -16.15
N LEU E 425 -17.97 5.25 -17.08
CA LEU E 425 -18.56 6.15 -18.06
C LEU E 425 -20.02 6.48 -17.79
N GLY E 426 -20.65 5.86 -16.80
CA GLY E 426 -22.05 6.18 -16.57
C GLY E 426 -22.92 5.65 -17.70
N ASP E 427 -23.92 6.45 -18.07
CA ASP E 427 -24.82 6.05 -19.14
C ASP E 427 -24.18 6.14 -20.52
N THR E 428 -23.06 6.86 -20.65
CA THR E 428 -22.35 6.92 -21.91
C THR E 428 -21.82 5.56 -22.34
N ALA E 429 -21.68 4.62 -21.40
CA ALA E 429 -21.20 3.29 -21.75
C ALA E 429 -22.15 2.56 -22.69
N TRP E 430 -23.42 2.97 -22.75
CA TRP E 430 -24.36 2.35 -23.66
C TRP E 430 -24.12 2.74 -25.11
N ASP E 431 -23.33 3.78 -25.35
CA ASP E 431 -23.00 4.19 -26.72
C ASP E 431 -21.77 3.49 -27.27
N PHE E 432 -21.16 2.58 -26.53
CA PHE E 432 -19.96 1.91 -26.98
C PHE E 432 -20.33 0.74 -27.87
N GLY E 433 -19.82 0.74 -29.11
CA GLY E 433 -20.17 -0.30 -30.05
C GLY E 433 -21.64 -0.39 -30.35
N SER E 434 -22.35 0.73 -30.24
CA SER E 434 -23.80 0.74 -30.44
C SER E 434 -24.12 1.05 -31.89
N VAL E 435 -25.18 0.43 -32.39
CA VAL E 435 -25.64 0.61 -33.75
C VAL E 435 -27.10 1.05 -33.79
N GLY E 436 -27.63 1.49 -32.66
CA GLY E 436 -29.02 1.85 -32.54
C GLY E 436 -29.80 0.83 -31.73
N GLY E 437 -31.10 0.85 -31.94
CA GLY E 437 -31.97 -0.07 -31.23
C GLY E 437 -32.68 0.60 -30.06
N MET E 438 -33.90 0.17 -29.81
CA MET E 438 -34.67 0.74 -28.71
C MET E 438 -34.26 0.17 -27.36
N PHE E 439 -33.71 -1.04 -27.35
CA PHE E 439 -33.19 -1.60 -26.10
C PHE E 439 -32.06 -0.75 -25.55
N ASN E 440 -31.12 -0.36 -26.41
CA ASN E 440 -30.07 0.55 -25.98
C ASN E 440 -30.64 1.86 -25.49
N SER E 441 -31.68 2.36 -26.16
CA SER E 441 -32.26 3.64 -25.78
C SER E 441 -32.87 3.58 -24.39
N VAL E 442 -33.70 2.56 -24.13
CA VAL E 442 -34.35 2.48 -22.83
C VAL E 442 -33.32 2.18 -21.73
N GLY E 443 -32.33 1.35 -22.04
CA GLY E 443 -31.29 1.09 -21.06
C GLY E 443 -30.51 2.35 -20.71
N LYS E 444 -30.15 3.14 -21.73
CA LYS E 444 -29.42 4.37 -21.47
C LYS E 444 -30.26 5.37 -20.69
N PHE E 445 -31.57 5.42 -20.97
CA PHE E 445 -32.43 6.33 -20.24
C PHE E 445 -32.54 5.94 -18.76
N VAL E 446 -32.75 4.65 -18.51
CA VAL E 446 -32.85 4.19 -17.12
C VAL E 446 -31.54 4.41 -16.39
N HIS E 447 -30.42 4.09 -17.04
CA HIS E 447 -29.13 4.35 -16.43
C HIS E 447 -28.94 5.83 -16.17
N GLN E 448 -29.42 6.69 -17.06
CA GLN E 448 -29.30 8.12 -16.87
C GLN E 448 -30.01 8.56 -15.59
N VAL E 449 -31.27 8.18 -15.43
CA VAL E 449 -32.02 8.65 -14.27
C VAL E 449 -31.45 8.03 -12.98
N PHE E 450 -31.09 6.75 -13.00
CA PHE E 450 -30.57 6.12 -11.80
C PHE E 450 -29.21 6.67 -11.43
N GLY E 451 -28.37 6.97 -12.41
CA GLY E 451 -27.08 7.56 -12.14
C GLY E 451 -27.20 8.98 -11.60
N SER E 452 -28.17 9.74 -12.11
CA SER E 452 -28.41 11.06 -11.55
C SER E 452 -28.79 10.97 -10.08
N ALA E 453 -29.75 10.09 -9.76
CA ALA E 453 -30.16 9.95 -8.37
C ALA E 453 -29.01 9.45 -7.49
N PHE E 454 -28.25 8.48 -7.98
CA PHE E 454 -27.15 7.92 -7.21
C PHE E 454 -26.06 8.95 -6.97
N LYS E 455 -25.77 9.79 -7.97
CA LYS E 455 -24.77 10.84 -7.78
C LYS E 455 -25.27 11.91 -6.82
N ALA E 456 -26.58 12.19 -6.83
CA ALA E 456 -27.11 13.15 -5.88
C ALA E 456 -27.00 12.63 -4.46
N LEU E 457 -27.21 11.33 -4.25
CA LEU E 457 -27.21 10.81 -2.89
C LEU E 457 -25.81 10.46 -2.38
N PHE E 458 -25.02 9.74 -3.17
CA PHE E 458 -23.71 9.25 -2.76
C PHE E 458 -22.61 9.79 -3.66
N GLY E 459 -22.65 11.08 -3.97
CA GLY E 459 -21.68 11.63 -4.90
C GLY E 459 -20.26 11.68 -4.36
N GLY E 460 -20.01 12.55 -3.39
CA GLY E 460 -18.68 12.66 -2.85
C GLY E 460 -18.49 11.81 -1.61
N MET E 461 -17.96 10.61 -1.78
CA MET E 461 -17.75 9.70 -0.66
C MET E 461 -16.45 8.96 -0.88
N SER E 462 -15.57 9.00 0.11
CA SER E 462 -14.34 8.22 0.04
C SER E 462 -14.66 6.74 0.21
N TRP E 463 -13.65 5.90 -0.02
CA TRP E 463 -13.82 4.47 0.16
C TRP E 463 -14.25 4.14 1.58
N PHE E 464 -13.83 4.93 2.55
CA PHE E 464 -14.17 4.66 3.96
C PHE E 464 -15.66 4.82 4.20
N THR E 465 -16.20 6.00 3.89
CA THR E 465 -17.62 6.23 4.09
C THR E 465 -18.45 5.34 3.18
N GLN E 466 -17.96 5.08 1.97
CA GLN E 466 -18.65 4.13 1.08
C GLN E 466 -18.79 2.78 1.75
N LEU E 467 -17.69 2.26 2.30
CA LEU E 467 -17.71 0.96 2.96
C LEU E 467 -18.68 0.97 4.14
N LEU E 468 -18.59 2.00 4.98
CA LEU E 468 -19.42 2.04 6.18
C LEU E 468 -20.91 2.11 5.82
N ILE E 469 -21.28 3.04 4.92
CA ILE E 469 -22.67 3.19 4.53
C ILE E 469 -23.17 1.94 3.82
N GLY E 470 -22.31 1.31 3.01
CA GLY E 470 -22.72 0.09 2.34
C GLY E 470 -23.01 -1.03 3.31
N PHE E 471 -22.16 -1.21 4.32
CA PHE E 471 -22.42 -2.26 5.31
C PHE E 471 -23.69 -1.96 6.10
N LEU E 472 -23.91 -0.70 6.46
CA LEU E 472 -25.12 -0.36 7.19
C LEU E 472 -26.37 -0.63 6.35
N LEU E 473 -26.31 -0.29 5.06
CA LEU E 473 -27.46 -0.54 4.19
C LEU E 473 -27.68 -2.03 4.00
N ILE E 474 -26.60 -2.81 3.91
CA ILE E 474 -26.75 -4.25 3.76
C ILE E 474 -27.40 -4.85 5.00
N TRP E 475 -27.00 -4.39 6.17
CA TRP E 475 -27.67 -4.84 7.40
C TRP E 475 -29.14 -4.46 7.41
N MET E 476 -29.45 -3.21 7.06
CA MET E 476 -30.84 -2.77 7.03
C MET E 476 -31.66 -3.60 6.05
N GLY E 477 -31.07 -3.99 4.93
CA GLY E 477 -31.77 -4.84 4.00
C GLY E 477 -31.98 -6.25 4.53
N LEU E 478 -30.94 -6.82 5.14
CA LEU E 478 -31.05 -8.14 5.74
C LEU E 478 -32.08 -8.21 6.86
N ASN E 479 -32.37 -7.08 7.52
CA ASN E 479 -33.38 -7.08 8.57
C ASN E 479 -34.67 -6.37 8.18
N ALA E 480 -34.90 -6.16 6.89
CA ALA E 480 -36.12 -5.49 6.45
C ALA E 480 -37.32 -6.43 6.58
N ARG E 481 -38.51 -5.86 6.44
CA ARG E 481 -39.74 -6.61 6.69
C ARG E 481 -39.95 -7.68 5.63
N GLY E 482 -39.91 -7.31 4.36
CA GLY E 482 -40.08 -8.25 3.26
C GLY E 482 -39.23 -7.84 2.09
N GLY E 483 -39.79 -7.97 0.89
CA GLY E 483 -39.13 -7.54 -0.32
C GLY E 483 -39.46 -6.10 -0.66
N THR E 484 -39.02 -5.71 -1.86
CA THR E 484 -39.34 -4.43 -2.49
C THR E 484 -38.65 -3.26 -1.79
N VAL E 485 -38.09 -3.51 -0.61
CA VAL E 485 -37.25 -2.53 0.06
C VAL E 485 -35.92 -3.18 0.40
N ALA E 486 -35.97 -4.41 0.93
CA ALA E 486 -34.77 -5.11 1.35
C ALA E 486 -33.76 -5.21 0.22
N MET E 487 -34.18 -5.79 -0.91
CA MET E 487 -33.23 -6.00 -1.99
C MET E 487 -32.74 -4.68 -2.59
N SER E 488 -33.54 -3.62 -2.50
CA SER E 488 -33.04 -2.30 -2.91
C SER E 488 -31.89 -1.85 -2.02
N PHE E 489 -32.07 -2.00 -0.70
CA PHE E 489 -31.00 -1.67 0.24
C PHE E 489 -29.77 -2.51 -0.04
N MET E 490 -29.95 -3.82 -0.25
CA MET E 490 -28.82 -4.70 -0.49
C MET E 490 -28.12 -4.34 -1.79
N GLY E 491 -28.87 -3.97 -2.82
CA GLY E 491 -28.25 -3.60 -4.08
C GLY E 491 -27.47 -2.31 -3.99
N ILE E 492 -28.03 -1.30 -3.31
CA ILE E 492 -27.31 -0.05 -3.14
C ILE E 492 -26.05 -0.26 -2.32
N GLY E 493 -26.15 -1.04 -1.24
CA GLY E 493 -24.97 -1.32 -0.44
C GLY E 493 -23.91 -2.09 -1.20
N ALA E 494 -24.33 -3.10 -1.97
CA ALA E 494 -23.38 -3.86 -2.75
C ALA E 494 -22.72 -3.01 -3.82
N MET E 495 -23.46 -2.07 -4.41
CA MET E 495 -22.85 -1.17 -5.37
C MET E 495 -21.84 -0.26 -4.70
N LEU E 496 -22.15 0.24 -3.51
CA LEU E 496 -21.20 1.07 -2.79
C LEU E 496 -19.93 0.30 -2.47
N ILE E 497 -20.08 -0.96 -2.09
CA ILE E 497 -18.91 -1.77 -1.76
C ILE E 497 -18.12 -2.11 -3.01
N PHE E 498 -18.79 -2.38 -4.13
CA PHE E 498 -18.10 -2.64 -5.39
C PHE E 498 -17.34 -1.41 -5.87
N LEU E 499 -17.86 -0.22 -5.57
CA LEU E 499 -17.12 0.99 -5.91
C LEU E 499 -15.94 1.20 -4.98
N ALA E 500 -16.12 0.90 -3.69
CA ALA E 500 -15.06 1.18 -2.72
C ALA E 500 -13.83 0.30 -2.91
N THR E 501 -13.98 -0.86 -3.54
CA THR E 501 -12.87 -1.79 -3.73
C THR E 501 -12.28 -1.73 -5.13
N SER E 502 -12.88 -0.97 -6.04
CA SER E 502 -12.37 -0.93 -7.40
C SER E 502 -11.06 -0.15 -7.47
N VAL E 503 -10.34 -0.35 -8.57
CA VAL E 503 -9.00 0.19 -8.73
C VAL E 503 -8.94 1.09 -9.94
N SER E 504 -7.74 1.60 -10.24
CA SER E 504 -7.49 2.40 -11.43
C SER E 504 -8.28 3.70 -11.39
N ILE F 2 -4.19 26.44 9.79
CA ILE F 2 -5.27 26.56 8.82
C ILE F 2 -5.97 25.21 8.69
N THR F 3 -7.09 25.19 7.97
CA THR F 3 -7.85 23.97 7.72
C THR F 3 -8.21 23.91 6.23
N LEU F 4 -7.34 23.29 5.45
CA LEU F 4 -7.62 23.14 4.03
C LEU F 4 -8.57 21.96 3.82
N PRO F 5 -9.55 22.11 2.95
CA PRO F 5 -10.49 21.01 2.70
C PRO F 5 -9.83 19.89 1.92
N SER F 6 -10.42 18.71 2.02
CA SER F 6 -9.92 17.52 1.33
C SER F 6 -10.68 17.34 0.03
N HIS F 7 -9.95 17.13 -1.05
CA HIS F 7 -10.54 16.90 -2.35
C HIS F 7 -11.24 15.55 -2.40
N ALA F 8 -12.42 15.51 -3.00
CA ALA F 8 -13.10 14.25 -3.22
C ALA F 8 -12.31 13.42 -4.23
N SER F 9 -12.46 12.11 -4.14
CA SER F 9 -11.69 11.20 -4.98
C SER F 9 -12.23 11.18 -6.40
N GLN F 10 -11.36 11.44 -7.37
CA GLN F 10 -11.70 11.33 -8.78
C GLN F 10 -11.44 9.95 -9.33
N LYS F 11 -11.24 8.97 -8.46
CA LYS F 11 -11.18 7.58 -8.89
C LYS F 11 -12.51 7.19 -9.52
N LEU F 12 -12.44 6.42 -10.61
CA LEU F 12 -13.60 6.00 -11.40
C LEU F 12 -14.25 7.16 -12.13
N GLU F 13 -13.51 8.23 -12.42
CA GLU F 13 -13.97 9.25 -13.35
C GLU F 13 -13.30 9.14 -14.69
N THR F 14 -12.04 8.71 -14.73
CA THR F 14 -11.31 8.49 -15.96
C THR F 14 -10.59 7.16 -15.82
N ARG F 15 -9.67 6.88 -16.74
CA ARG F 15 -8.83 5.70 -16.65
C ARG F 15 -7.52 5.97 -15.94
N SER F 16 -7.21 7.22 -15.65
CA SER F 16 -5.95 7.57 -15.02
C SER F 16 -6.05 7.50 -13.51
N SER F 17 -4.89 7.38 -12.86
CA SER F 17 -4.82 7.37 -11.41
C SER F 17 -4.71 8.80 -10.90
N THR F 18 -5.24 9.01 -9.70
CA THR F 18 -5.34 10.35 -9.13
C THR F 18 -3.97 10.78 -8.58
N TRP F 19 -3.95 11.91 -7.86
CA TRP F 19 -2.70 12.60 -7.58
C TRP F 19 -1.83 11.81 -6.60
N LEU F 20 -2.40 11.37 -5.49
CA LEU F 20 -1.65 10.61 -4.48
C LEU F 20 -2.35 9.31 -4.18
N GLU F 21 -2.69 8.57 -5.24
CA GLU F 21 -3.53 7.39 -5.10
C GLU F 21 -2.87 6.29 -4.27
N SER F 22 -1.54 6.21 -4.31
CA SER F 22 -0.85 5.15 -3.58
C SER F 22 -1.03 5.25 -2.07
N ARG F 23 -1.40 6.43 -1.56
CA ARG F 23 -1.58 6.64 -0.13
C ARG F 23 -3.04 6.79 0.26
N GLU F 24 -3.96 6.34 -0.59
CA GLU F 24 -5.37 6.61 -0.35
C GLU F 24 -5.96 5.76 0.76
N TYR F 25 -5.29 4.69 1.18
CA TYR F 25 -5.77 3.87 2.28
C TYR F 25 -4.99 4.10 3.56
N SER F 26 -3.75 4.56 3.47
CA SER F 26 -2.88 4.64 4.65
C SER F 26 -3.37 5.67 5.64
N LYS F 27 -3.87 6.81 5.16
CA LYS F 27 -4.13 7.95 6.04
C LYS F 27 -5.13 7.60 7.13
N TYR F 28 -6.35 7.23 6.73
CA TYR F 28 -7.41 6.96 7.69
C TYR F 28 -7.01 5.84 8.62
N LEU F 29 -6.50 4.75 8.08
CA LEU F 29 -6.18 3.58 8.90
C LEU F 29 -5.11 3.90 9.93
N ILE F 30 -4.03 4.54 9.50
CA ILE F 30 -2.94 4.86 10.40
C ILE F 30 -3.42 5.79 11.50
N LYS F 31 -4.11 6.86 11.13
CA LYS F 31 -4.61 7.81 12.13
C LYS F 31 -5.49 7.12 13.15
N VAL F 32 -6.46 6.34 12.68
CA VAL F 32 -7.43 5.74 13.59
C VAL F 32 -6.76 4.74 14.51
N GLU F 33 -5.89 3.88 13.97
CA GLU F 33 -5.29 2.85 14.81
C GLU F 33 -4.34 3.47 15.84
N ASN F 34 -3.57 4.49 15.43
CA ASN F 34 -2.72 5.20 16.38
C ASN F 34 -3.54 5.75 17.54
N TRP F 35 -4.56 6.57 17.22
CA TRP F 35 -5.37 7.15 18.29
C TRP F 35 -6.00 6.07 19.15
N ILE F 36 -6.46 4.98 18.54
CA ILE F 36 -7.22 3.99 19.30
C ILE F 36 -6.32 3.26 20.28
N LEU F 37 -5.14 2.83 19.83
CA LEU F 37 -4.27 2.13 20.77
C LEU F 37 -3.52 3.08 21.70
N ARG F 38 -3.62 4.39 21.50
CA ARG F 38 -3.03 5.31 22.46
C ARG F 38 -3.97 5.68 23.60
N ASN F 39 -5.28 5.52 23.44
CA ASN F 39 -6.27 5.98 24.41
C ASN F 39 -7.22 4.84 24.77
N PRO F 40 -6.78 3.91 25.62
CA PRO F 40 -7.63 2.76 25.94
C PRO F 40 -8.84 3.10 26.80
N GLY F 41 -8.77 4.12 27.64
CA GLY F 41 -9.91 4.44 28.49
C GLY F 41 -11.10 4.95 27.72
N TYR F 42 -10.85 5.58 26.57
CA TYR F 42 -11.97 5.99 25.73
C TYR F 42 -12.75 4.78 25.25
N ALA F 43 -12.08 3.66 24.98
CA ALA F 43 -12.81 2.46 24.60
C ALA F 43 -13.78 2.05 25.69
N LEU F 44 -13.35 2.14 26.94
CA LEU F 44 -14.22 1.80 28.06
C LEU F 44 -15.43 2.71 28.12
N VAL F 45 -15.21 4.02 28.06
CA VAL F 45 -16.33 4.94 28.20
C VAL F 45 -17.27 4.82 26.99
N ALA F 46 -16.71 4.61 25.81
CA ALA F 46 -17.53 4.43 24.62
C ALA F 46 -18.38 3.18 24.74
N ALA F 47 -17.80 2.08 25.23
CA ALA F 47 -18.58 0.86 25.41
C ALA F 47 -19.69 1.06 26.42
N VAL F 48 -19.40 1.77 27.51
CA VAL F 48 -20.44 2.02 28.52
C VAL F 48 -21.58 2.82 27.92
N ILE F 49 -21.25 3.89 27.19
CA ILE F 49 -22.29 4.73 26.60
C ILE F 49 -23.10 3.94 25.57
N GLY F 50 -22.41 3.17 24.73
CA GLY F 50 -23.11 2.41 23.71
C GLY F 50 -24.03 1.36 24.29
N TRP F 51 -23.58 0.67 25.34
CA TRP F 51 -24.43 -0.33 25.97
C TRP F 51 -25.59 0.32 26.73
N THR F 52 -25.39 1.52 27.25
CA THR F 52 -26.47 2.19 27.97
C THR F 52 -27.50 2.81 27.03
N LEU F 53 -27.11 3.15 25.80
CA LEU F 53 -28.03 3.82 24.89
C LEU F 53 -28.80 2.85 24.01
N GLY F 54 -28.12 1.84 23.46
CA GLY F 54 -28.80 0.91 22.57
C GLY F 54 -29.70 -0.04 23.33
N SER F 55 -30.65 -0.62 22.58
CA SER F 55 -31.59 -1.59 23.13
C SER F 55 -31.26 -3.02 22.72
N SER F 56 -31.10 -3.27 21.43
CA SER F 56 -30.71 -4.58 20.94
C SER F 56 -29.19 -4.67 20.83
N ARG F 57 -28.69 -5.88 20.61
CA ARG F 57 -27.25 -6.07 20.49
C ARG F 57 -26.71 -5.29 19.30
N SER F 58 -27.41 -5.32 18.17
CA SER F 58 -26.95 -4.62 16.98
C SER F 58 -26.91 -3.11 17.22
N GLN F 59 -27.92 -2.57 17.89
CA GLN F 59 -27.94 -1.14 18.16
C GLN F 59 -26.77 -0.72 19.03
N LYS F 60 -26.48 -1.50 20.07
CA LYS F 60 -25.36 -1.17 20.95
C LYS F 60 -24.03 -1.28 20.21
N ILE F 61 -23.89 -2.30 19.37
CA ILE F 61 -22.65 -2.45 18.61
C ILE F 61 -22.44 -1.28 17.66
N ILE F 62 -23.51 -0.86 16.98
CA ILE F 62 -23.39 0.26 16.06
C ILE F 62 -23.08 1.55 16.82
N PHE F 63 -23.70 1.74 17.98
CA PHE F 63 -23.40 2.91 18.80
C PHE F 63 -21.91 2.95 19.17
N VAL F 64 -21.39 1.82 19.67
CA VAL F 64 -19.99 1.78 20.08
C VAL F 64 -19.07 2.04 18.88
N THR F 65 -19.41 1.44 17.73
CA THR F 65 -18.59 1.64 16.54
C THR F 65 -18.57 3.10 16.11
N LEU F 66 -19.74 3.75 16.13
CA LEU F 66 -19.80 5.15 15.73
C LEU F 66 -19.01 6.03 16.68
N LEU F 67 -19.09 5.76 17.99
CA LEU F 67 -18.32 6.56 18.94
C LEU F 67 -16.83 6.36 18.74
N MET F 68 -16.39 5.11 18.57
CA MET F 68 -14.97 4.82 18.35
C MET F 68 -14.48 5.36 17.02
N LEU F 69 -15.37 5.64 16.08
CA LEU F 69 -14.96 6.30 14.85
C LEU F 69 -14.95 7.81 14.97
N VAL F 70 -15.86 8.38 15.78
CA VAL F 70 -15.92 9.83 15.92
C VAL F 70 -14.73 10.34 16.71
N ALA F 71 -14.32 9.61 17.76
CA ALA F 71 -13.31 10.17 18.66
C ALA F 71 -11.96 10.44 17.99
N PRO F 72 -11.33 9.50 17.26
CA PRO F 72 -10.00 9.78 16.71
C PRO F 72 -9.96 10.98 15.80
N ALA F 73 -10.76 10.98 14.74
CA ALA F 73 -10.91 12.15 13.89
C ALA F 73 -12.00 13.00 14.52
N TYR F 74 -11.58 14.00 15.30
CA TYR F 74 -12.49 14.68 16.23
C TYR F 74 -13.72 15.25 15.55
N SER F 75 -13.72 15.35 14.23
CA SER F 75 -14.88 15.79 13.46
C SER F 75 -15.38 17.12 13.93
#